data_1Z3Q
# 
_entry.id   1Z3Q 
# 
_audit_conform.dict_name       mmcif_pdbx.dic 
_audit_conform.dict_version    5.397 
_audit_conform.dict_location   http://mmcif.pdb.org/dictionaries/ascii/mmcif_pdbx.dic 
# 
loop_
_database_2.database_id 
_database_2.database_code 
_database_2.pdbx_database_accession 
_database_2.pdbx_DOI 
PDB   1Z3Q         pdb_00001z3q 10.2210/pdb1z3q/pdb 
RCSB  RCSB032259   ?            ?                   
WWPDB D_1000032259 ?            ?                   
# 
loop_
_pdbx_audit_revision_history.ordinal 
_pdbx_audit_revision_history.data_content_type 
_pdbx_audit_revision_history.major_revision 
_pdbx_audit_revision_history.minor_revision 
_pdbx_audit_revision_history.revision_date 
1 'Structure model' 1 0 2006-01-24 
2 'Structure model' 1 1 2008-04-30 
3 'Structure model' 1 2 2011-07-13 
4 'Structure model' 1 3 2023-10-25 
5 'Structure model' 1 4 2024-10-16 
# 
_pdbx_audit_revision_details.ordinal             1 
_pdbx_audit_revision_details.revision_ordinal    1 
_pdbx_audit_revision_details.data_content_type   'Structure model' 
_pdbx_audit_revision_details.provider            repository 
_pdbx_audit_revision_details.type                'Initial release' 
_pdbx_audit_revision_details.description         ? 
_pdbx_audit_revision_details.details             ? 
# 
loop_
_pdbx_audit_revision_group.ordinal 
_pdbx_audit_revision_group.revision_ordinal 
_pdbx_audit_revision_group.data_content_type 
_pdbx_audit_revision_group.group 
1 2 'Structure model' 'Version format compliance' 
2 3 'Structure model' 'Version format compliance' 
3 4 'Structure model' 'Data collection'           
4 4 'Structure model' 'Database references'       
5 4 'Structure model' 'Derived calculations'      
6 4 'Structure model' 'Refinement description'    
7 5 'Structure model' 'Structure summary'         
# 
loop_
_pdbx_audit_revision_category.ordinal 
_pdbx_audit_revision_category.revision_ordinal 
_pdbx_audit_revision_category.data_content_type 
_pdbx_audit_revision_category.category 
1 4 'Structure model' chem_comp_atom                
2 4 'Structure model' chem_comp_bond                
3 4 'Structure model' database_2                    
4 4 'Structure model' pdbx_initial_refinement_model 
5 4 'Structure model' struct_site                   
6 5 'Structure model' pdbx_entry_details            
7 5 'Structure model' pdbx_modification_feature     
# 
loop_
_pdbx_audit_revision_item.ordinal 
_pdbx_audit_revision_item.revision_ordinal 
_pdbx_audit_revision_item.data_content_type 
_pdbx_audit_revision_item.item 
1 4 'Structure model' '_database_2.pdbx_DOI'                
2 4 'Structure model' '_database_2.pdbx_database_accession' 
3 4 'Structure model' '_struct_site.pdbx_auth_asym_id'      
4 4 'Structure model' '_struct_site.pdbx_auth_comp_id'      
5 4 'Structure model' '_struct_site.pdbx_auth_seq_id'       
# 
_pdbx_database_status.status_code                     REL 
_pdbx_database_status.entry_id                        1Z3Q 
_pdbx_database_status.recvd_initial_deposition_date   2005-03-14 
_pdbx_database_status.deposit_site                    RCSB 
_pdbx_database_status.process_site                    PDBJ 
_pdbx_database_status.status_code_sf                  REL 
_pdbx_database_status.status_code_mr                  ? 
_pdbx_database_status.SG_entry                        ? 
_pdbx_database_status.pdb_format_compatible           Y 
_pdbx_database_status.status_code_cs                  ? 
_pdbx_database_status.status_code_nmr_data            ? 
_pdbx_database_status.methods_development_category    ? 
# 
loop_
_audit_author.name 
_audit_author.pdbx_ordinal 
'Leone, P.'           1 
'Menu-Bouaouiche, L.' 2 
'Peumans, W.J.'       3 
'Barre, A.'           4 
'Payan, F.'           5 
'Roussel, A.'         6 
'Van Damme, E.J.M.'   7 
'Rouge, P.'           8 
# 
_citation.id                        primary 
_citation.title                     
'Resolution of the structure of the allergenic and antifungal banana fruit thaumatin-like protein at 1.7-A' 
_citation.journal_abbrev            Biochimie 
_citation.journal_volume            88 
_citation.page_first                45 
_citation.page_last                 52 
_citation.year                      2006 
_citation.journal_id_ASTM           BICMBE 
_citation.country                   FR 
_citation.journal_id_ISSN           0300-9084 
_citation.journal_id_CSD            0466 
_citation.book_publisher            ? 
_citation.pdbx_database_id_PubMed   16085352 
_citation.pdbx_database_id_DOI      10.1016/j.biochi.2005.07.001 
# 
loop_
_citation_author.citation_id 
_citation_author.name 
_citation_author.ordinal 
_citation_author.identifier_ORCID 
primary 'Leone, P.'           1 ? 
primary 'Menu-Bouaouiche, L.' 2 ? 
primary 'Peumans, W.J.'       3 ? 
primary 'Payan, F.'           4 ? 
primary 'Barre, A.'           5 ? 
primary 'Roussel, A.'         6 ? 
primary 'Van Damme, E.J.M.'   7 ? 
primary 'Rouge, P.'           8 ? 
# 
loop_
_entity.id 
_entity.type 
_entity.src_method 
_entity.pdbx_description 
_entity.formula_weight 
_entity.pdbx_number_of_molecules 
_entity.pdbx_ec 
_entity.pdbx_mutation 
_entity.pdbx_fragment 
_entity.details 
1 polymer     nat 'Thaumatin-like Protein' 21245.504 1   ? ? ? ? 
2 non-polymer syn 1,2-ETHANEDIOL           62.068    3   ? ? ? ? 
3 water       nat water                    18.015    247 ? ? ? ? 
# 
_entity_poly.entity_id                      1 
_entity_poly.type                           'polypeptide(L)' 
_entity_poly.nstd_linkage                   no 
_entity_poly.nstd_monomer                   no 
_entity_poly.pdbx_seq_one_letter_code       
;ATFEIVNRCSYTVWAAAVPGGGRQLNQGQSWTINVNAGTTGGRIWGRTGCSFDGSGRGRCQTGDCGGVLSCTAYGNPPNT
LAEFALNQFNNLDFFDISLVDGFNVPMDFSPTSGGCRGIRCAADINGQCPGALKAPGGCNNPCTVFKTDQYCCNSGACSP
TDYSQFFKRNCPDAYSYPKDDQTTTFTCPGGTNYRVVFCP
;
_entity_poly.pdbx_seq_one_letter_code_can   
;ATFEIVNRCSYTVWAAAVPGGGRQLNQGQSWTINVNAGTTGGRIWGRTGCSFDGSGRGRCQTGDCGGVLSCTAYGNPPNT
LAEFALNQFNNLDFFDISLVDGFNVPMDFSPTSGGCRGIRCAADINGQCPGALKAPGGCNNPCTVFKTDQYCCNSGACSP
TDYSQFFKRNCPDAYSYPKDDQTTTFTCPGGTNYRVVFCP
;
_entity_poly.pdbx_strand_id                 A 
_entity_poly.pdbx_target_identifier         ? 
# 
loop_
_pdbx_entity_nonpoly.entity_id 
_pdbx_entity_nonpoly.name 
_pdbx_entity_nonpoly.comp_id 
2 1,2-ETHANEDIOL EDO 
3 water          HOH 
# 
loop_
_entity_poly_seq.entity_id 
_entity_poly_seq.num 
_entity_poly_seq.mon_id 
_entity_poly_seq.hetero 
1 1   ALA n 
1 2   THR n 
1 3   PHE n 
1 4   GLU n 
1 5   ILE n 
1 6   VAL n 
1 7   ASN n 
1 8   ARG n 
1 9   CYS n 
1 10  SER n 
1 11  TYR n 
1 12  THR n 
1 13  VAL n 
1 14  TRP n 
1 15  ALA n 
1 16  ALA n 
1 17  ALA n 
1 18  VAL n 
1 19  PRO n 
1 20  GLY n 
1 21  GLY n 
1 22  GLY n 
1 23  ARG n 
1 24  GLN n 
1 25  LEU n 
1 26  ASN n 
1 27  GLN n 
1 28  GLY n 
1 29  GLN n 
1 30  SER n 
1 31  TRP n 
1 32  THR n 
1 33  ILE n 
1 34  ASN n 
1 35  VAL n 
1 36  ASN n 
1 37  ALA n 
1 38  GLY n 
1 39  THR n 
1 40  THR n 
1 41  GLY n 
1 42  GLY n 
1 43  ARG n 
1 44  ILE n 
1 45  TRP n 
1 46  GLY n 
1 47  ARG n 
1 48  THR n 
1 49  GLY n 
1 50  CYS n 
1 51  SER n 
1 52  PHE n 
1 53  ASP n 
1 54  GLY n 
1 55  SER n 
1 56  GLY n 
1 57  ARG n 
1 58  GLY n 
1 59  ARG n 
1 60  CYS n 
1 61  GLN n 
1 62  THR n 
1 63  GLY n 
1 64  ASP n 
1 65  CYS n 
1 66  GLY n 
1 67  GLY n 
1 68  VAL n 
1 69  LEU n 
1 70  SER n 
1 71  CYS n 
1 72  THR n 
1 73  ALA n 
1 74  TYR n 
1 75  GLY n 
1 76  ASN n 
1 77  PRO n 
1 78  PRO n 
1 79  ASN n 
1 80  THR n 
1 81  LEU n 
1 82  ALA n 
1 83  GLU n 
1 84  PHE n 
1 85  ALA n 
1 86  LEU n 
1 87  ASN n 
1 88  GLN n 
1 89  PHE n 
1 90  ASN n 
1 91  ASN n 
1 92  LEU n 
1 93  ASP n 
1 94  PHE n 
1 95  PHE n 
1 96  ASP n 
1 97  ILE n 
1 98  SER n 
1 99  LEU n 
1 100 VAL n 
1 101 ASP n 
1 102 GLY n 
1 103 PHE n 
1 104 ASN n 
1 105 VAL n 
1 106 PRO n 
1 107 MET n 
1 108 ASP n 
1 109 PHE n 
1 110 SER n 
1 111 PRO n 
1 112 THR n 
1 113 SER n 
1 114 GLY n 
1 115 GLY n 
1 116 CYS n 
1 117 ARG n 
1 118 GLY n 
1 119 ILE n 
1 120 ARG n 
1 121 CYS n 
1 122 ALA n 
1 123 ALA n 
1 124 ASP n 
1 125 ILE n 
1 126 ASN n 
1 127 GLY n 
1 128 GLN n 
1 129 CYS n 
1 130 PRO n 
1 131 GLY n 
1 132 ALA n 
1 133 LEU n 
1 134 LYS n 
1 135 ALA n 
1 136 PRO n 
1 137 GLY n 
1 138 GLY n 
1 139 CYS n 
1 140 ASN n 
1 141 ASN n 
1 142 PRO n 
1 143 CYS n 
1 144 THR n 
1 145 VAL n 
1 146 PHE n 
1 147 LYS n 
1 148 THR n 
1 149 ASP n 
1 150 GLN n 
1 151 TYR n 
1 152 CYS n 
1 153 CYS n 
1 154 ASN n 
1 155 SER n 
1 156 GLY n 
1 157 ALA n 
1 158 CYS n 
1 159 SER n 
1 160 PRO n 
1 161 THR n 
1 162 ASP n 
1 163 TYR n 
1 164 SER n 
1 165 GLN n 
1 166 PHE n 
1 167 PHE n 
1 168 LYS n 
1 169 ARG n 
1 170 ASN n 
1 171 CYS n 
1 172 PRO n 
1 173 ASP n 
1 174 ALA n 
1 175 TYR n 
1 176 SER n 
1 177 TYR n 
1 178 PRO n 
1 179 LYS n 
1 180 ASP n 
1 181 ASP n 
1 182 GLN n 
1 183 THR n 
1 184 THR n 
1 185 THR n 
1 186 PHE n 
1 187 THR n 
1 188 CYS n 
1 189 PRO n 
1 190 GLY n 
1 191 GLY n 
1 192 THR n 
1 193 ASN n 
1 194 TYR n 
1 195 ARG n 
1 196 VAL n 
1 197 VAL n 
1 198 PHE n 
1 199 CYS n 
1 200 PRO n 
# 
_entity_src_nat.entity_id                  1 
_entity_src_nat.pdbx_src_id                1 
_entity_src_nat.pdbx_alt_source_flag       sample 
_entity_src_nat.pdbx_beg_seq_num           ? 
_entity_src_nat.pdbx_end_seq_num           ? 
_entity_src_nat.common_name                ? 
_entity_src_nat.pdbx_organism_scientific   'Musa acuminata' 
_entity_src_nat.pdbx_ncbi_taxonomy_id      4641 
_entity_src_nat.genus                      Musa 
_entity_src_nat.species                    ? 
_entity_src_nat.strain                     ? 
_entity_src_nat.tissue                     pulp 
_entity_src_nat.tissue_fraction            ? 
_entity_src_nat.pdbx_secretion             ? 
_entity_src_nat.pdbx_fragment              ? 
_entity_src_nat.pdbx_variant               ? 
_entity_src_nat.pdbx_cell_line             ? 
_entity_src_nat.pdbx_atcc                  ? 
_entity_src_nat.pdbx_cellular_location     ? 
_entity_src_nat.pdbx_organ                 ? 
_entity_src_nat.pdbx_organelle             ? 
_entity_src_nat.pdbx_cell                  ? 
_entity_src_nat.pdbx_plasmid_name          ? 
_entity_src_nat.pdbx_plasmid_details       ? 
_entity_src_nat.details                    ? 
# 
loop_
_chem_comp.id 
_chem_comp.type 
_chem_comp.mon_nstd_flag 
_chem_comp.name 
_chem_comp.pdbx_synonyms 
_chem_comp.formula 
_chem_comp.formula_weight 
ALA 'L-peptide linking' y ALANINE         ?                 'C3 H7 N O2'     89.093  
ARG 'L-peptide linking' y ARGININE        ?                 'C6 H15 N4 O2 1' 175.209 
ASN 'L-peptide linking' y ASPARAGINE      ?                 'C4 H8 N2 O3'    132.118 
ASP 'L-peptide linking' y 'ASPARTIC ACID' ?                 'C4 H7 N O4'     133.103 
CYS 'L-peptide linking' y CYSTEINE        ?                 'C3 H7 N O2 S'   121.158 
EDO non-polymer         . 1,2-ETHANEDIOL  'ETHYLENE GLYCOL' 'C2 H6 O2'       62.068  
GLN 'L-peptide linking' y GLUTAMINE       ?                 'C5 H10 N2 O3'   146.144 
GLU 'L-peptide linking' y 'GLUTAMIC ACID' ?                 'C5 H9 N O4'     147.129 
GLY 'peptide linking'   y GLYCINE         ?                 'C2 H5 N O2'     75.067  
HOH non-polymer         . WATER           ?                 'H2 O'           18.015  
ILE 'L-peptide linking' y ISOLEUCINE      ?                 'C6 H13 N O2'    131.173 
LEU 'L-peptide linking' y LEUCINE         ?                 'C6 H13 N O2'    131.173 
LYS 'L-peptide linking' y LYSINE          ?                 'C6 H15 N2 O2 1' 147.195 
MET 'L-peptide linking' y METHIONINE      ?                 'C5 H11 N O2 S'  149.211 
PHE 'L-peptide linking' y PHENYLALANINE   ?                 'C9 H11 N O2'    165.189 
PRO 'L-peptide linking' y PROLINE         ?                 'C5 H9 N O2'     115.130 
SER 'L-peptide linking' y SERINE          ?                 'C3 H7 N O3'     105.093 
THR 'L-peptide linking' y THREONINE       ?                 'C4 H9 N O3'     119.119 
TRP 'L-peptide linking' y TRYPTOPHAN      ?                 'C11 H12 N2 O2'  204.225 
TYR 'L-peptide linking' y TYROSINE        ?                 'C9 H11 N O3'    181.189 
VAL 'L-peptide linking' y VALINE          ?                 'C5 H11 N O2'    117.146 
# 
loop_
_pdbx_poly_seq_scheme.asym_id 
_pdbx_poly_seq_scheme.entity_id 
_pdbx_poly_seq_scheme.seq_id 
_pdbx_poly_seq_scheme.mon_id 
_pdbx_poly_seq_scheme.ndb_seq_num 
_pdbx_poly_seq_scheme.pdb_seq_num 
_pdbx_poly_seq_scheme.auth_seq_num 
_pdbx_poly_seq_scheme.pdb_mon_id 
_pdbx_poly_seq_scheme.auth_mon_id 
_pdbx_poly_seq_scheme.pdb_strand_id 
_pdbx_poly_seq_scheme.pdb_ins_code 
_pdbx_poly_seq_scheme.hetero 
A 1 1   ALA 1   1   1   ALA ALA A . n 
A 1 2   THR 2   2   2   THR THR A . n 
A 1 3   PHE 3   3   3   PHE PHE A . n 
A 1 4   GLU 4   4   4   GLU GLU A . n 
A 1 5   ILE 5   5   5   ILE ILE A . n 
A 1 6   VAL 6   6   6   VAL VAL A . n 
A 1 7   ASN 7   7   7   ASN ASN A . n 
A 1 8   ARG 8   8   8   ARG ARG A . n 
A 1 9   CYS 9   9   9   CYS CYS A . n 
A 1 10  SER 10  10  10  SER SER A . n 
A 1 11  TYR 11  11  11  TYR TYR A . n 
A 1 12  THR 12  12  12  THR THR A . n 
A 1 13  VAL 13  13  13  VAL VAL A . n 
A 1 14  TRP 14  14  14  TRP TRP A . n 
A 1 15  ALA 15  15  15  ALA ALA A . n 
A 1 16  ALA 16  16  16  ALA ALA A . n 
A 1 17  ALA 17  17  17  ALA ALA A . n 
A 1 18  VAL 18  18  18  VAL VAL A . n 
A 1 19  PRO 19  19  19  PRO PRO A . n 
A 1 20  GLY 20  20  20  GLY GLY A . n 
A 1 21  GLY 21  21  21  GLY GLY A . n 
A 1 22  GLY 22  22  22  GLY GLY A . n 
A 1 23  ARG 23  23  23  ARG ARG A . n 
A 1 24  GLN 24  24  24  GLN GLN A . n 
A 1 25  LEU 25  25  25  LEU LEU A . n 
A 1 26  ASN 26  26  26  ASN ASN A . n 
A 1 27  GLN 27  27  27  GLN GLN A . n 
A 1 28  GLY 28  28  28  GLY GLY A . n 
A 1 29  GLN 29  29  29  GLN GLN A . n 
A 1 30  SER 30  30  30  SER SER A . n 
A 1 31  TRP 31  31  31  TRP TRP A . n 
A 1 32  THR 32  32  32  THR THR A . n 
A 1 33  ILE 33  33  33  ILE ILE A . n 
A 1 34  ASN 34  34  34  ASN ASN A . n 
A 1 35  VAL 35  35  35  VAL VAL A . n 
A 1 36  ASN 36  36  36  ASN ASN A . n 
A 1 37  ALA 37  37  37  ALA ALA A . n 
A 1 38  GLY 38  38  38  GLY GLY A . n 
A 1 39  THR 39  39  39  THR THR A . n 
A 1 40  THR 40  40  40  THR THR A . n 
A 1 41  GLY 41  41  41  GLY GLY A . n 
A 1 42  GLY 42  42  42  GLY GLY A . n 
A 1 43  ARG 43  43  43  ARG ARG A . n 
A 1 44  ILE 44  44  44  ILE ILE A . n 
A 1 45  TRP 45  45  45  TRP TRP A . n 
A 1 46  GLY 46  46  46  GLY GLY A . n 
A 1 47  ARG 47  47  47  ARG ARG A . n 
A 1 48  THR 48  48  48  THR THR A . n 
A 1 49  GLY 49  49  49  GLY GLY A . n 
A 1 50  CYS 50  50  50  CYS CYS A . n 
A 1 51  SER 51  51  51  SER SER A . n 
A 1 52  PHE 52  52  52  PHE PHE A . n 
A 1 53  ASP 53  53  53  ASP ASP A . n 
A 1 54  GLY 54  54  54  GLY GLY A . n 
A 1 55  SER 55  55  55  SER SER A . n 
A 1 56  GLY 56  56  56  GLY GLY A . n 
A 1 57  ARG 57  57  57  ARG ARG A . n 
A 1 58  GLY 58  58  58  GLY GLY A . n 
A 1 59  ARG 59  59  59  ARG ARG A . n 
A 1 60  CYS 60  60  60  CYS CYS A . n 
A 1 61  GLN 61  61  61  GLN GLN A . n 
A 1 62  THR 62  62  62  THR THR A . n 
A 1 63  GLY 63  63  63  GLY GLY A . n 
A 1 64  ASP 64  64  64  ASP ASP A . n 
A 1 65  CYS 65  65  65  CYS CYS A . n 
A 1 66  GLY 66  66  66  GLY GLY A . n 
A 1 67  GLY 67  67  67  GLY GLY A . n 
A 1 68  VAL 68  68  68  VAL VAL A . n 
A 1 69  LEU 69  69  69  LEU LEU A . n 
A 1 70  SER 70  70  70  SER SER A . n 
A 1 71  CYS 71  71  71  CYS CYS A . n 
A 1 72  THR 72  72  72  THR THR A . n 
A 1 73  ALA 73  73  73  ALA ALA A . n 
A 1 74  TYR 74  74  74  TYR TYR A . n 
A 1 75  GLY 75  75  75  GLY GLY A . n 
A 1 76  ASN 76  76  76  ASN ASN A . n 
A 1 77  PRO 77  77  77  PRO PRO A . n 
A 1 78  PRO 78  78  78  PRO PRO A . n 
A 1 79  ASN 79  79  79  ASN ASN A . n 
A 1 80  THR 80  80  80  THR THR A . n 
A 1 81  LEU 81  81  81  LEU LEU A . n 
A 1 82  ALA 82  82  82  ALA ALA A . n 
A 1 83  GLU 83  83  83  GLU GLU A . n 
A 1 84  PHE 84  84  84  PHE PHE A . n 
A 1 85  ALA 85  85  85  ALA ALA A . n 
A 1 86  LEU 86  86  86  LEU LEU A . n 
A 1 87  ASN 87  87  87  ASN ASN A . n 
A 1 88  GLN 88  88  88  GLN GLN A . n 
A 1 89  PHE 89  89  89  PHE PHE A . n 
A 1 90  ASN 90  90  90  ASN ASN A . n 
A 1 91  ASN 91  91  91  ASN ASN A . n 
A 1 92  LEU 92  92  92  LEU LEU A . n 
A 1 93  ASP 93  93  93  ASP ASP A . n 
A 1 94  PHE 94  94  94  PHE PHE A . n 
A 1 95  PHE 95  95  95  PHE PHE A . n 
A 1 96  ASP 96  96  96  ASP ASP A . n 
A 1 97  ILE 97  97  97  ILE ILE A . n 
A 1 98  SER 98  98  98  SER SER A . n 
A 1 99  LEU 99  99  99  LEU LEU A . n 
A 1 100 VAL 100 100 100 VAL VAL A . n 
A 1 101 ASP 101 101 101 ASP ASP A . n 
A 1 102 GLY 102 102 102 GLY GLY A . n 
A 1 103 PHE 103 103 103 PHE PHE A . n 
A 1 104 ASN 104 104 104 ASN ASN A . n 
A 1 105 VAL 105 105 105 VAL VAL A . n 
A 1 106 PRO 106 106 106 PRO PRO A . n 
A 1 107 MET 107 107 107 MET MET A . n 
A 1 108 ASP 108 108 108 ASP ASP A . n 
A 1 109 PHE 109 109 109 PHE PHE A . n 
A 1 110 SER 110 110 110 SER SER A . n 
A 1 111 PRO 111 111 111 PRO PRO A . n 
A 1 112 THR 112 112 112 THR THR A . n 
A 1 113 SER 113 113 113 SER SER A . n 
A 1 114 GLY 114 114 114 GLY GLY A . n 
A 1 115 GLY 115 115 115 GLY GLY A . n 
A 1 116 CYS 116 116 116 CYS CYS A . n 
A 1 117 ARG 117 117 117 ARG ARG A . n 
A 1 118 GLY 118 118 118 GLY GLY A . n 
A 1 119 ILE 119 119 119 ILE ILE A . n 
A 1 120 ARG 120 120 120 ARG ARG A . n 
A 1 121 CYS 121 121 121 CYS CYS A . n 
A 1 122 ALA 122 122 122 ALA ALA A . n 
A 1 123 ALA 123 123 123 ALA ALA A . n 
A 1 124 ASP 124 124 124 ASP ASP A . n 
A 1 125 ILE 125 125 125 ILE ILE A . n 
A 1 126 ASN 126 126 126 ASN ASN A . n 
A 1 127 GLY 127 127 127 GLY GLY A . n 
A 1 128 GLN 128 128 128 GLN GLN A . n 
A 1 129 CYS 129 129 129 CYS CYS A . n 
A 1 130 PRO 130 130 130 PRO PRO A . n 
A 1 131 GLY 131 131 131 GLY GLY A . n 
A 1 132 ALA 132 132 132 ALA ALA A . n 
A 1 133 LEU 133 133 133 LEU LEU A . n 
A 1 134 LYS 134 134 134 LYS LYS A . n 
A 1 135 ALA 135 135 135 ALA ALA A . n 
A 1 136 PRO 136 136 136 PRO PRO A . n 
A 1 137 GLY 137 137 137 GLY GLY A . n 
A 1 138 GLY 138 138 138 GLY GLY A . n 
A 1 139 CYS 139 139 139 CYS CYS A . n 
A 1 140 ASN 140 140 140 ASN ASN A . n 
A 1 141 ASN 141 141 141 ASN ASN A . n 
A 1 142 PRO 142 142 142 PRO PRO A . n 
A 1 143 CYS 143 143 143 CYS CYS A . n 
A 1 144 THR 144 144 144 THR THR A . n 
A 1 145 VAL 145 145 145 VAL VAL A . n 
A 1 146 PHE 146 146 146 PHE PHE A . n 
A 1 147 LYS 147 147 147 LYS LYS A . n 
A 1 148 THR 148 148 148 THR THR A . n 
A 1 149 ASP 149 149 149 ASP ASP A . n 
A 1 150 GLN 150 150 150 GLN GLN A . n 
A 1 151 TYR 151 151 151 TYR TYR A . n 
A 1 152 CYS 152 152 152 CYS CYS A . n 
A 1 153 CYS 153 153 153 CYS CYS A . n 
A 1 154 ASN 154 154 154 ASN ASN A . n 
A 1 155 SER 155 155 155 SER SER A . n 
A 1 156 GLY 156 156 156 GLY GLY A . n 
A 1 157 ALA 157 157 157 ALA ALA A . n 
A 1 158 CYS 158 158 158 CYS CYS A . n 
A 1 159 SER 159 159 159 SER SER A . n 
A 1 160 PRO 160 160 160 PRO PRO A . n 
A 1 161 THR 161 161 161 THR THR A . n 
A 1 162 ASP 162 162 162 ASP ASP A . n 
A 1 163 TYR 163 163 163 TYR TYR A . n 
A 1 164 SER 164 164 164 SER SER A . n 
A 1 165 GLN 165 165 165 GLN GLN A . n 
A 1 166 PHE 166 166 166 PHE PHE A . n 
A 1 167 PHE 167 167 167 PHE PHE A . n 
A 1 168 LYS 168 168 168 LYS LYS A . n 
A 1 169 ARG 169 169 169 ARG ARG A . n 
A 1 170 ASN 170 170 170 ASN ASN A . n 
A 1 171 CYS 171 171 171 CYS CYS A . n 
A 1 172 PRO 172 172 172 PRO PRO A . n 
A 1 173 ASP 173 173 173 ASP ASP A . n 
A 1 174 ALA 174 174 174 ALA ALA A . n 
A 1 175 TYR 175 175 175 TYR TYR A . n 
A 1 176 SER 176 176 176 SER SER A . n 
A 1 177 TYR 177 177 177 TYR TYR A . n 
A 1 178 PRO 178 178 178 PRO PRO A . n 
A 1 179 LYS 179 179 179 LYS LYS A . n 
A 1 180 ASP 180 180 180 ASP ASP A . n 
A 1 181 ASP 181 181 181 ASP ASP A . n 
A 1 182 GLN 182 182 182 GLN GLN A . n 
A 1 183 THR 183 183 183 THR THR A . n 
A 1 184 THR 184 184 184 THR THR A . n 
A 1 185 THR 185 185 185 THR THR A . n 
A 1 186 PHE 186 186 186 PHE PHE A . n 
A 1 187 THR 187 187 187 THR THR A . n 
A 1 188 CYS 188 188 188 CYS CYS A . n 
A 1 189 PRO 189 189 189 PRO PRO A . n 
A 1 190 GLY 190 190 190 GLY GLY A . n 
A 1 191 GLY 191 191 191 GLY GLY A . n 
A 1 192 THR 192 192 192 THR THR A . n 
A 1 193 ASN 193 193 193 ASN ASN A . n 
A 1 194 TYR 194 194 194 TYR TYR A . n 
A 1 195 ARG 195 195 195 ARG ARG A . n 
A 1 196 VAL 196 196 196 VAL VAL A . n 
A 1 197 VAL 197 197 197 VAL VAL A . n 
A 1 198 PHE 198 198 198 PHE PHE A . n 
A 1 199 CYS 199 199 199 CYS CYS A . n 
A 1 200 PRO 200 200 200 PRO PRO A . n 
# 
loop_
_pdbx_nonpoly_scheme.asym_id 
_pdbx_nonpoly_scheme.entity_id 
_pdbx_nonpoly_scheme.mon_id 
_pdbx_nonpoly_scheme.ndb_seq_num 
_pdbx_nonpoly_scheme.pdb_seq_num 
_pdbx_nonpoly_scheme.auth_seq_num 
_pdbx_nonpoly_scheme.pdb_mon_id 
_pdbx_nonpoly_scheme.auth_mon_id 
_pdbx_nonpoly_scheme.pdb_strand_id 
_pdbx_nonpoly_scheme.pdb_ins_code 
B 2 EDO 1   901  901 EDO EDO A . 
C 2 EDO 1   902  902 EDO EDO A . 
D 2 EDO 1   903  903 EDO EDO A . 
E 3 HOH 1   904  1   HOH HOH A . 
E 3 HOH 2   905  2   HOH HOH A . 
E 3 HOH 3   906  3   HOH HOH A . 
E 3 HOH 4   907  4   HOH HOH A . 
E 3 HOH 5   908  5   HOH HOH A . 
E 3 HOH 6   909  6   HOH HOH A . 
E 3 HOH 7   910  7   HOH HOH A . 
E 3 HOH 8   911  8   HOH HOH A . 
E 3 HOH 9   912  9   HOH HOH A . 
E 3 HOH 10  913  10  HOH HOH A . 
E 3 HOH 11  914  11  HOH HOH A . 
E 3 HOH 12  915  12  HOH HOH A . 
E 3 HOH 13  916  13  HOH HOH A . 
E 3 HOH 14  917  14  HOH HOH A . 
E 3 HOH 15  918  15  HOH HOH A . 
E 3 HOH 16  919  16  HOH HOH A . 
E 3 HOH 17  920  17  HOH HOH A . 
E 3 HOH 18  921  18  HOH HOH A . 
E 3 HOH 19  922  19  HOH HOH A . 
E 3 HOH 20  923  20  HOH HOH A . 
E 3 HOH 21  924  21  HOH HOH A . 
E 3 HOH 22  925  22  HOH HOH A . 
E 3 HOH 23  926  23  HOH HOH A . 
E 3 HOH 24  927  24  HOH HOH A . 
E 3 HOH 25  928  25  HOH HOH A . 
E 3 HOH 26  929  26  HOH HOH A . 
E 3 HOH 27  930  27  HOH HOH A . 
E 3 HOH 28  931  28  HOH HOH A . 
E 3 HOH 29  932  29  HOH HOH A . 
E 3 HOH 30  933  30  HOH HOH A . 
E 3 HOH 31  934  31  HOH HOH A . 
E 3 HOH 32  935  32  HOH HOH A . 
E 3 HOH 33  936  33  HOH HOH A . 
E 3 HOH 34  937  34  HOH HOH A . 
E 3 HOH 35  938  35  HOH HOH A . 
E 3 HOH 36  939  36  HOH HOH A . 
E 3 HOH 37  940  37  HOH HOH A . 
E 3 HOH 38  941  38  HOH HOH A . 
E 3 HOH 39  942  39  HOH HOH A . 
E 3 HOH 40  943  40  HOH HOH A . 
E 3 HOH 41  944  41  HOH HOH A . 
E 3 HOH 42  945  42  HOH HOH A . 
E 3 HOH 43  946  43  HOH HOH A . 
E 3 HOH 44  947  44  HOH HOH A . 
E 3 HOH 45  948  45  HOH HOH A . 
E 3 HOH 46  949  46  HOH HOH A . 
E 3 HOH 47  950  47  HOH HOH A . 
E 3 HOH 48  951  48  HOH HOH A . 
E 3 HOH 49  952  49  HOH HOH A . 
E 3 HOH 50  953  50  HOH HOH A . 
E 3 HOH 51  954  51  HOH HOH A . 
E 3 HOH 52  955  52  HOH HOH A . 
E 3 HOH 53  956  53  HOH HOH A . 
E 3 HOH 54  957  54  HOH HOH A . 
E 3 HOH 55  958  55  HOH HOH A . 
E 3 HOH 56  959  56  HOH HOH A . 
E 3 HOH 57  960  57  HOH HOH A . 
E 3 HOH 58  961  58  HOH HOH A . 
E 3 HOH 59  962  59  HOH HOH A . 
E 3 HOH 60  963  60  HOH HOH A . 
E 3 HOH 61  964  61  HOH HOH A . 
E 3 HOH 62  965  62  HOH HOH A . 
E 3 HOH 63  966  63  HOH HOH A . 
E 3 HOH 64  967  64  HOH HOH A . 
E 3 HOH 65  968  65  HOH HOH A . 
E 3 HOH 66  969  66  HOH HOH A . 
E 3 HOH 67  970  67  HOH HOH A . 
E 3 HOH 68  971  68  HOH HOH A . 
E 3 HOH 69  972  69  HOH HOH A . 
E 3 HOH 70  973  70  HOH HOH A . 
E 3 HOH 71  974  71  HOH HOH A . 
E 3 HOH 72  975  72  HOH HOH A . 
E 3 HOH 73  976  73  HOH HOH A . 
E 3 HOH 74  977  74  HOH HOH A . 
E 3 HOH 75  978  75  HOH HOH A . 
E 3 HOH 76  979  76  HOH HOH A . 
E 3 HOH 77  980  77  HOH HOH A . 
E 3 HOH 78  981  78  HOH HOH A . 
E 3 HOH 79  982  79  HOH HOH A . 
E 3 HOH 80  983  80  HOH HOH A . 
E 3 HOH 81  984  81  HOH HOH A . 
E 3 HOH 82  985  82  HOH HOH A . 
E 3 HOH 83  986  83  HOH HOH A . 
E 3 HOH 84  987  84  HOH HOH A . 
E 3 HOH 85  988  85  HOH HOH A . 
E 3 HOH 86  989  86  HOH HOH A . 
E 3 HOH 87  990  87  HOH HOH A . 
E 3 HOH 88  991  88  HOH HOH A . 
E 3 HOH 89  992  89  HOH HOH A . 
E 3 HOH 90  993  90  HOH HOH A . 
E 3 HOH 91  994  91  HOH HOH A . 
E 3 HOH 92  995  92  HOH HOH A . 
E 3 HOH 93  996  93  HOH HOH A . 
E 3 HOH 94  997  94  HOH HOH A . 
E 3 HOH 95  998  95  HOH HOH A . 
E 3 HOH 96  999  96  HOH HOH A . 
E 3 HOH 97  1000 97  HOH HOH A . 
E 3 HOH 98  1001 98  HOH HOH A . 
E 3 HOH 99  1002 99  HOH HOH A . 
E 3 HOH 100 1003 100 HOH HOH A . 
E 3 HOH 101 1004 101 HOH HOH A . 
E 3 HOH 102 1005 102 HOH HOH A . 
E 3 HOH 103 1006 103 HOH HOH A . 
E 3 HOH 104 1007 104 HOH HOH A . 
E 3 HOH 105 1008 105 HOH HOH A . 
E 3 HOH 106 1009 106 HOH HOH A . 
E 3 HOH 107 1010 107 HOH HOH A . 
E 3 HOH 108 1011 108 HOH HOH A . 
E 3 HOH 109 1012 109 HOH HOH A . 
E 3 HOH 110 1013 110 HOH HOH A . 
E 3 HOH 111 1014 111 HOH HOH A . 
E 3 HOH 112 1015 112 HOH HOH A . 
E 3 HOH 113 1016 113 HOH HOH A . 
E 3 HOH 114 1017 114 HOH HOH A . 
E 3 HOH 115 1018 115 HOH HOH A . 
E 3 HOH 116 1019 116 HOH HOH A . 
E 3 HOH 117 1020 117 HOH HOH A . 
E 3 HOH 118 1021 118 HOH HOH A . 
E 3 HOH 119 1022 119 HOH HOH A . 
E 3 HOH 120 1023 120 HOH HOH A . 
E 3 HOH 121 1024 121 HOH HOH A . 
E 3 HOH 122 1025 122 HOH HOH A . 
E 3 HOH 123 1026 123 HOH HOH A . 
E 3 HOH 124 1027 124 HOH HOH A . 
E 3 HOH 125 1028 125 HOH HOH A . 
E 3 HOH 126 1029 126 HOH HOH A . 
E 3 HOH 127 1030 127 HOH HOH A . 
E 3 HOH 128 1031 128 HOH HOH A . 
E 3 HOH 129 1032 129 HOH HOH A . 
E 3 HOH 130 1033 130 HOH HOH A . 
E 3 HOH 131 1034 131 HOH HOH A . 
E 3 HOH 132 1035 132 HOH HOH A . 
E 3 HOH 133 1036 133 HOH HOH A . 
E 3 HOH 134 1037 134 HOH HOH A . 
E 3 HOH 135 1038 135 HOH HOH A . 
E 3 HOH 136 1039 136 HOH HOH A . 
E 3 HOH 137 1040 137 HOH HOH A . 
E 3 HOH 138 1041 138 HOH HOH A . 
E 3 HOH 139 1042 139 HOH HOH A . 
E 3 HOH 140 1043 140 HOH HOH A . 
E 3 HOH 141 1044 141 HOH HOH A . 
E 3 HOH 142 1045 142 HOH HOH A . 
E 3 HOH 143 1046 143 HOH HOH A . 
E 3 HOH 144 1047 144 HOH HOH A . 
E 3 HOH 145 1048 145 HOH HOH A . 
E 3 HOH 146 1049 146 HOH HOH A . 
E 3 HOH 147 1050 147 HOH HOH A . 
E 3 HOH 148 1051 148 HOH HOH A . 
E 3 HOH 149 1052 149 HOH HOH A . 
E 3 HOH 150 1053 150 HOH HOH A . 
E 3 HOH 151 1054 151 HOH HOH A . 
E 3 HOH 152 1055 152 HOH HOH A . 
E 3 HOH 153 1056 153 HOH HOH A . 
E 3 HOH 154 1057 154 HOH HOH A . 
E 3 HOH 155 1058 155 HOH HOH A . 
E 3 HOH 156 1059 156 HOH HOH A . 
E 3 HOH 157 1060 157 HOH HOH A . 
E 3 HOH 158 1061 158 HOH HOH A . 
E 3 HOH 159 1062 159 HOH HOH A . 
E 3 HOH 160 1063 160 HOH HOH A . 
E 3 HOH 161 1064 161 HOH HOH A . 
E 3 HOH 162 1065 162 HOH HOH A . 
E 3 HOH 163 1066 163 HOH HOH A . 
E 3 HOH 164 1067 164 HOH HOH A . 
E 3 HOH 165 1068 165 HOH HOH A . 
E 3 HOH 166 1069 166 HOH HOH A . 
E 3 HOH 167 1070 167 HOH HOH A . 
E 3 HOH 168 1071 168 HOH HOH A . 
E 3 HOH 169 1072 169 HOH HOH A . 
E 3 HOH 170 1073 170 HOH HOH A . 
E 3 HOH 171 1074 171 HOH HOH A . 
E 3 HOH 172 1075 172 HOH HOH A . 
E 3 HOH 173 1076 173 HOH HOH A . 
E 3 HOH 174 1077 174 HOH HOH A . 
E 3 HOH 175 1078 175 HOH HOH A . 
E 3 HOH 176 1079 176 HOH HOH A . 
E 3 HOH 177 1080 177 HOH HOH A . 
E 3 HOH 178 1081 178 HOH HOH A . 
E 3 HOH 179 1082 179 HOH HOH A . 
E 3 HOH 180 1083 180 HOH HOH A . 
E 3 HOH 181 1084 181 HOH HOH A . 
E 3 HOH 182 1085 182 HOH HOH A . 
E 3 HOH 183 1086 183 HOH HOH A . 
E 3 HOH 184 1087 184 HOH HOH A . 
E 3 HOH 185 1088 185 HOH HOH A . 
E 3 HOH 186 1089 186 HOH HOH A . 
E 3 HOH 187 1090 187 HOH HOH A . 
E 3 HOH 188 1091 188 HOH HOH A . 
E 3 HOH 189 1092 189 HOH HOH A . 
E 3 HOH 190 1093 190 HOH HOH A . 
E 3 HOH 191 1094 191 HOH HOH A . 
E 3 HOH 192 1095 192 HOH HOH A . 
E 3 HOH 193 1096 193 HOH HOH A . 
E 3 HOH 194 1097 194 HOH HOH A . 
E 3 HOH 195 1098 195 HOH HOH A . 
E 3 HOH 196 1099 196 HOH HOH A . 
E 3 HOH 197 1100 197 HOH HOH A . 
E 3 HOH 198 1101 198 HOH HOH A . 
E 3 HOH 199 1102 199 HOH HOH A . 
E 3 HOH 200 1103 200 HOH HOH A . 
E 3 HOH 201 1104 201 HOH HOH A . 
E 3 HOH 202 1105 202 HOH HOH A . 
E 3 HOH 203 1106 203 HOH HOH A . 
E 3 HOH 204 1107 204 HOH HOH A . 
E 3 HOH 205 1108 205 HOH HOH A . 
E 3 HOH 206 1109 206 HOH HOH A . 
E 3 HOH 207 1110 207 HOH HOH A . 
E 3 HOH 208 1111 208 HOH HOH A . 
E 3 HOH 209 1112 209 HOH HOH A . 
E 3 HOH 210 1113 210 HOH HOH A . 
E 3 HOH 211 1114 211 HOH HOH A . 
E 3 HOH 212 1115 212 HOH HOH A . 
E 3 HOH 213 1116 213 HOH HOH A . 
E 3 HOH 214 1117 214 HOH HOH A . 
E 3 HOH 215 1118 215 HOH HOH A . 
E 3 HOH 216 1119 216 HOH HOH A . 
E 3 HOH 217 1120 217 HOH HOH A . 
E 3 HOH 218 1121 218 HOH HOH A . 
E 3 HOH 219 1122 219 HOH HOH A . 
E 3 HOH 220 1123 220 HOH HOH A . 
E 3 HOH 221 1124 221 HOH HOH A . 
E 3 HOH 222 1125 222 HOH HOH A . 
E 3 HOH 223 1126 223 HOH HOH A . 
E 3 HOH 224 1127 224 HOH HOH A . 
E 3 HOH 225 1128 225 HOH HOH A . 
E 3 HOH 226 1129 226 HOH HOH A . 
E 3 HOH 227 1130 227 HOH HOH A . 
E 3 HOH 228 1131 228 HOH HOH A . 
E 3 HOH 229 1132 229 HOH HOH A . 
E 3 HOH 230 1133 230 HOH HOH A . 
E 3 HOH 231 1134 231 HOH HOH A . 
E 3 HOH 232 1135 232 HOH HOH A . 
E 3 HOH 233 1136 233 HOH HOH A . 
E 3 HOH 234 1137 234 HOH HOH A . 
E 3 HOH 235 1138 236 HOH HOH A . 
E 3 HOH 236 1139 237 HOH HOH A . 
E 3 HOH 237 1140 238 HOH HOH A . 
E 3 HOH 238 1141 239 HOH HOH A . 
E 3 HOH 239 1142 240 HOH HOH A . 
E 3 HOH 240 1143 241 HOH HOH A . 
E 3 HOH 241 1144 242 HOH HOH A . 
E 3 HOH 242 1145 243 HOH HOH A . 
E 3 HOH 243 1146 244 HOH HOH A . 
E 3 HOH 244 1147 245 HOH HOH A . 
E 3 HOH 245 1148 246 HOH HOH A . 
E 3 HOH 246 1149 247 HOH HOH A . 
E 3 HOH 247 1150 248 HOH HOH A . 
# 
loop_
_software.name 
_software.classification 
_software.version 
_software.citation_id 
_software.pdbx_ordinal 
REFMAC    refinement       5.1.24 ? 1 
DENZO     'data reduction' .      ? 2 
SCALEPACK 'data scaling'   .      ? 3 
AMoRE     phasing          .      ? 4 
# 
_cell.entry_id           1Z3Q 
_cell.length_a           42.844 
_cell.length_b           52.839 
_cell.length_c           80.606 
_cell.angle_alpha        90.00 
_cell.angle_beta         90.00 
_cell.angle_gamma        90.00 
_cell.Z_PDB              4 
_cell.pdbx_unique_axis   ? 
_cell.length_a_esd       ? 
_cell.length_b_esd       ? 
_cell.length_c_esd       ? 
_cell.angle_alpha_esd    ? 
_cell.angle_beta_esd     ? 
_cell.angle_gamma_esd    ? 
# 
_symmetry.entry_id                         1Z3Q 
_symmetry.space_group_name_H-M             'P 21 21 21' 
_symmetry.pdbx_full_space_group_name_H-M   ? 
_symmetry.cell_setting                     ? 
_symmetry.Int_Tables_number                19 
_symmetry.space_group_name_Hall            ? 
# 
_exptl.entry_id          1Z3Q 
_exptl.method            'X-RAY DIFFRACTION' 
_exptl.crystals_number   1 
# 
_exptl_crystal.id                    1 
_exptl_crystal.density_meas          ? 
_exptl_crystal.density_Matthews      2.3 
_exptl_crystal.density_percent_sol   45.7 
_exptl_crystal.description           ? 
_exptl_crystal.F_000                 ? 
_exptl_crystal.preparation           ? 
# 
_exptl_crystal_grow.crystal_id      1 
_exptl_crystal_grow.method          'VAPOR DIFFUSION, HANGING DROP' 
_exptl_crystal_grow.temp            293.0 
_exptl_crystal_grow.temp_details    ? 
_exptl_crystal_grow.pH              4.6 
_exptl_crystal_grow.pdbx_details    
'PEG 4000, Ammonium Sulfate, Sodium Acatate, pH 4.6, VAPOR DIFFUSION, HANGING DROP, temperature 293.0K' 
_exptl_crystal_grow.pdbx_pH_range   . 
# 
_diffrn.id                     1 
_diffrn.ambient_temp           100.0 
_diffrn.ambient_temp_details   ? 
_diffrn.crystal_id             1 
# 
_diffrn_detector.diffrn_id              1 
_diffrn_detector.detector               'IMAGE PLATE' 
_diffrn_detector.type                   MARRESEARCH 
_diffrn_detector.pdbx_collection_date   2002-02-02 
_diffrn_detector.details                ? 
# 
_diffrn_radiation.diffrn_id                        1 
_diffrn_radiation.wavelength_id                    1 
_diffrn_radiation.pdbx_monochromatic_or_laue_m_l   M 
_diffrn_radiation.monochromator                    ? 
_diffrn_radiation.pdbx_diffrn_protocol             'SINGLE WAVELENGTH' 
_diffrn_radiation.pdbx_scattering_type             x-ray 
# 
_diffrn_radiation_wavelength.id           1 
_diffrn_radiation_wavelength.wavelength   1.54 
_diffrn_radiation_wavelength.wt           1.0 
# 
_diffrn_source.diffrn_id                   1 
_diffrn_source.source                      'ROTATING ANODE' 
_diffrn_source.type                        'RIGAKU RU200' 
_diffrn_source.pdbx_synchrotron_site       ? 
_diffrn_source.pdbx_synchrotron_beamline   ? 
_diffrn_source.pdbx_wavelength             ? 
_diffrn_source.pdbx_wavelength_list        1.54 
# 
_reflns.entry_id                     1Z3Q 
_reflns.observed_criterion_sigma_F   ? 
_reflns.observed_criterion_sigma_I   ? 
_reflns.d_resolution_high            1.7 
_reflns.d_resolution_low             42.2 
_reflns.number_all                   20728 
_reflns.number_obs                   20095 
_reflns.percent_possible_obs         96.9 
_reflns.pdbx_Rmerge_I_obs            ? 
_reflns.pdbx_Rsym_value              0.042 
_reflns.pdbx_netI_over_sigmaI        17.6 
_reflns.B_iso_Wilson_estimate        15.31 
_reflns.pdbx_redundancy              4.6 
_reflns.R_free_details               ? 
_reflns.limit_h_max                  ? 
_reflns.limit_h_min                  ? 
_reflns.limit_k_max                  ? 
_reflns.limit_k_min                  ? 
_reflns.limit_l_max                  ? 
_reflns.limit_l_min                  ? 
_reflns.observed_criterion_F_max     ? 
_reflns.observed_criterion_F_min     ? 
_reflns.pdbx_chi_squared             ? 
_reflns.pdbx_scaling_rejects         ? 
_reflns.pdbx_diffrn_id               1 
_reflns.pdbx_ordinal                 1 
# 
_reflns_shell.d_res_high             1.7 
_reflns_shell.d_res_low              1.76 
_reflns_shell.percent_possible_all   94.9 
_reflns_shell.Rmerge_I_obs           ? 
_reflns_shell.pdbx_Rsym_value        0.131 
_reflns_shell.meanI_over_sigI_obs    9.4 
_reflns_shell.pdbx_redundancy        4.3 
_reflns_shell.percent_possible_obs   ? 
_reflns_shell.number_unique_all      1920 
_reflns_shell.number_measured_all    ? 
_reflns_shell.number_measured_obs    ? 
_reflns_shell.number_unique_obs      ? 
_reflns_shell.pdbx_chi_squared       ? 
_reflns_shell.pdbx_diffrn_id         ? 
_reflns_shell.pdbx_ordinal           1 
# 
_refine.entry_id                                 1Z3Q 
_refine.ls_number_reflns_obs                     20067 
_refine.ls_number_reflns_all                     20728 
_refine.pdbx_ls_sigma_I                          ? 
_refine.pdbx_ls_sigma_F                          ? 
_refine.pdbx_data_cutoff_high_absF               ? 
_refine.pdbx_data_cutoff_low_absF                ? 
_refine.pdbx_data_cutoff_high_rms_absF           ? 
_refine.ls_d_res_low                             20.00 
_refine.ls_d_res_high                            1.70 
_refine.ls_percent_reflns_obs                    96.90 
_refine.ls_R_factor_obs                          0.14426 
_refine.ls_R_factor_all                          0.14426 
_refine.ls_R_factor_R_work                       0.14248 
_refine.ls_R_factor_R_free                       0.17712 
_refine.ls_R_factor_R_free_error                 ? 
_refine.ls_R_factor_R_free_error_details         ? 
_refine.ls_percent_reflns_R_free                 5.1 
_refine.ls_number_reflns_R_free                  1027 
_refine.ls_number_parameters                     ? 
_refine.ls_number_restraints                     ? 
_refine.occupancy_min                            ? 
_refine.occupancy_max                            ? 
_refine.correlation_coeff_Fo_to_Fc               0.969 
_refine.correlation_coeff_Fo_to_Fc_free          0.955 
_refine.B_iso_mean                               12.877 
_refine.aniso_B[1][1]                            -0.63 
_refine.aniso_B[2][2]                            0.15 
_refine.aniso_B[3][3]                            0.47 
_refine.aniso_B[1][2]                            0.00 
_refine.aniso_B[1][3]                            0.00 
_refine.aniso_B[2][3]                            0.00 
_refine.solvent_model_details                    'BABINET MODEL WITH MASK' 
_refine.solvent_model_param_ksol                 ? 
_refine.solvent_model_param_bsol                 ? 
_refine.pdbx_solvent_vdw_probe_radii             1.40 
_refine.pdbx_solvent_ion_probe_radii             0.80 
_refine.pdbx_solvent_shrinkage_radii             0.80 
_refine.pdbx_ls_cross_valid_method               THROUGHOUT 
_refine.details                                  'HYDROGENS HAVE BEEN ADDED IN THE RIDING POSITIONS' 
_refine.pdbx_starting_model                      'PDB entry 1THV' 
_refine.pdbx_method_to_determine_struct          'MOLECULAR REPLACEMENT' 
_refine.pdbx_isotropic_thermal_model             isotropic 
_refine.pdbx_stereochemistry_target_values       'MAXIMUM LIKELIHOOD' 
_refine.pdbx_stereochem_target_val_spec_case     ? 
_refine.pdbx_R_Free_selection_details            RANDOM 
_refine.pdbx_overall_ESU_R                       0.095 
_refine.pdbx_overall_ESU_R_Free                  0.094 
_refine.overall_SU_ML                            0.053 
_refine.overall_SU_B                             1.547 
_refine.ls_redundancy_reflns_obs                 ? 
_refine.B_iso_min                                ? 
_refine.B_iso_max                                ? 
_refine.overall_SU_R_Cruickshank_DPI             ? 
_refine.overall_SU_R_free                        ? 
_refine.ls_wR_factor_R_free                      ? 
_refine.ls_wR_factor_R_work                      ? 
_refine.overall_FOM_free_R_set                   ? 
_refine.overall_FOM_work_R_set                   ? 
_refine.pdbx_refine_id                           'X-RAY DIFFRACTION' 
_refine.pdbx_diffrn_id                           1 
_refine.pdbx_TLS_residual_ADP_flag               ? 
_refine.pdbx_overall_phase_error                 ? 
_refine.pdbx_overall_SU_R_free_Cruickshank_DPI   ? 
_refine.pdbx_overall_SU_R_Blow_DPI               ? 
_refine.pdbx_overall_SU_R_free_Blow_DPI          ? 
# 
_refine_hist.pdbx_refine_id                   'X-RAY DIFFRACTION' 
_refine_hist.cycle_id                         LAST 
_refine_hist.pdbx_number_atoms_protein        1484 
_refine_hist.pdbx_number_atoms_nucleic_acid   0 
_refine_hist.pdbx_number_atoms_ligand         12 
_refine_hist.number_atoms_solvent             247 
_refine_hist.number_atoms_total               1743 
_refine_hist.d_res_high                       1.70 
_refine_hist.d_res_low                        20.00 
# 
loop_
_refine_ls_restr.type 
_refine_ls_restr.dev_ideal 
_refine_ls_restr.dev_ideal_target 
_refine_ls_restr.weight 
_refine_ls_restr.number 
_refine_ls_restr.pdbx_refine_id 
_refine_ls_restr.pdbx_restraint_function 
r_bond_refined_d         0.010 0.021 ? 1539 'X-RAY DIFFRACTION' ? 
r_bond_other_d           0.002 0.020 ? 1254 'X-RAY DIFFRACTION' ? 
r_angle_refined_deg      1.354 1.933 ? 2093 'X-RAY DIFFRACTION' ? 
r_angle_other_deg        0.808 3.000 ? 2930 'X-RAY DIFFRACTION' ? 
r_dihedral_angle_1_deg   6.325 5.000 ? 199  'X-RAY DIFFRACTION' ? 
r_chiral_restr           0.083 0.200 ? 214  'X-RAY DIFFRACTION' ? 
r_gen_planes_refined     0.005 0.020 ? 1793 'X-RAY DIFFRACTION' ? 
r_gen_planes_other       0.001 0.020 ? 334  'X-RAY DIFFRACTION' ? 
r_nbd_refined            0.204 0.200 ? 272  'X-RAY DIFFRACTION' ? 
r_nbd_other              0.251 0.200 ? 1531 'X-RAY DIFFRACTION' ? 
r_nbtor_other            0.082 0.200 ? 875  'X-RAY DIFFRACTION' ? 
r_xyhbond_nbd_refined    0.133 0.200 ? 150  'X-RAY DIFFRACTION' ? 
r_symmetry_vdw_refined   0.201 0.200 ? 8    'X-RAY DIFFRACTION' ? 
r_symmetry_vdw_other     0.331 0.200 ? 39   'X-RAY DIFFRACTION' ? 
r_symmetry_hbond_refined 0.202 0.200 ? 18   'X-RAY DIFFRACTION' ? 
r_mcbond_it              0.610 1.500 ? 986  'X-RAY DIFFRACTION' ? 
r_mcangle_it             1.125 2.000 ? 1576 'X-RAY DIFFRACTION' ? 
r_scbond_it              1.925 3.000 ? 553  'X-RAY DIFFRACTION' ? 
r_scangle_it             3.084 4.500 ? 517  'X-RAY DIFFRACTION' ? 
# 
_refine_ls_shell.pdbx_total_number_of_bins_used   20 
_refine_ls_shell.d_res_high                       1.701 
_refine_ls_shell.d_res_low                        1.745 
_refine_ls_shell.number_reflns_R_work             1311 
_refine_ls_shell.R_factor_R_work                  0.177 
_refine_ls_shell.percent_reflns_obs               ? 
_refine_ls_shell.R_factor_R_free                  0.242 
_refine_ls_shell.R_factor_R_free_error            ? 
_refine_ls_shell.percent_reflns_R_free            ? 
_refine_ls_shell.number_reflns_R_free             75 
_refine_ls_shell.number_reflns_obs                1027 
_refine_ls_shell.redundancy_reflns_obs            ? 
_refine_ls_shell.number_reflns_all                ? 
_refine_ls_shell.R_factor_all                     ? 
_refine_ls_shell.pdbx_refine_id                   'X-RAY DIFFRACTION' 
# 
_struct.entry_id                  1Z3Q 
_struct.title                     
'Resolution of the structure of the allergenic and antifungal banana fruit thaumatin-like protein at 1.7A' 
_struct.pdbx_model_details        ? 
_struct.pdbx_CASP_flag            ? 
_struct.pdbx_model_type_details   ? 
# 
_struct_keywords.entry_id        1Z3Q 
_struct_keywords.pdbx_keywords   'ANTIFUNGAL PROTEIN' 
_struct_keywords.text            'beta sandwich, ANTIFUNGAL PROTEIN' 
# 
loop_
_struct_asym.id 
_struct_asym.pdbx_blank_PDB_chainid_flag 
_struct_asym.pdbx_modified 
_struct_asym.entity_id 
_struct_asym.details 
A N N 1 ? 
B N N 2 ? 
C N N 2 ? 
D N N 2 ? 
E N N 3 ? 
# 
_struct_ref.id                         1 
_struct_ref.entity_id                  1 
_struct_ref.db_name                    UNP 
_struct_ref.db_code                    O22322_MUSAC 
_struct_ref.pdbx_db_accession          O22322 
_struct_ref.pdbx_db_isoform            ? 
_struct_ref.pdbx_seq_one_letter_code   ? 
_struct_ref.pdbx_align_begin           ? 
# 
_struct_ref_seq.align_id                      1 
_struct_ref_seq.ref_id                        1 
_struct_ref_seq.pdbx_PDB_id_code              1Z3Q 
_struct_ref_seq.pdbx_strand_id                A 
_struct_ref_seq.seq_align_beg                 1 
_struct_ref_seq.pdbx_seq_align_beg_ins_code   ? 
_struct_ref_seq.seq_align_end                 167 
_struct_ref_seq.pdbx_seq_align_end_ins_code   ? 
_struct_ref_seq.pdbx_db_accession             O22322 
_struct_ref_seq.db_align_beg                  27 
_struct_ref_seq.pdbx_db_align_beg_ins_code    ? 
_struct_ref_seq.db_align_end                  193 
_struct_ref_seq.pdbx_db_align_end_ins_code    ? 
_struct_ref_seq.pdbx_auth_seq_align_beg       1 
_struct_ref_seq.pdbx_auth_seq_align_end       167 
# 
_pdbx_struct_assembly.id                   1 
_pdbx_struct_assembly.details              author_defined_assembly 
_pdbx_struct_assembly.method_details       ? 
_pdbx_struct_assembly.oligomeric_details   monomeric 
_pdbx_struct_assembly.oligomeric_count     1 
# 
_pdbx_struct_assembly_gen.assembly_id       1 
_pdbx_struct_assembly_gen.oper_expression   1 
_pdbx_struct_assembly_gen.asym_id_list      A,B,C,D,E 
# 
_pdbx_struct_oper_list.id                   1 
_pdbx_struct_oper_list.type                 'identity operation' 
_pdbx_struct_oper_list.name                 1_555 
_pdbx_struct_oper_list.symmetry_operation   x,y,z 
_pdbx_struct_oper_list.matrix[1][1]         1.0000000000 
_pdbx_struct_oper_list.matrix[1][2]         0.0000000000 
_pdbx_struct_oper_list.matrix[1][3]         0.0000000000 
_pdbx_struct_oper_list.vector[1]            0.0000000000 
_pdbx_struct_oper_list.matrix[2][1]         0.0000000000 
_pdbx_struct_oper_list.matrix[2][2]         1.0000000000 
_pdbx_struct_oper_list.matrix[2][3]         0.0000000000 
_pdbx_struct_oper_list.vector[2]            0.0000000000 
_pdbx_struct_oper_list.matrix[3][1]         0.0000000000 
_pdbx_struct_oper_list.matrix[3][2]         0.0000000000 
_pdbx_struct_oper_list.matrix[3][3]         1.0000000000 
_pdbx_struct_oper_list.vector[3]            0.0000000000 
# 
_struct_biol.id                    1 
_struct_biol.pdbx_parent_biol_id   ? 
_struct_biol.details               ? 
# 
loop_
_struct_conf.conf_type_id 
_struct_conf.id 
_struct_conf.pdbx_PDB_helix_id 
_struct_conf.beg_label_comp_id 
_struct_conf.beg_label_asym_id 
_struct_conf.beg_label_seq_id 
_struct_conf.pdbx_beg_PDB_ins_code 
_struct_conf.end_label_comp_id 
_struct_conf.end_label_asym_id 
_struct_conf.end_label_seq_id 
_struct_conf.pdbx_end_PDB_ins_code 
_struct_conf.beg_auth_comp_id 
_struct_conf.beg_auth_asym_id 
_struct_conf.beg_auth_seq_id 
_struct_conf.end_auth_comp_id 
_struct_conf.end_auth_asym_id 
_struct_conf.end_auth_seq_id 
_struct_conf.pdbx_PDB_helix_class 
_struct_conf.details 
_struct_conf.pdbx_PDB_helix_length 
HELX_P HELX_P1 1 ASP A 124 ? CYS A 129 ? ASP A 124 CYS A 129 1 ? 6  
HELX_P HELX_P2 2 ASN A 141 ? LYS A 147 ? ASN A 141 LYS A 147 1 ? 7  
HELX_P HELX_P3 3 THR A 148 ? CYS A 153 ? THR A 148 CYS A 153 1 ? 6  
HELX_P HELX_P4 4 THR A 161 ? CYS A 171 ? THR A 161 CYS A 171 1 ? 11 
# 
_struct_conf_type.id          HELX_P 
_struct_conf_type.criteria    ? 
_struct_conf_type.reference   ? 
# 
loop_
_struct_conn.id 
_struct_conn.conn_type_id 
_struct_conn.pdbx_leaving_atom_flag 
_struct_conn.pdbx_PDB_id 
_struct_conn.ptnr1_label_asym_id 
_struct_conn.ptnr1_label_comp_id 
_struct_conn.ptnr1_label_seq_id 
_struct_conn.ptnr1_label_atom_id 
_struct_conn.pdbx_ptnr1_label_alt_id 
_struct_conn.pdbx_ptnr1_PDB_ins_code 
_struct_conn.pdbx_ptnr1_standard_comp_id 
_struct_conn.ptnr1_symmetry 
_struct_conn.ptnr2_label_asym_id 
_struct_conn.ptnr2_label_comp_id 
_struct_conn.ptnr2_label_seq_id 
_struct_conn.ptnr2_label_atom_id 
_struct_conn.pdbx_ptnr2_label_alt_id 
_struct_conn.pdbx_ptnr2_PDB_ins_code 
_struct_conn.ptnr1_auth_asym_id 
_struct_conn.ptnr1_auth_comp_id 
_struct_conn.ptnr1_auth_seq_id 
_struct_conn.ptnr2_auth_asym_id 
_struct_conn.ptnr2_auth_comp_id 
_struct_conn.ptnr2_auth_seq_id 
_struct_conn.ptnr2_symmetry 
_struct_conn.pdbx_ptnr3_label_atom_id 
_struct_conn.pdbx_ptnr3_label_seq_id 
_struct_conn.pdbx_ptnr3_label_comp_id 
_struct_conn.pdbx_ptnr3_label_asym_id 
_struct_conn.pdbx_ptnr3_label_alt_id 
_struct_conn.pdbx_ptnr3_PDB_ins_code 
_struct_conn.details 
_struct_conn.pdbx_dist_value 
_struct_conn.pdbx_value_order 
_struct_conn.pdbx_role 
disulf1 disulf ? ? A CYS 9   SG ? ? ? 1_555 A CYS 199 SG ? ? A CYS 9   A CYS 199 1_555 ? ? ? ? ? ? ? 2.036 ? ? 
disulf2 disulf ? ? A CYS 50  SG ? ? ? 1_555 A CYS 60  SG ? ? A CYS 50  A CYS 60  1_555 ? ? ? ? ? ? ? 2.021 ? ? 
disulf3 disulf ? ? A CYS 65  SG ? ? ? 1_555 A CYS 71  SG ? ? A CYS 65  A CYS 71  1_555 ? ? ? ? ? ? ? 2.033 ? ? 
disulf4 disulf ? ? A CYS 116 SG ? ? ? 1_555 A CYS 188 SG ? ? A CYS 116 A CYS 188 1_555 ? ? ? ? ? ? ? 2.036 ? ? 
disulf5 disulf ? ? A CYS 121 SG ? ? ? 1_555 A CYS 171 SG ? ? A CYS 121 A CYS 171 1_555 ? ? ? ? ? ? ? 2.043 ? ? 
disulf6 disulf ? ? A CYS 129 SG ? ? ? 1_555 A CYS 139 SG ? ? A CYS 129 A CYS 139 1_555 ? ? ? ? ? ? ? 2.030 ? ? 
disulf7 disulf ? ? A CYS 143 SG ? ? ? 1_555 A CYS 152 SG ? ? A CYS 143 A CYS 152 1_555 ? ? ? ? ? ? ? 2.052 ? ? 
disulf8 disulf ? ? A CYS 153 SG ? ? ? 1_555 A CYS 158 SG ? ? A CYS 153 A CYS 158 1_555 ? ? ? ? ? ? ? 2.065 ? ? 
# 
_struct_conn_type.id          disulf 
_struct_conn_type.criteria    ? 
_struct_conn_type.reference   ? 
# 
loop_
_pdbx_modification_feature.ordinal 
_pdbx_modification_feature.label_comp_id 
_pdbx_modification_feature.label_asym_id 
_pdbx_modification_feature.label_seq_id 
_pdbx_modification_feature.label_alt_id 
_pdbx_modification_feature.modified_residue_label_comp_id 
_pdbx_modification_feature.modified_residue_label_asym_id 
_pdbx_modification_feature.modified_residue_label_seq_id 
_pdbx_modification_feature.modified_residue_label_alt_id 
_pdbx_modification_feature.auth_comp_id 
_pdbx_modification_feature.auth_asym_id 
_pdbx_modification_feature.auth_seq_id 
_pdbx_modification_feature.PDB_ins_code 
_pdbx_modification_feature.symmetry 
_pdbx_modification_feature.modified_residue_auth_comp_id 
_pdbx_modification_feature.modified_residue_auth_asym_id 
_pdbx_modification_feature.modified_residue_auth_seq_id 
_pdbx_modification_feature.modified_residue_PDB_ins_code 
_pdbx_modification_feature.modified_residue_symmetry 
_pdbx_modification_feature.comp_id_linking_atom 
_pdbx_modification_feature.modified_residue_id_linking_atom 
_pdbx_modification_feature.modified_residue_id 
_pdbx_modification_feature.ref_pcm_id 
_pdbx_modification_feature.ref_comp_id 
_pdbx_modification_feature.type 
_pdbx_modification_feature.category 
1 CYS A 9   ? CYS A 199 ? CYS A 9   ? 1_555 CYS A 199 ? 1_555 SG SG . . . None 'Disulfide bridge' 
2 CYS A 50  ? CYS A 60  ? CYS A 50  ? 1_555 CYS A 60  ? 1_555 SG SG . . . None 'Disulfide bridge' 
3 CYS A 65  ? CYS A 71  ? CYS A 65  ? 1_555 CYS A 71  ? 1_555 SG SG . . . None 'Disulfide bridge' 
4 CYS A 116 ? CYS A 188 ? CYS A 116 ? 1_555 CYS A 188 ? 1_555 SG SG . . . None 'Disulfide bridge' 
5 CYS A 121 ? CYS A 171 ? CYS A 121 ? 1_555 CYS A 171 ? 1_555 SG SG . . . None 'Disulfide bridge' 
6 CYS A 129 ? CYS A 139 ? CYS A 129 ? 1_555 CYS A 139 ? 1_555 SG SG . . . None 'Disulfide bridge' 
7 CYS A 143 ? CYS A 152 ? CYS A 143 ? 1_555 CYS A 152 ? 1_555 SG SG . . . None 'Disulfide bridge' 
8 CYS A 153 ? CYS A 158 ? CYS A 153 ? 1_555 CYS A 158 ? 1_555 SG SG . . . None 'Disulfide bridge' 
# 
loop_
_struct_mon_prot_cis.pdbx_id 
_struct_mon_prot_cis.label_comp_id 
_struct_mon_prot_cis.label_seq_id 
_struct_mon_prot_cis.label_asym_id 
_struct_mon_prot_cis.label_alt_id 
_struct_mon_prot_cis.pdbx_PDB_ins_code 
_struct_mon_prot_cis.auth_comp_id 
_struct_mon_prot_cis.auth_seq_id 
_struct_mon_prot_cis.auth_asym_id 
_struct_mon_prot_cis.pdbx_label_comp_id_2 
_struct_mon_prot_cis.pdbx_label_seq_id_2 
_struct_mon_prot_cis.pdbx_label_asym_id_2 
_struct_mon_prot_cis.pdbx_PDB_ins_code_2 
_struct_mon_prot_cis.pdbx_auth_comp_id_2 
_struct_mon_prot_cis.pdbx_auth_seq_id_2 
_struct_mon_prot_cis.pdbx_auth_asym_id_2 
_struct_mon_prot_cis.pdbx_PDB_model_num 
_struct_mon_prot_cis.pdbx_omega_angle 
1 VAL 18 A . ? VAL 18 A PRO 19 A ? PRO 19 A 1 -1.14 
2 PRO 77 A . ? PRO 77 A PRO 78 A ? PRO 78 A 1 1.40  
# 
loop_
_struct_sheet.id 
_struct_sheet.type 
_struct_sheet.number_strands 
_struct_sheet.details 
A ? 5 ? 
B ? 6 ? 
C ? 5 ? 
D ? 2 ? 
# 
loop_
_struct_sheet_order.sheet_id 
_struct_sheet_order.range_id_1 
_struct_sheet_order.range_id_2 
_struct_sheet_order.offset 
_struct_sheet_order.sense 
A 1 2 ? anti-parallel 
A 2 3 ? parallel      
A 3 4 ? anti-parallel 
A 4 5 ? anti-parallel 
B 1 2 ? anti-parallel 
B 2 3 ? anti-parallel 
B 3 4 ? anti-parallel 
B 4 5 ? anti-parallel 
B 5 6 ? parallel      
C 1 2 ? anti-parallel 
C 2 3 ? anti-parallel 
C 3 4 ? anti-parallel 
C 4 5 ? anti-parallel 
D 1 2 ? anti-parallel 
# 
loop_
_struct_sheet_range.sheet_id 
_struct_sheet_range.id 
_struct_sheet_range.beg_label_comp_id 
_struct_sheet_range.beg_label_asym_id 
_struct_sheet_range.beg_label_seq_id 
_struct_sheet_range.pdbx_beg_PDB_ins_code 
_struct_sheet_range.end_label_comp_id 
_struct_sheet_range.end_label_asym_id 
_struct_sheet_range.end_label_seq_id 
_struct_sheet_range.pdbx_end_PDB_ins_code 
_struct_sheet_range.beg_auth_comp_id 
_struct_sheet_range.beg_auth_asym_id 
_struct_sheet_range.beg_auth_seq_id 
_struct_sheet_range.end_auth_comp_id 
_struct_sheet_range.end_auth_asym_id 
_struct_sheet_range.end_auth_seq_id 
A 1 SER A 30  ? ASN A 34  ? SER A 30  ASN A 34  
A 2 THR A 2   ? ASN A 7   ? THR A 2   ASN A 7   
A 3 TYR A 194 ? PHE A 198 ? TYR A 194 PHE A 198 
A 4 MET A 107 ? PRO A 111 ? MET A 107 PRO A 111 
A 5 ILE A 119 ? CYS A 121 ? ILE A 119 CYS A 121 
B 1 GLY A 21  ? LEU A 25  ? GLY A 21  LEU A 25  
B 2 VAL A 13  ? VAL A 18  ? VAL A 13  VAL A 18  
B 3 GLY A 42  ? PHE A 52  ? GLY A 42  PHE A 52  
B 4 LEU A 81  ? GLN A 88  ? LEU A 81  GLN A 88  
B 5 LEU A 92  ? SER A 98  ? LEU A 92  SER A 98  
B 6 ALA A 174 ? TYR A 175 ? ALA A 174 TYR A 175 
C 1 GLY A 58  ? THR A 62  ? GLY A 58  THR A 62  
C 2 GLY A 42  ? PHE A 52  ? GLY A 42  PHE A 52  
C 3 LEU A 81  ? GLN A 88  ? LEU A 81  GLN A 88  
C 4 LEU A 92  ? SER A 98  ? LEU A 92  SER A 98  
C 5 PHE A 186 ? PRO A 189 ? PHE A 186 PRO A 189 
D 1 LYS A 134 ? ALA A 135 ? LYS A 134 ALA A 135 
D 2 GLY A 138 ? CYS A 139 ? GLY A 138 CYS A 139 
# 
loop_
_pdbx_struct_sheet_hbond.sheet_id 
_pdbx_struct_sheet_hbond.range_id_1 
_pdbx_struct_sheet_hbond.range_id_2 
_pdbx_struct_sheet_hbond.range_1_label_atom_id 
_pdbx_struct_sheet_hbond.range_1_label_comp_id 
_pdbx_struct_sheet_hbond.range_1_label_asym_id 
_pdbx_struct_sheet_hbond.range_1_label_seq_id 
_pdbx_struct_sheet_hbond.range_1_PDB_ins_code 
_pdbx_struct_sheet_hbond.range_1_auth_atom_id 
_pdbx_struct_sheet_hbond.range_1_auth_comp_id 
_pdbx_struct_sheet_hbond.range_1_auth_asym_id 
_pdbx_struct_sheet_hbond.range_1_auth_seq_id 
_pdbx_struct_sheet_hbond.range_2_label_atom_id 
_pdbx_struct_sheet_hbond.range_2_label_comp_id 
_pdbx_struct_sheet_hbond.range_2_label_asym_id 
_pdbx_struct_sheet_hbond.range_2_label_seq_id 
_pdbx_struct_sheet_hbond.range_2_PDB_ins_code 
_pdbx_struct_sheet_hbond.range_2_auth_atom_id 
_pdbx_struct_sheet_hbond.range_2_auth_comp_id 
_pdbx_struct_sheet_hbond.range_2_auth_asym_id 
_pdbx_struct_sheet_hbond.range_2_auth_seq_id 
A 1 2 O TRP A 31  ? O TRP A 31  N ILE A 5   ? N ILE A 5   
A 2 3 N VAL A 6   ? N VAL A 6   O PHE A 198 ? O PHE A 198 
A 3 4 O ARG A 195 ? O ARG A 195 N SER A 110 ? N SER A 110 
A 4 5 N PHE A 109 ? N PHE A 109 O ILE A 119 ? O ILE A 119 
B 1 2 O GLY A 21  ? O GLY A 21  N ALA A 17  ? N ALA A 17  
B 2 3 N VAL A 18  ? N VAL A 18  O ARG A 43  ? O ARG A 43  
B 3 4 N ILE A 44  ? N ILE A 44  O ALA A 82  ? O ALA A 82  
B 4 5 N GLU A 83  ? N GLU A 83  O ASP A 96  ? O ASP A 96  
B 5 6 N ILE A 97  ? N ILE A 97  O TYR A 175 ? O TYR A 175 
C 1 2 O ARG A 59  ? O ARG A 59  N SER A 51  ? N SER A 51  
C 2 3 N ILE A 44  ? N ILE A 44  O ALA A 82  ? O ALA A 82  
C 3 4 N GLU A 83  ? N GLU A 83  O ASP A 96  ? O ASP A 96  
C 4 5 N ASP A 93  ? N ASP A 93  O CYS A 188 ? O CYS A 188 
D 1 2 N ALA A 135 ? N ALA A 135 O GLY A 138 ? O GLY A 138 
# 
loop_
_struct_site.id 
_struct_site.pdbx_evidence_code 
_struct_site.pdbx_auth_asym_id 
_struct_site.pdbx_auth_comp_id 
_struct_site.pdbx_auth_seq_id 
_struct_site.pdbx_auth_ins_code 
_struct_site.pdbx_num_residues 
_struct_site.details 
AC1 Software A EDO 901 ? 7 'BINDING SITE FOR RESIDUE EDO A 901' 
AC2 Software A EDO 902 ? 6 'BINDING SITE FOR RESIDUE EDO A 902' 
AC3 Software A EDO 903 ? 7 'BINDING SITE FOR RESIDUE EDO A 903' 
# 
loop_
_struct_site_gen.id 
_struct_site_gen.site_id 
_struct_site_gen.pdbx_num_res 
_struct_site_gen.label_comp_id 
_struct_site_gen.label_asym_id 
_struct_site_gen.label_seq_id 
_struct_site_gen.pdbx_auth_ins_code 
_struct_site_gen.auth_comp_id 
_struct_site_gen.auth_asym_id 
_struct_site_gen.auth_seq_id 
_struct_site_gen.label_atom_id 
_struct_site_gen.label_alt_id 
_struct_site_gen.symmetry 
_struct_site_gen.details 
1  AC1 7 ARG A 8   ? ARG A 8    . ? 3_655 ? 
2  AC1 7 GLN A 128 ? GLN A 128  . ? 1_555 ? 
3  AC1 7 PHE A 166 ? PHE A 166  . ? 1_555 ? 
4  AC1 7 ARG A 169 ? ARG A 169  . ? 1_555 ? 
5  AC1 7 ASN A 170 ? ASN A 170  . ? 1_555 ? 
6  AC1 7 ARG A 195 ? ARG A 195  . ? 3_655 ? 
7  AC1 7 HOH E .   ? HOH A 1106 . ? 1_555 ? 
8  AC2 6 GLU A 83  ? GLU A 83   . ? 1_555 ? 
9  AC2 6 VAL A 100 ? VAL A 100  . ? 1_555 ? 
10 AC2 6 TYR A 175 ? TYR A 175  . ? 1_555 ? 
11 AC2 6 EDO D .   ? EDO A 903  . ? 1_555 ? 
12 AC2 6 HOH E .   ? HOH A 1071 . ? 1_555 ? 
13 AC2 6 HOH E .   ? HOH A 1122 . ? 1_555 ? 
14 AC3 7 ARG A 43  ? ARG A 43   . ? 1_555 ? 
15 AC3 7 LEU A 81  ? LEU A 81   . ? 1_555 ? 
16 AC3 7 GLU A 83  ? GLU A 83   . ? 1_555 ? 
17 AC3 7 SER A 98  ? SER A 98   . ? 1_555 ? 
18 AC3 7 ASP A 101 ? ASP A 101  . ? 1_555 ? 
19 AC3 7 EDO C .   ? EDO A 902  . ? 1_555 ? 
20 AC3 7 HOH E .   ? HOH A 1071 . ? 1_555 ? 
# 
_pdbx_entry_details.entry_id                   1Z3Q 
_pdbx_entry_details.compound_details           ? 
_pdbx_entry_details.source_details             ? 
_pdbx_entry_details.nonpolymer_details         ? 
_pdbx_entry_details.sequence_details           ? 
_pdbx_entry_details.has_ligand_of_interest     ? 
_pdbx_entry_details.has_protein_modification   Y 
# 
_pdbx_validate_symm_contact.id                1 
_pdbx_validate_symm_contact.PDB_model_num     1 
_pdbx_validate_symm_contact.auth_atom_id_1    O 
_pdbx_validate_symm_contact.auth_asym_id_1    A 
_pdbx_validate_symm_contact.auth_comp_id_1    HOH 
_pdbx_validate_symm_contact.auth_seq_id_1     1003 
_pdbx_validate_symm_contact.PDB_ins_code_1    ? 
_pdbx_validate_symm_contact.label_alt_id_1    ? 
_pdbx_validate_symm_contact.site_symmetry_1   1_555 
_pdbx_validate_symm_contact.auth_atom_id_2    O 
_pdbx_validate_symm_contact.auth_asym_id_2    A 
_pdbx_validate_symm_contact.auth_comp_id_2    HOH 
_pdbx_validate_symm_contact.auth_seq_id_2     1117 
_pdbx_validate_symm_contact.PDB_ins_code_2    ? 
_pdbx_validate_symm_contact.label_alt_id_2    ? 
_pdbx_validate_symm_contact.site_symmetry_2   3_645 
_pdbx_validate_symm_contact.dist              2.12 
# 
loop_
_pdbx_validate_torsion.id 
_pdbx_validate_torsion.PDB_model_num 
_pdbx_validate_torsion.auth_comp_id 
_pdbx_validate_torsion.auth_asym_id 
_pdbx_validate_torsion.auth_seq_id 
_pdbx_validate_torsion.PDB_ins_code 
_pdbx_validate_torsion.label_alt_id 
_pdbx_validate_torsion.phi 
_pdbx_validate_torsion.psi 
1 1 PHE A 89  ? ? 42.16   -127.17 
2 1 ASN A 104 ? ? -130.81 -45.32  
# 
loop_
_chem_comp_atom.comp_id 
_chem_comp_atom.atom_id 
_chem_comp_atom.type_symbol 
_chem_comp_atom.pdbx_aromatic_flag 
_chem_comp_atom.pdbx_stereo_config 
_chem_comp_atom.pdbx_ordinal 
ALA N    N N N 1   
ALA CA   C N S 2   
ALA C    C N N 3   
ALA O    O N N 4   
ALA CB   C N N 5   
ALA OXT  O N N 6   
ALA H    H N N 7   
ALA H2   H N N 8   
ALA HA   H N N 9   
ALA HB1  H N N 10  
ALA HB2  H N N 11  
ALA HB3  H N N 12  
ALA HXT  H N N 13  
ARG N    N N N 14  
ARG CA   C N S 15  
ARG C    C N N 16  
ARG O    O N N 17  
ARG CB   C N N 18  
ARG CG   C N N 19  
ARG CD   C N N 20  
ARG NE   N N N 21  
ARG CZ   C N N 22  
ARG NH1  N N N 23  
ARG NH2  N N N 24  
ARG OXT  O N N 25  
ARG H    H N N 26  
ARG H2   H N N 27  
ARG HA   H N N 28  
ARG HB2  H N N 29  
ARG HB3  H N N 30  
ARG HG2  H N N 31  
ARG HG3  H N N 32  
ARG HD2  H N N 33  
ARG HD3  H N N 34  
ARG HE   H N N 35  
ARG HH11 H N N 36  
ARG HH12 H N N 37  
ARG HH21 H N N 38  
ARG HH22 H N N 39  
ARG HXT  H N N 40  
ASN N    N N N 41  
ASN CA   C N S 42  
ASN C    C N N 43  
ASN O    O N N 44  
ASN CB   C N N 45  
ASN CG   C N N 46  
ASN OD1  O N N 47  
ASN ND2  N N N 48  
ASN OXT  O N N 49  
ASN H    H N N 50  
ASN H2   H N N 51  
ASN HA   H N N 52  
ASN HB2  H N N 53  
ASN HB3  H N N 54  
ASN HD21 H N N 55  
ASN HD22 H N N 56  
ASN HXT  H N N 57  
ASP N    N N N 58  
ASP CA   C N S 59  
ASP C    C N N 60  
ASP O    O N N 61  
ASP CB   C N N 62  
ASP CG   C N N 63  
ASP OD1  O N N 64  
ASP OD2  O N N 65  
ASP OXT  O N N 66  
ASP H    H N N 67  
ASP H2   H N N 68  
ASP HA   H N N 69  
ASP HB2  H N N 70  
ASP HB3  H N N 71  
ASP HD2  H N N 72  
ASP HXT  H N N 73  
CYS N    N N N 74  
CYS CA   C N R 75  
CYS C    C N N 76  
CYS O    O N N 77  
CYS CB   C N N 78  
CYS SG   S N N 79  
CYS OXT  O N N 80  
CYS H    H N N 81  
CYS H2   H N N 82  
CYS HA   H N N 83  
CYS HB2  H N N 84  
CYS HB3  H N N 85  
CYS HG   H N N 86  
CYS HXT  H N N 87  
EDO C1   C N N 88  
EDO O1   O N N 89  
EDO C2   C N N 90  
EDO O2   O N N 91  
EDO H11  H N N 92  
EDO H12  H N N 93  
EDO HO1  H N N 94  
EDO H21  H N N 95  
EDO H22  H N N 96  
EDO HO2  H N N 97  
GLN N    N N N 98  
GLN CA   C N S 99  
GLN C    C N N 100 
GLN O    O N N 101 
GLN CB   C N N 102 
GLN CG   C N N 103 
GLN CD   C N N 104 
GLN OE1  O N N 105 
GLN NE2  N N N 106 
GLN OXT  O N N 107 
GLN H    H N N 108 
GLN H2   H N N 109 
GLN HA   H N N 110 
GLN HB2  H N N 111 
GLN HB3  H N N 112 
GLN HG2  H N N 113 
GLN HG3  H N N 114 
GLN HE21 H N N 115 
GLN HE22 H N N 116 
GLN HXT  H N N 117 
GLU N    N N N 118 
GLU CA   C N S 119 
GLU C    C N N 120 
GLU O    O N N 121 
GLU CB   C N N 122 
GLU CG   C N N 123 
GLU CD   C N N 124 
GLU OE1  O N N 125 
GLU OE2  O N N 126 
GLU OXT  O N N 127 
GLU H    H N N 128 
GLU H2   H N N 129 
GLU HA   H N N 130 
GLU HB2  H N N 131 
GLU HB3  H N N 132 
GLU HG2  H N N 133 
GLU HG3  H N N 134 
GLU HE2  H N N 135 
GLU HXT  H N N 136 
GLY N    N N N 137 
GLY CA   C N N 138 
GLY C    C N N 139 
GLY O    O N N 140 
GLY OXT  O N N 141 
GLY H    H N N 142 
GLY H2   H N N 143 
GLY HA2  H N N 144 
GLY HA3  H N N 145 
GLY HXT  H N N 146 
HOH O    O N N 147 
HOH H1   H N N 148 
HOH H2   H N N 149 
ILE N    N N N 150 
ILE CA   C N S 151 
ILE C    C N N 152 
ILE O    O N N 153 
ILE CB   C N S 154 
ILE CG1  C N N 155 
ILE CG2  C N N 156 
ILE CD1  C N N 157 
ILE OXT  O N N 158 
ILE H    H N N 159 
ILE H2   H N N 160 
ILE HA   H N N 161 
ILE HB   H N N 162 
ILE HG12 H N N 163 
ILE HG13 H N N 164 
ILE HG21 H N N 165 
ILE HG22 H N N 166 
ILE HG23 H N N 167 
ILE HD11 H N N 168 
ILE HD12 H N N 169 
ILE HD13 H N N 170 
ILE HXT  H N N 171 
LEU N    N N N 172 
LEU CA   C N S 173 
LEU C    C N N 174 
LEU O    O N N 175 
LEU CB   C N N 176 
LEU CG   C N N 177 
LEU CD1  C N N 178 
LEU CD2  C N N 179 
LEU OXT  O N N 180 
LEU H    H N N 181 
LEU H2   H N N 182 
LEU HA   H N N 183 
LEU HB2  H N N 184 
LEU HB3  H N N 185 
LEU HG   H N N 186 
LEU HD11 H N N 187 
LEU HD12 H N N 188 
LEU HD13 H N N 189 
LEU HD21 H N N 190 
LEU HD22 H N N 191 
LEU HD23 H N N 192 
LEU HXT  H N N 193 
LYS N    N N N 194 
LYS CA   C N S 195 
LYS C    C N N 196 
LYS O    O N N 197 
LYS CB   C N N 198 
LYS CG   C N N 199 
LYS CD   C N N 200 
LYS CE   C N N 201 
LYS NZ   N N N 202 
LYS OXT  O N N 203 
LYS H    H N N 204 
LYS H2   H N N 205 
LYS HA   H N N 206 
LYS HB2  H N N 207 
LYS HB3  H N N 208 
LYS HG2  H N N 209 
LYS HG3  H N N 210 
LYS HD2  H N N 211 
LYS HD3  H N N 212 
LYS HE2  H N N 213 
LYS HE3  H N N 214 
LYS HZ1  H N N 215 
LYS HZ2  H N N 216 
LYS HZ3  H N N 217 
LYS HXT  H N N 218 
MET N    N N N 219 
MET CA   C N S 220 
MET C    C N N 221 
MET O    O N N 222 
MET CB   C N N 223 
MET CG   C N N 224 
MET SD   S N N 225 
MET CE   C N N 226 
MET OXT  O N N 227 
MET H    H N N 228 
MET H2   H N N 229 
MET HA   H N N 230 
MET HB2  H N N 231 
MET HB3  H N N 232 
MET HG2  H N N 233 
MET HG3  H N N 234 
MET HE1  H N N 235 
MET HE2  H N N 236 
MET HE3  H N N 237 
MET HXT  H N N 238 
PHE N    N N N 239 
PHE CA   C N S 240 
PHE C    C N N 241 
PHE O    O N N 242 
PHE CB   C N N 243 
PHE CG   C Y N 244 
PHE CD1  C Y N 245 
PHE CD2  C Y N 246 
PHE CE1  C Y N 247 
PHE CE2  C Y N 248 
PHE CZ   C Y N 249 
PHE OXT  O N N 250 
PHE H    H N N 251 
PHE H2   H N N 252 
PHE HA   H N N 253 
PHE HB2  H N N 254 
PHE HB3  H N N 255 
PHE HD1  H N N 256 
PHE HD2  H N N 257 
PHE HE1  H N N 258 
PHE HE2  H N N 259 
PHE HZ   H N N 260 
PHE HXT  H N N 261 
PRO N    N N N 262 
PRO CA   C N S 263 
PRO C    C N N 264 
PRO O    O N N 265 
PRO CB   C N N 266 
PRO CG   C N N 267 
PRO CD   C N N 268 
PRO OXT  O N N 269 
PRO H    H N N 270 
PRO HA   H N N 271 
PRO HB2  H N N 272 
PRO HB3  H N N 273 
PRO HG2  H N N 274 
PRO HG3  H N N 275 
PRO HD2  H N N 276 
PRO HD3  H N N 277 
PRO HXT  H N N 278 
SER N    N N N 279 
SER CA   C N S 280 
SER C    C N N 281 
SER O    O N N 282 
SER CB   C N N 283 
SER OG   O N N 284 
SER OXT  O N N 285 
SER H    H N N 286 
SER H2   H N N 287 
SER HA   H N N 288 
SER HB2  H N N 289 
SER HB3  H N N 290 
SER HG   H N N 291 
SER HXT  H N N 292 
THR N    N N N 293 
THR CA   C N S 294 
THR C    C N N 295 
THR O    O N N 296 
THR CB   C N R 297 
THR OG1  O N N 298 
THR CG2  C N N 299 
THR OXT  O N N 300 
THR H    H N N 301 
THR H2   H N N 302 
THR HA   H N N 303 
THR HB   H N N 304 
THR HG1  H N N 305 
THR HG21 H N N 306 
THR HG22 H N N 307 
THR HG23 H N N 308 
THR HXT  H N N 309 
TRP N    N N N 310 
TRP CA   C N S 311 
TRP C    C N N 312 
TRP O    O N N 313 
TRP CB   C N N 314 
TRP CG   C Y N 315 
TRP CD1  C Y N 316 
TRP CD2  C Y N 317 
TRP NE1  N Y N 318 
TRP CE2  C Y N 319 
TRP CE3  C Y N 320 
TRP CZ2  C Y N 321 
TRP CZ3  C Y N 322 
TRP CH2  C Y N 323 
TRP OXT  O N N 324 
TRP H    H N N 325 
TRP H2   H N N 326 
TRP HA   H N N 327 
TRP HB2  H N N 328 
TRP HB3  H N N 329 
TRP HD1  H N N 330 
TRP HE1  H N N 331 
TRP HE3  H N N 332 
TRP HZ2  H N N 333 
TRP HZ3  H N N 334 
TRP HH2  H N N 335 
TRP HXT  H N N 336 
TYR N    N N N 337 
TYR CA   C N S 338 
TYR C    C N N 339 
TYR O    O N N 340 
TYR CB   C N N 341 
TYR CG   C Y N 342 
TYR CD1  C Y N 343 
TYR CD2  C Y N 344 
TYR CE1  C Y N 345 
TYR CE2  C Y N 346 
TYR CZ   C Y N 347 
TYR OH   O N N 348 
TYR OXT  O N N 349 
TYR H    H N N 350 
TYR H2   H N N 351 
TYR HA   H N N 352 
TYR HB2  H N N 353 
TYR HB3  H N N 354 
TYR HD1  H N N 355 
TYR HD2  H N N 356 
TYR HE1  H N N 357 
TYR HE2  H N N 358 
TYR HH   H N N 359 
TYR HXT  H N N 360 
VAL N    N N N 361 
VAL CA   C N S 362 
VAL C    C N N 363 
VAL O    O N N 364 
VAL CB   C N N 365 
VAL CG1  C N N 366 
VAL CG2  C N N 367 
VAL OXT  O N N 368 
VAL H    H N N 369 
VAL H2   H N N 370 
VAL HA   H N N 371 
VAL HB   H N N 372 
VAL HG11 H N N 373 
VAL HG12 H N N 374 
VAL HG13 H N N 375 
VAL HG21 H N N 376 
VAL HG22 H N N 377 
VAL HG23 H N N 378 
VAL HXT  H N N 379 
# 
loop_
_chem_comp_bond.comp_id 
_chem_comp_bond.atom_id_1 
_chem_comp_bond.atom_id_2 
_chem_comp_bond.value_order 
_chem_comp_bond.pdbx_aromatic_flag 
_chem_comp_bond.pdbx_stereo_config 
_chem_comp_bond.pdbx_ordinal 
ALA N   CA   sing N N 1   
ALA N   H    sing N N 2   
ALA N   H2   sing N N 3   
ALA CA  C    sing N N 4   
ALA CA  CB   sing N N 5   
ALA CA  HA   sing N N 6   
ALA C   O    doub N N 7   
ALA C   OXT  sing N N 8   
ALA CB  HB1  sing N N 9   
ALA CB  HB2  sing N N 10  
ALA CB  HB3  sing N N 11  
ALA OXT HXT  sing N N 12  
ARG N   CA   sing N N 13  
ARG N   H    sing N N 14  
ARG N   H2   sing N N 15  
ARG CA  C    sing N N 16  
ARG CA  CB   sing N N 17  
ARG CA  HA   sing N N 18  
ARG C   O    doub N N 19  
ARG C   OXT  sing N N 20  
ARG CB  CG   sing N N 21  
ARG CB  HB2  sing N N 22  
ARG CB  HB3  sing N N 23  
ARG CG  CD   sing N N 24  
ARG CG  HG2  sing N N 25  
ARG CG  HG3  sing N N 26  
ARG CD  NE   sing N N 27  
ARG CD  HD2  sing N N 28  
ARG CD  HD3  sing N N 29  
ARG NE  CZ   sing N N 30  
ARG NE  HE   sing N N 31  
ARG CZ  NH1  sing N N 32  
ARG CZ  NH2  doub N N 33  
ARG NH1 HH11 sing N N 34  
ARG NH1 HH12 sing N N 35  
ARG NH2 HH21 sing N N 36  
ARG NH2 HH22 sing N N 37  
ARG OXT HXT  sing N N 38  
ASN N   CA   sing N N 39  
ASN N   H    sing N N 40  
ASN N   H2   sing N N 41  
ASN CA  C    sing N N 42  
ASN CA  CB   sing N N 43  
ASN CA  HA   sing N N 44  
ASN C   O    doub N N 45  
ASN C   OXT  sing N N 46  
ASN CB  CG   sing N N 47  
ASN CB  HB2  sing N N 48  
ASN CB  HB3  sing N N 49  
ASN CG  OD1  doub N N 50  
ASN CG  ND2  sing N N 51  
ASN ND2 HD21 sing N N 52  
ASN ND2 HD22 sing N N 53  
ASN OXT HXT  sing N N 54  
ASP N   CA   sing N N 55  
ASP N   H    sing N N 56  
ASP N   H2   sing N N 57  
ASP CA  C    sing N N 58  
ASP CA  CB   sing N N 59  
ASP CA  HA   sing N N 60  
ASP C   O    doub N N 61  
ASP C   OXT  sing N N 62  
ASP CB  CG   sing N N 63  
ASP CB  HB2  sing N N 64  
ASP CB  HB3  sing N N 65  
ASP CG  OD1  doub N N 66  
ASP CG  OD2  sing N N 67  
ASP OD2 HD2  sing N N 68  
ASP OXT HXT  sing N N 69  
CYS N   CA   sing N N 70  
CYS N   H    sing N N 71  
CYS N   H2   sing N N 72  
CYS CA  C    sing N N 73  
CYS CA  CB   sing N N 74  
CYS CA  HA   sing N N 75  
CYS C   O    doub N N 76  
CYS C   OXT  sing N N 77  
CYS CB  SG   sing N N 78  
CYS CB  HB2  sing N N 79  
CYS CB  HB3  sing N N 80  
CYS SG  HG   sing N N 81  
CYS OXT HXT  sing N N 82  
EDO C1  O1   sing N N 83  
EDO C1  C2   sing N N 84  
EDO C1  H11  sing N N 85  
EDO C1  H12  sing N N 86  
EDO O1  HO1  sing N N 87  
EDO C2  O2   sing N N 88  
EDO C2  H21  sing N N 89  
EDO C2  H22  sing N N 90  
EDO O2  HO2  sing N N 91  
GLN N   CA   sing N N 92  
GLN N   H    sing N N 93  
GLN N   H2   sing N N 94  
GLN CA  C    sing N N 95  
GLN CA  CB   sing N N 96  
GLN CA  HA   sing N N 97  
GLN C   O    doub N N 98  
GLN C   OXT  sing N N 99  
GLN CB  CG   sing N N 100 
GLN CB  HB2  sing N N 101 
GLN CB  HB3  sing N N 102 
GLN CG  CD   sing N N 103 
GLN CG  HG2  sing N N 104 
GLN CG  HG3  sing N N 105 
GLN CD  OE1  doub N N 106 
GLN CD  NE2  sing N N 107 
GLN NE2 HE21 sing N N 108 
GLN NE2 HE22 sing N N 109 
GLN OXT HXT  sing N N 110 
GLU N   CA   sing N N 111 
GLU N   H    sing N N 112 
GLU N   H2   sing N N 113 
GLU CA  C    sing N N 114 
GLU CA  CB   sing N N 115 
GLU CA  HA   sing N N 116 
GLU C   O    doub N N 117 
GLU C   OXT  sing N N 118 
GLU CB  CG   sing N N 119 
GLU CB  HB2  sing N N 120 
GLU CB  HB3  sing N N 121 
GLU CG  CD   sing N N 122 
GLU CG  HG2  sing N N 123 
GLU CG  HG3  sing N N 124 
GLU CD  OE1  doub N N 125 
GLU CD  OE2  sing N N 126 
GLU OE2 HE2  sing N N 127 
GLU OXT HXT  sing N N 128 
GLY N   CA   sing N N 129 
GLY N   H    sing N N 130 
GLY N   H2   sing N N 131 
GLY CA  C    sing N N 132 
GLY CA  HA2  sing N N 133 
GLY CA  HA3  sing N N 134 
GLY C   O    doub N N 135 
GLY C   OXT  sing N N 136 
GLY OXT HXT  sing N N 137 
HOH O   H1   sing N N 138 
HOH O   H2   sing N N 139 
ILE N   CA   sing N N 140 
ILE N   H    sing N N 141 
ILE N   H2   sing N N 142 
ILE CA  C    sing N N 143 
ILE CA  CB   sing N N 144 
ILE CA  HA   sing N N 145 
ILE C   O    doub N N 146 
ILE C   OXT  sing N N 147 
ILE CB  CG1  sing N N 148 
ILE CB  CG2  sing N N 149 
ILE CB  HB   sing N N 150 
ILE CG1 CD1  sing N N 151 
ILE CG1 HG12 sing N N 152 
ILE CG1 HG13 sing N N 153 
ILE CG2 HG21 sing N N 154 
ILE CG2 HG22 sing N N 155 
ILE CG2 HG23 sing N N 156 
ILE CD1 HD11 sing N N 157 
ILE CD1 HD12 sing N N 158 
ILE CD1 HD13 sing N N 159 
ILE OXT HXT  sing N N 160 
LEU N   CA   sing N N 161 
LEU N   H    sing N N 162 
LEU N   H2   sing N N 163 
LEU CA  C    sing N N 164 
LEU CA  CB   sing N N 165 
LEU CA  HA   sing N N 166 
LEU C   O    doub N N 167 
LEU C   OXT  sing N N 168 
LEU CB  CG   sing N N 169 
LEU CB  HB2  sing N N 170 
LEU CB  HB3  sing N N 171 
LEU CG  CD1  sing N N 172 
LEU CG  CD2  sing N N 173 
LEU CG  HG   sing N N 174 
LEU CD1 HD11 sing N N 175 
LEU CD1 HD12 sing N N 176 
LEU CD1 HD13 sing N N 177 
LEU CD2 HD21 sing N N 178 
LEU CD2 HD22 sing N N 179 
LEU CD2 HD23 sing N N 180 
LEU OXT HXT  sing N N 181 
LYS N   CA   sing N N 182 
LYS N   H    sing N N 183 
LYS N   H2   sing N N 184 
LYS CA  C    sing N N 185 
LYS CA  CB   sing N N 186 
LYS CA  HA   sing N N 187 
LYS C   O    doub N N 188 
LYS C   OXT  sing N N 189 
LYS CB  CG   sing N N 190 
LYS CB  HB2  sing N N 191 
LYS CB  HB3  sing N N 192 
LYS CG  CD   sing N N 193 
LYS CG  HG2  sing N N 194 
LYS CG  HG3  sing N N 195 
LYS CD  CE   sing N N 196 
LYS CD  HD2  sing N N 197 
LYS CD  HD3  sing N N 198 
LYS CE  NZ   sing N N 199 
LYS CE  HE2  sing N N 200 
LYS CE  HE3  sing N N 201 
LYS NZ  HZ1  sing N N 202 
LYS NZ  HZ2  sing N N 203 
LYS NZ  HZ3  sing N N 204 
LYS OXT HXT  sing N N 205 
MET N   CA   sing N N 206 
MET N   H    sing N N 207 
MET N   H2   sing N N 208 
MET CA  C    sing N N 209 
MET CA  CB   sing N N 210 
MET CA  HA   sing N N 211 
MET C   O    doub N N 212 
MET C   OXT  sing N N 213 
MET CB  CG   sing N N 214 
MET CB  HB2  sing N N 215 
MET CB  HB3  sing N N 216 
MET CG  SD   sing N N 217 
MET CG  HG2  sing N N 218 
MET CG  HG3  sing N N 219 
MET SD  CE   sing N N 220 
MET CE  HE1  sing N N 221 
MET CE  HE2  sing N N 222 
MET CE  HE3  sing N N 223 
MET OXT HXT  sing N N 224 
PHE N   CA   sing N N 225 
PHE N   H    sing N N 226 
PHE N   H2   sing N N 227 
PHE CA  C    sing N N 228 
PHE CA  CB   sing N N 229 
PHE CA  HA   sing N N 230 
PHE C   O    doub N N 231 
PHE C   OXT  sing N N 232 
PHE CB  CG   sing N N 233 
PHE CB  HB2  sing N N 234 
PHE CB  HB3  sing N N 235 
PHE CG  CD1  doub Y N 236 
PHE CG  CD2  sing Y N 237 
PHE CD1 CE1  sing Y N 238 
PHE CD1 HD1  sing N N 239 
PHE CD2 CE2  doub Y N 240 
PHE CD2 HD2  sing N N 241 
PHE CE1 CZ   doub Y N 242 
PHE CE1 HE1  sing N N 243 
PHE CE2 CZ   sing Y N 244 
PHE CE2 HE2  sing N N 245 
PHE CZ  HZ   sing N N 246 
PHE OXT HXT  sing N N 247 
PRO N   CA   sing N N 248 
PRO N   CD   sing N N 249 
PRO N   H    sing N N 250 
PRO CA  C    sing N N 251 
PRO CA  CB   sing N N 252 
PRO CA  HA   sing N N 253 
PRO C   O    doub N N 254 
PRO C   OXT  sing N N 255 
PRO CB  CG   sing N N 256 
PRO CB  HB2  sing N N 257 
PRO CB  HB3  sing N N 258 
PRO CG  CD   sing N N 259 
PRO CG  HG2  sing N N 260 
PRO CG  HG3  sing N N 261 
PRO CD  HD2  sing N N 262 
PRO CD  HD3  sing N N 263 
PRO OXT HXT  sing N N 264 
SER N   CA   sing N N 265 
SER N   H    sing N N 266 
SER N   H2   sing N N 267 
SER CA  C    sing N N 268 
SER CA  CB   sing N N 269 
SER CA  HA   sing N N 270 
SER C   O    doub N N 271 
SER C   OXT  sing N N 272 
SER CB  OG   sing N N 273 
SER CB  HB2  sing N N 274 
SER CB  HB3  sing N N 275 
SER OG  HG   sing N N 276 
SER OXT HXT  sing N N 277 
THR N   CA   sing N N 278 
THR N   H    sing N N 279 
THR N   H2   sing N N 280 
THR CA  C    sing N N 281 
THR CA  CB   sing N N 282 
THR CA  HA   sing N N 283 
THR C   O    doub N N 284 
THR C   OXT  sing N N 285 
THR CB  OG1  sing N N 286 
THR CB  CG2  sing N N 287 
THR CB  HB   sing N N 288 
THR OG1 HG1  sing N N 289 
THR CG2 HG21 sing N N 290 
THR CG2 HG22 sing N N 291 
THR CG2 HG23 sing N N 292 
THR OXT HXT  sing N N 293 
TRP N   CA   sing N N 294 
TRP N   H    sing N N 295 
TRP N   H2   sing N N 296 
TRP CA  C    sing N N 297 
TRP CA  CB   sing N N 298 
TRP CA  HA   sing N N 299 
TRP C   O    doub N N 300 
TRP C   OXT  sing N N 301 
TRP CB  CG   sing N N 302 
TRP CB  HB2  sing N N 303 
TRP CB  HB3  sing N N 304 
TRP CG  CD1  doub Y N 305 
TRP CG  CD2  sing Y N 306 
TRP CD1 NE1  sing Y N 307 
TRP CD1 HD1  sing N N 308 
TRP CD2 CE2  doub Y N 309 
TRP CD2 CE3  sing Y N 310 
TRP NE1 CE2  sing Y N 311 
TRP NE1 HE1  sing N N 312 
TRP CE2 CZ2  sing Y N 313 
TRP CE3 CZ3  doub Y N 314 
TRP CE3 HE3  sing N N 315 
TRP CZ2 CH2  doub Y N 316 
TRP CZ2 HZ2  sing N N 317 
TRP CZ3 CH2  sing Y N 318 
TRP CZ3 HZ3  sing N N 319 
TRP CH2 HH2  sing N N 320 
TRP OXT HXT  sing N N 321 
TYR N   CA   sing N N 322 
TYR N   H    sing N N 323 
TYR N   H2   sing N N 324 
TYR CA  C    sing N N 325 
TYR CA  CB   sing N N 326 
TYR CA  HA   sing N N 327 
TYR C   O    doub N N 328 
TYR C   OXT  sing N N 329 
TYR CB  CG   sing N N 330 
TYR CB  HB2  sing N N 331 
TYR CB  HB3  sing N N 332 
TYR CG  CD1  doub Y N 333 
TYR CG  CD2  sing Y N 334 
TYR CD1 CE1  sing Y N 335 
TYR CD1 HD1  sing N N 336 
TYR CD2 CE2  doub Y N 337 
TYR CD2 HD2  sing N N 338 
TYR CE1 CZ   doub Y N 339 
TYR CE1 HE1  sing N N 340 
TYR CE2 CZ   sing Y N 341 
TYR CE2 HE2  sing N N 342 
TYR CZ  OH   sing N N 343 
TYR OH  HH   sing N N 344 
TYR OXT HXT  sing N N 345 
VAL N   CA   sing N N 346 
VAL N   H    sing N N 347 
VAL N   H2   sing N N 348 
VAL CA  C    sing N N 349 
VAL CA  CB   sing N N 350 
VAL CA  HA   sing N N 351 
VAL C   O    doub N N 352 
VAL C   OXT  sing N N 353 
VAL CB  CG1  sing N N 354 
VAL CB  CG2  sing N N 355 
VAL CB  HB   sing N N 356 
VAL CG1 HG11 sing N N 357 
VAL CG1 HG12 sing N N 358 
VAL CG1 HG13 sing N N 359 
VAL CG2 HG21 sing N N 360 
VAL CG2 HG22 sing N N 361 
VAL CG2 HG23 sing N N 362 
VAL OXT HXT  sing N N 363 
# 
_pdbx_initial_refinement_model.id               1 
_pdbx_initial_refinement_model.entity_id_list   ? 
_pdbx_initial_refinement_model.type             'experimental model' 
_pdbx_initial_refinement_model.source_name      PDB 
_pdbx_initial_refinement_model.accession_code   1THV 
_pdbx_initial_refinement_model.details          'PDB entry 1THV' 
# 
_atom_sites.entry_id                    1Z3Q 
_atom_sites.fract_transf_matrix[1][1]   0.00686190 
_atom_sites.fract_transf_matrix[1][2]   -0.00725435 
_atom_sites.fract_transf_matrix[1][3]   0.02109607 
_atom_sites.fract_transf_matrix[2][1]   0.01240637 
_atom_sites.fract_transf_matrix[2][2]   0.01426468 
_atom_sites.fract_transf_matrix[2][3]   0.00086982 
_atom_sites.fract_transf_matrix[3][1]   -0.00862921 
_atom_sites.fract_transf_matrix[3][2]   0.00718328 
_atom_sites.fract_transf_matrix[3][3]   0.00527694 
_atom_sites.fract_transf_vector[1]      0.389416 
_atom_sites.fract_transf_vector[2]      0.450624 
_atom_sites.fract_transf_vector[3]      0.123908 
# 
loop_
_atom_type.symbol 
C 
N 
O 
S 
# 
loop_
_atom_site.group_PDB 
_atom_site.id 
_atom_site.type_symbol 
_atom_site.label_atom_id 
_atom_site.label_alt_id 
_atom_site.label_comp_id 
_atom_site.label_asym_id 
_atom_site.label_entity_id 
_atom_site.label_seq_id 
_atom_site.pdbx_PDB_ins_code 
_atom_site.Cartn_x 
_atom_site.Cartn_y 
_atom_site.Cartn_z 
_atom_site.occupancy 
_atom_site.B_iso_or_equiv 
_atom_site.pdbx_formal_charge 
_atom_site.auth_seq_id 
_atom_site.auth_comp_id 
_atom_site.auth_asym_id 
_atom_site.auth_atom_id 
_atom_site.pdbx_PDB_model_num 
ATOM   1    N N   . ALA A 1 1   ? -9.171  -14.399 8.189   1.00 12.03 ? 1    ALA A N   1 
ATOM   2    C CA  . ALA A 1 1   ? -8.757  -13.110 8.826   1.00 11.69 ? 1    ALA A CA  1 
ATOM   3    C C   . ALA A 1 1   ? -9.618  -11.987 8.273   1.00 11.33 ? 1    ALA A C   1 
ATOM   4    O O   . ALA A 1 1   ? -9.844  -11.902 7.057   1.00 12.39 ? 1    ALA A O   1 
ATOM   5    C CB  . ALA A 1 1   ? -7.295  -12.826 8.549   1.00 11.79 ? 1    ALA A CB  1 
ATOM   6    N N   . THR A 1 2   ? -10.069 -11.106 9.145   1.00 10.82 ? 2    THR A N   1 
ATOM   7    C CA  . THR A 1 2   ? -10.887 -9.979  8.735   1.00 10.39 ? 2    THR A CA  1 
ATOM   8    C C   . THR A 1 2   ? -10.027 -8.773  8.397   1.00 9.69  ? 2    THR A C   1 
ATOM   9    O O   . THR A 1 2   ? -9.175  -8.390  9.196   1.00 9.69  ? 2    THR A O   1 
ATOM   10   C CB  . THR A 1 2   ? -11.854 -9.611  9.848   1.00 10.60 ? 2    THR A CB  1 
ATOM   11   O OG1 . THR A 1 2   ? -12.725 -10.738 10.104  1.00 11.51 ? 2    THR A OG1 1 
ATOM   12   C CG2 . THR A 1 2   ? -12.739 -8.458  9.407   1.00 11.71 ? 2    THR A CG2 1 
ATOM   13   N N   . PHE A 1 3   ? -10.233 -8.202  7.196   1.00 8.76  ? 3    PHE A N   1 
ATOM   14   C CA  . PHE A 1 3   ? -9.623  -6.930  6.813   1.00 9.32  ? 3    PHE A CA  1 
ATOM   15   C C   . PHE A 1 3   ? -10.726 -5.927  6.508   1.00 10.14 ? 3    PHE A C   1 
ATOM   16   O O   . PHE A 1 3   ? -11.539 -6.157  5.618   1.00 10.54 ? 3    PHE A O   1 
ATOM   17   C CB  . PHE A 1 3   ? -8.726  -7.061  5.568   1.00 9.39  ? 3    PHE A CB  1 
ATOM   18   C CG  . PHE A 1 3   ? -7.416  -7.711  5.830   1.00 8.85  ? 3    PHE A CG  1 
ATOM   19   C CD1 . PHE A 1 3   ? -7.350  -9.071  6.066   1.00 9.18  ? 3    PHE A CD1 1 
ATOM   20   C CD2 . PHE A 1 3   ? -6.243  -6.967  5.848   1.00 9.01  ? 3    PHE A CD2 1 
ATOM   21   C CE1 . PHE A 1 3   ? -6.144  -9.686  6.323   1.00 9.65  ? 3    PHE A CE1 1 
ATOM   22   C CE2 . PHE A 1 3   ? -5.015  -7.587  6.115   1.00 9.46  ? 3    PHE A CE2 1 
ATOM   23   C CZ  . PHE A 1 3   ? -4.984  -8.942  6.348   1.00 8.17  ? 3    PHE A CZ  1 
ATOM   24   N N   . GLU A 1 4   ? -10.746 -4.829  7.256   1.00 9.59  ? 4    GLU A N   1 
ATOM   25   C CA  . GLU A 1 4   ? -11.691 -3.744  7.048   1.00 10.14 ? 4    GLU A CA  1 
ATOM   26   C C   . GLU A 1 4   ? -10.927 -2.587  6.428   1.00 10.11 ? 4    GLU A C   1 
ATOM   27   O O   . GLU A 1 4   ? -9.904  -2.150  6.947   1.00 10.11 ? 4    GLU A O   1 
ATOM   28   C CB  . GLU A 1 4   ? -12.311 -3.297  8.371   1.00 10.61 ? 4    GLU A CB  1 
ATOM   29   C CG  . GLU A 1 4   ? -13.395 -2.240  8.219   1.00 10.96 ? 4    GLU A CG  1 
ATOM   30   C CD  . GLU A 1 4   ? -14.029 -1.821  9.538   1.00 14.71 ? 4    GLU A CD  1 
ATOM   31   O OE1 . GLU A 1 4   ? -13.499 -2.158  10.613  1.00 15.44 ? 4    GLU A OE1 1 
ATOM   32   O OE2 . GLU A 1 4   ? -15.062 -1.124  9.487   1.00 15.58 ? 4    GLU A OE2 1 
ATOM   33   N N   . ILE A 1 5   ? -11.446 -2.082  5.322   1.00 9.48  ? 5    ILE A N   1 
ATOM   34   C CA  . ILE A 1 5   ? -10.818 -0.995  4.574   1.00 9.31  ? 5    ILE A CA  1 
ATOM   35   C C   . ILE A 1 5   ? -11.762 0.207   4.605   1.00 10.10 ? 5    ILE A C   1 
ATOM   36   O O   . ILE A 1 5   ? -12.905 0.105   4.182   1.00 10.57 ? 5    ILE A O   1 
ATOM   37   C CB  . ILE A 1 5   ? -10.575 -1.441  3.125   1.00 9.19  ? 5    ILE A CB  1 
ATOM   38   C CG1 . ILE A 1 5   ? -9.720  -2.729  3.112   1.00 9.81  ? 5    ILE A CG1 1 
ATOM   39   C CG2 . ILE A 1 5   ? -9.923  -0.315  2.354   1.00 8.79  ? 5    ILE A CG2 1 
ATOM   40   C CD1 . ILE A 1 5   ? -9.780  -3.532  1.828   1.00 11.39 ? 5    ILE A CD1 1 
ATOM   41   N N   . VAL A 1 6   ? -11.257 1.341   5.080   1.00 10.38 ? 6    VAL A N   1 
ATOM   42   C CA  . VAL A 1 6   ? -12.065 2.510   5.403   1.00 11.07 ? 6    VAL A CA  1 
ATOM   43   C C   . VAL A 1 6   ? -11.485 3.741   4.741   1.00 10.53 ? 6    VAL A C   1 
ATOM   44   O O   . VAL A 1 6   ? -10.286 4.025   4.888   1.00 10.65 ? 6    VAL A O   1 
ATOM   45   C CB  . VAL A 1 6   ? -12.098 2.740   6.931   1.00 11.81 ? 6    VAL A CB  1 
ATOM   46   C CG1 . VAL A 1 6   ? -12.995 3.930   7.286   1.00 13.84 ? 6    VAL A CG1 1 
ATOM   47   C CG2 . VAL A 1 6   ? -12.529 1.455   7.654   1.00 13.63 ? 6    VAL A CG2 1 
ATOM   48   N N   . ASN A 1 7   ? -12.327 4.474   4.014   1.00 10.94 ? 7    ASN A N   1 
ATOM   49   C CA  . ASN A 1 7   ? -11.917 5.746   3.420   1.00 10.84 ? 7    ASN A CA  1 
ATOM   50   C C   . ASN A 1 7   ? -12.379 6.933   4.258   1.00 11.44 ? 7    ASN A C   1 
ATOM   51   O O   . ASN A 1 7   ? -13.574 7.225   4.321   1.00 11.71 ? 7    ASN A O   1 
ATOM   52   C CB  . ASN A 1 7   ? -12.502 5.904   2.015   1.00 11.08 ? 7    ASN A CB  1 
ATOM   53   C CG  . ASN A 1 7   ? -12.029 7.181   1.347   1.00 11.63 ? 7    ASN A CG  1 
ATOM   54   O OD1 . ASN A 1 7   ? -12.693 7.745   0.453   1.00 13.93 ? 7    ASN A OD1 1 
ATOM   55   N ND2 . ASN A 1 7   ? -10.877 7.643   1.770   1.00 6.55  ? 7    ASN A ND2 1 
ATOM   56   N N   . ARG A 1 8   ? -11.442 7.611   4.908   1.00 11.14 ? 8    ARG A N   1 
ATOM   57   C CA  . ARG A 1 8   ? -11.761 8.842   5.626   1.00 12.51 ? 8    ARG A CA  1 
ATOM   58   C C   . ARG A 1 8   ? -11.359 10.072  4.828   1.00 12.30 ? 8    ARG A C   1 
ATOM   59   O O   . ARG A 1 8   ? -11.584 11.192  5.273   1.00 13.18 ? 8    ARG A O   1 
ATOM   60   C CB  . ARG A 1 8   ? -11.101 8.829   7.000   1.00 13.22 ? 8    ARG A CB  1 
ATOM   61   C CG  . ARG A 1 8   ? -11.729 7.799   7.903   1.00 16.71 ? 8    ARG A CG  1 
ATOM   62   C CD  . ARG A 1 8   ? -11.255 7.824   9.337   1.00 21.54 ? 8    ARG A CD  1 
ATOM   63   N NE  . ARG A 1 8   ? -12.110 6.959   10.172  1.00 26.12 ? 8    ARG A NE  1 
ATOM   64   C CZ  . ARG A 1 8   ? -11.799 6.521   11.391  1.00 28.83 ? 8    ARG A CZ  1 
ATOM   65   N NH1 . ARG A 1 8   ? -12.654 5.740   12.053  1.00 30.95 ? 8    ARG A NH1 1 
ATOM   66   N NH2 . ARG A 1 8   ? -10.646 6.854   11.956  1.00 30.26 ? 8    ARG A NH2 1 
ATOM   67   N N   . CYS A 1 9   ? -10.782 9.882   3.646   1.00 11.75 ? 9    CYS A N   1 
ATOM   68   C CA  . CYS A 1 9   ? -10.476 11.017  2.755   1.00 12.18 ? 9    CYS A CA  1 
ATOM   69   C C   . CYS A 1 9   ? -11.753 11.697  2.273   1.00 12.39 ? 9    CYS A C   1 
ATOM   70   O O   . CYS A 1 9   ? -12.788 11.052  2.102   1.00 13.39 ? 9    CYS A O   1 
ATOM   71   C CB  . CYS A 1 9   ? -9.677  10.582  1.532   1.00 11.71 ? 9    CYS A CB  1 
ATOM   72   S SG  . CYS A 1 9   ? -8.215  9.587   1.896   1.00 11.22 ? 9    CYS A SG  1 
ATOM   73   N N   . SER A 1 10  ? -11.686 13.003  2.034   1.00 13.59 ? 10   SER A N   1 
ATOM   74   C CA  . SER A 1 10  ? -12.851 13.702  1.479   1.00 14.34 ? 10   SER A CA  1 
ATOM   75   C C   . SER A 1 10  ? -13.127 13.257  0.035   1.00 13.88 ? 10   SER A C   1 
ATOM   76   O O   . SER A 1 10  ? -14.283 13.235  -0.439  1.00 14.61 ? 10   SER A O   1 
ATOM   77   C CB  . SER A 1 10  ? -12.660 15.220  1.584   1.00 15.37 ? 10   SER A CB  1 
ATOM   78   O OG  . SER A 1 10  ? -11.529 15.645  0.845   1.00 17.92 ? 10   SER A OG  1 
ATOM   79   N N   . TYR A 1 11  ? -12.063 12.884  -0.661  1.00 12.27 ? 11   TYR A N   1 
ATOM   80   C CA  . TYR A 1 11  ? -12.154 12.402  -2.025  1.00 12.15 ? 11   TYR A CA  1 
ATOM   81   C C   . TYR A 1 11  ? -12.391 10.895  -2.089  1.00 12.21 ? 11   TYR A C   1 
ATOM   82   O O   . TYR A 1 11  ? -12.021 10.136  -1.185  1.00 11.45 ? 11   TYR A O   1 
ATOM   83   C CB  . TYR A 1 11  ? -10.894 12.757  -2.821  1.00 12.59 ? 11   TYR A CB  1 
ATOM   84   C CG  . TYR A 1 11  ? -9.584  12.382  -2.167  1.00 12.15 ? 11   TYR A CG  1 
ATOM   85   C CD1 . TYR A 1 11  ? -9.052  11.111  -2.307  1.00 11.94 ? 11   TYR A CD1 1 
ATOM   86   C CD2 . TYR A 1 11  ? -8.860  13.309  -1.423  1.00 12.63 ? 11   TYR A CD2 1 
ATOM   87   C CE1 . TYR A 1 11  ? -7.839  10.761  -1.712  1.00 11.36 ? 11   TYR A CE1 1 
ATOM   88   C CE2 . TYR A 1 11  ? -7.658  12.973  -0.825  1.00 12.32 ? 11   TYR A CE2 1 
ATOM   89   C CZ  . TYR A 1 11  ? -7.144  11.692  -0.972  1.00 12.82 ? 11   TYR A CZ  1 
ATOM   90   O OH  . TYR A 1 11  ? -5.942  11.367  -0.375  1.00 13.82 ? 11   TYR A OH  1 
ATOM   91   N N   . THR A 1 12  ? -12.990 10.464  -3.188  1.00 11.45 ? 12   THR A N   1 
ATOM   92   C CA  . THR A 1 12  ? -13.281 9.061   -3.378  1.00 12.15 ? 12   THR A CA  1 
ATOM   93   C C   . THR A 1 12  ? -11.994 8.283   -3.559  1.00 11.51 ? 12   THR A C   1 
ATOM   94   O O   . THR A 1 12  ? -11.080 8.743   -4.225  1.00 12.28 ? 12   THR A O   1 
ATOM   95   C CB  . THR A 1 12  ? -14.196 8.892   -4.596  1.00 12.14 ? 12   THR A CB  1 
ATOM   96   O OG1 . THR A 1 12  ? -15.446 9.549   -4.334  1.00 15.36 ? 12   THR A OG1 1 
ATOM   97   C CG2 . THR A 1 12  ? -14.562 7.437   -4.807  1.00 12.61 ? 12   THR A CG2 1 
ATOM   98   N N   . VAL A 1 13  ? -11.946 7.097   -2.956  1.00 10.64 ? 13   VAL A N   1 
ATOM   99   C CA  . VAL A 1 13  ? -10.824 6.177   -3.113  1.00 10.35 ? 13   VAL A CA  1 
ATOM   100  C C   . VAL A 1 13  ? -11.435 4.849   -3.527  1.00 10.13 ? 13   VAL A C   1 
ATOM   101  O O   . VAL A 1 13  ? -12.361 4.371   -2.886  1.00 10.61 ? 13   VAL A O   1 
ATOM   102  C CB  . VAL A 1 13  ? -10.027 6.001   -1.806  1.00 10.32 ? 13   VAL A CB  1 
ATOM   103  C CG1 . VAL A 1 13  ? -8.925  4.949   -1.982  1.00 10.52 ? 13   VAL A CG1 1 
ATOM   104  C CG2 . VAL A 1 13  ? -9.454  7.316   -1.330  1.00 10.83 ? 13   VAL A CG2 1 
ATOM   105  N N   . TRP A 1 14  ? -10.933 4.283   -4.615  1.00 10.34 ? 14   TRP A N   1 
ATOM   106  C CA  . TRP A 1 14  ? -11.365 2.987   -5.079  1.00 10.16 ? 14   TRP A CA  1 
ATOM   107  C C   . TRP A 1 14  ? -10.414 1.991   -4.465  1.00 10.16 ? 14   TRP A C   1 
ATOM   108  O O   . TRP A 1 14  ? -9.298  1.818   -4.915  1.00 9.56  ? 14   TRP A O   1 
ATOM   109  C CB  . TRP A 1 14  ? -11.344 2.918   -6.599  1.00 10.93 ? 14   TRP A CB  1 
ATOM   110  C CG  . TRP A 1 14  ? -12.494 3.667   -7.244  1.00 10.68 ? 14   TRP A CG  1 
ATOM   111  C CD1 . TRP A 1 14  ? -13.635 3.117   -7.743  1.00 12.51 ? 14   TRP A CD1 1 
ATOM   112  C CD2 . TRP A 1 14  ? -12.616 5.092   -7.456  1.00 11.59 ? 14   TRP A CD2 1 
ATOM   113  N NE1 . TRP A 1 14  ? -14.444 4.089   -8.281  1.00 12.86 ? 14   TRP A NE1 1 
ATOM   114  C CE2 . TRP A 1 14  ? -13.846 5.309   -8.122  1.00 12.73 ? 14   TRP A CE2 1 
ATOM   115  C CE3 . TRP A 1 14  ? -11.790 6.196   -7.204  1.00 11.32 ? 14   TRP A CE3 1 
ATOM   116  C CZ2 . TRP A 1 14  ? -14.275 6.577   -8.502  1.00 12.52 ? 14   TRP A CZ2 1 
ATOM   117  C CZ3 . TRP A 1 14  ? -12.214 7.462   -7.584  1.00 11.98 ? 14   TRP A CZ3 1 
ATOM   118  C CH2 . TRP A 1 14  ? -13.456 7.634   -8.230  1.00 12.06 ? 14   TRP A CH2 1 
ATOM   119  N N   . ALA A 1 15  ? -10.859 1.374   -3.384  1.00 9.72  ? 15   ALA A N   1 
ATOM   120  C CA  . ALA A 1 15  ? -10.062 0.372   -2.705  1.00 9.39  ? 15   ALA A CA  1 
ATOM   121  C C   . ALA A 1 15  ? -9.791  -0.809  -3.619  1.00 8.86  ? 15   ALA A C   1 
ATOM   122  O O   . ALA A 1 15  ? -10.633 -1.182  -4.442  1.00 8.60  ? 15   ALA A O   1 
ATOM   123  C CB  . ALA A 1 15  ? -10.790 -0.104  -1.438  1.00 8.92  ? 15   ALA A CB  1 
ATOM   124  N N   . ALA A 1 16  ? -8.634  -1.434  -3.421  1.00 8.84  ? 16   ALA A N   1 
ATOM   125  C CA  . ALA A 1 16  ? -8.222  -2.612  -4.171  1.00 8.46  ? 16   ALA A CA  1 
ATOM   126  C C   . ALA A 1 16  ? -7.588  -3.580  -3.190  1.00 8.98  ? 16   ALA A C   1 
ATOM   127  O O   . ALA A 1 16  ? -6.888  -3.179  -2.262  1.00 7.75  ? 16   ALA A O   1 
ATOM   128  C CB  . ALA A 1 16  ? -7.224  -2.226  -5.244  1.00 8.64  ? 16   ALA A CB  1 
ATOM   129  N N   . ALA A 1 17  ? -7.788  -4.863  -3.432  1.00 9.07  ? 17   ALA A N   1 
ATOM   130  C CA  . ALA A 1 17  ? -7.260  -5.882  -2.548  1.00 9.13  ? 17   ALA A CA  1 
ATOM   131  C C   . ALA A 1 17  ? -6.917  -7.133  -3.347  1.00 9.73  ? 17   ALA A C   1 
ATOM   132  O O   . ALA A 1 17  ? -7.730  -7.614  -4.148  1.00 10.25 ? 17   ALA A O   1 
ATOM   133  C CB  . ALA A 1 17  ? -8.277  -6.228  -1.466  1.00 9.24  ? 17   ALA A CB  1 
ATOM   134  N N   . VAL A 1 18  ? -5.734  -7.672  -3.074  1.00 9.92  ? 18   VAL A N   1 
ATOM   135  C CA  . VAL A 1 18  ? -5.318  -8.986  -3.562  1.00 10.73 ? 18   VAL A CA  1 
ATOM   136  C C   . VAL A 1 18  ? -5.030  -9.852  -2.345  1.00 11.44 ? 18   VAL A C   1 
ATOM   137  O O   . VAL A 1 18  ? -4.026  -9.617  -1.657  1.00 12.26 ? 18   VAL A O   1 
ATOM   138  C CB  . VAL A 1 18  ? -4.061  -8.877  -4.428  1.00 10.99 ? 18   VAL A CB  1 
ATOM   139  C CG1 . VAL A 1 18  ? -3.536  -10.265 -4.791  1.00 12.77 ? 18   VAL A CG1 1 
ATOM   140  C CG2 . VAL A 1 18  ? -4.381  -8.075  -5.683  1.00 11.87 ? 18   VAL A CG2 1 
ATOM   141  N N   . PRO A 1 19  ? -5.908  -10.786 -1.990  1.00 11.82 ? 19   PRO A N   1 
ATOM   142  C CA  . PRO A 1 19  ? -7.181  -11.075 -2.648  1.00 11.79 ? 19   PRO A CA  1 
ATOM   143  C C   . PRO A 1 19  ? -8.299  -10.165 -2.139  1.00 11.64 ? 19   PRO A C   1 
ATOM   144  O O   . PRO A 1 19  ? -8.155  -9.518  -1.100  1.00 11.23 ? 19   PRO A O   1 
ATOM   145  C CB  . PRO A 1 19  ? -7.457  -12.506 -2.187  1.00 12.74 ? 19   PRO A CB  1 
ATOM   146  C CG  . PRO A 1 19  ? -6.956  -12.498 -0.755  1.00 13.63 ? 19   PRO A CG  1 
ATOM   147  C CD  . PRO A 1 19  ? -5.738  -11.604 -0.782  1.00 12.58 ? 19   PRO A CD  1 
ATOM   148  N N   . GLY A 1 20  ? -9.399  -10.097 -2.888  1.00 11.46 ? 20   GLY A N   1 
ATOM   149  C CA  . GLY A 1 20  ? -10.584 -9.384  -2.467  1.00 11.34 ? 20   GLY A CA  1 
ATOM   150  C C   . GLY A 1 20  ? -11.298 -8.670  -3.601  1.00 10.96 ? 20   GLY A C   1 
ATOM   151  O O   . GLY A 1 20  ? -12.536 -8.688  -3.672  1.00 12.44 ? 20   GLY A O   1 
ATOM   152  N N   . GLY A 1 21  ? -10.538 -8.043  -4.482  1.00 10.00 ? 21   GLY A N   1 
ATOM   153  C CA  . GLY A 1 21  ? -11.106 -7.382  -5.655  1.00 10.09 ? 21   GLY A CA  1 
ATOM   154  C C   . GLY A 1 21  ? -11.002 -5.871  -5.529  1.00 10.36 ? 21   GLY A C   1 
ATOM   155  O O   . GLY A 1 21  ? -9.928  -5.329  -5.392  1.00 10.18 ? 21   GLY A O   1 
ATOM   156  N N   . GLY A 1 22  ? -12.130 -5.182  -5.606  1.00 10.60 ? 22   GLY A N   1 
ATOM   157  C CA  . GLY A 1 22  ? -12.114 -3.739  -5.456  1.00 11.16 ? 22   GLY A CA  1 
ATOM   158  C C   . GLY A 1 22  ? -13.496 -3.154  -5.318  1.00 12.23 ? 22   GLY A C   1 
ATOM   159  O O   . GLY A 1 22  ? -14.491 -3.772  -5.709  1.00 13.55 ? 22   GLY A O   1 
ATOM   160  N N   . ARG A 1 23  ? -13.542 -1.948  -4.769  1.00 12.54 ? 23   ARG A N   1 
ATOM   161  C CA  . ARG A 1 23  ? -14.790 -1.263  -4.457  1.00 13.76 ? 23   ARG A CA  1 
ATOM   162  C C   . ARG A 1 23  ? -14.585 0.240   -4.381  1.00 12.41 ? 23   ARG A C   1 
ATOM   163  O O   . ARG A 1 23  ? -13.639 0.707   -3.782  1.00 12.13 ? 23   ARG A O   1 
ATOM   164  C CB  . ARG A 1 23  ? -15.280 -1.737  -3.076  1.00 14.39 ? 23   ARG A CB  1 
ATOM   165  C CG  . ARG A 1 23  ? -16.616 -1.217  -2.689  1.00 20.36 ? 23   ARG A CG  1 
ATOM   166  C CD  . ARG A 1 23  ? -17.259 -1.989  -1.576  1.00 24.06 ? 23   ARG A CD  1 
ATOM   167  N NE  . ARG A 1 23  ? -17.594 -3.361  -1.955  1.00 26.65 ? 23   ARG A NE  1 
ATOM   168  C CZ  . ARG A 1 23  ? -18.384 -4.148  -1.226  1.00 27.28 ? 23   ARG A CZ  1 
ATOM   169  N NH1 . ARG A 1 23  ? -18.900 -3.698  -0.093  1.00 27.43 ? 23   ARG A NH1 1 
ATOM   170  N NH2 . ARG A 1 23  ? -18.644 -5.386  -1.618  1.00 28.69 ? 23   ARG A NH2 1 
ATOM   171  N N   . GLN A 1 24  ? -15.524 1.001   -4.936  1.00 11.60 ? 24   GLN A N   1 
ATOM   172  C CA  . GLN A 1 24  ? -15.563 2.438   -4.713  1.00 11.66 ? 24   GLN A CA  1 
ATOM   173  C C   . GLN A 1 24  ? -15.923 2.750   -3.292  1.00 11.13 ? 24   GLN A C   1 
ATOM   174  O O   . GLN A 1 24  ? -16.939 2.279   -2.801  1.00 11.55 ? 24   GLN A O   1 
ATOM   175  C CB  . GLN A 1 24  ? -16.601 3.095   -5.642  1.00 11.99 ? 24   GLN A CB  1 
ATOM   176  C CG  . GLN A 1 24  ? -16.607 4.624   -5.563  1.00 12.68 ? 24   GLN A CG  1 
ATOM   177  C CD  . GLN A 1 24  ? -17.704 5.293   -6.418  1.00 16.17 ? 24   GLN A CD  1 
ATOM   178  O OE1 . GLN A 1 24  ? -18.206 6.383   -6.074  1.00 20.73 ? 24   GLN A OE1 1 
ATOM   179  N NE2 . GLN A 1 24  ? -18.067 4.665   -7.501  1.00 13.43 ? 24   GLN A NE2 1 
ATOM   180  N N   . LEU A 1 25  ? -15.092 3.549   -2.634  1.00 10.97 ? 25   LEU A N   1 
ATOM   181  C CA  . LEU A 1 25  ? -15.375 4.059   -1.299  1.00 10.54 ? 25   LEU A CA  1 
ATOM   182  C C   . LEU A 1 25  ? -15.412 5.571   -1.316  1.00 11.47 ? 25   LEU A C   1 
ATOM   183  O O   . LEU A 1 25  ? -14.377 6.246   -1.358  1.00 11.08 ? 25   LEU A O   1 
ATOM   184  C CB  . LEU A 1 25  ? -14.335 3.570   -0.278  1.00 10.32 ? 25   LEU A CB  1 
ATOM   185  C CG  . LEU A 1 25  ? -14.171 2.054   -0.156  1.00 10.17 ? 25   LEU A CG  1 
ATOM   186  C CD1 . LEU A 1 25  ? -13.059 1.760   0.874   1.00 11.70 ? 25   LEU A CD1 1 
ATOM   187  C CD2 . LEU A 1 25  ? -15.440 1.376   0.258   1.00 10.50 ? 25   LEU A CD2 1 
ATOM   188  N N   . ASN A 1 26  ? -16.620 6.116   -1.295  1.00 12.52 ? 26   ASN A N   1 
ATOM   189  C CA  . ASN A 1 26  ? -16.768 7.534   -1.053  1.00 13.47 ? 26   ASN A CA  1 
ATOM   190  C C   . ASN A 1 26  ? -16.366 7.834   0.389   1.00 13.31 ? 26   ASN A C   1 
ATOM   191  O O   . ASN A 1 26  ? -16.206 6.927   1.204   1.00 13.52 ? 26   ASN A O   1 
ATOM   192  C CB  . ASN A 1 26  ? -18.201 7.996   -1.341  1.00 13.48 ? 26   ASN A CB  1 
ATOM   193  C CG  . ASN A 1 26  ? -18.630 7.759   -2.794  1.00 15.35 ? 26   ASN A CG  1 
ATOM   194  O OD1 . ASN A 1 26  ? -19.807 7.431   -3.067  1.00 21.60 ? 26   ASN A OD1 1 
ATOM   195  N ND2 . ASN A 1 26  ? -17.717 7.939   -3.720  1.00 13.40 ? 26   ASN A ND2 1 
ATOM   196  N N   . GLN A 1 27  ? -16.190 9.110   0.718   1.00 14.29 ? 27   GLN A N   1 
ATOM   197  C CA  . GLN A 1 27  ? -15.847 9.487   2.079   1.00 14.63 ? 27   GLN A CA  1 
ATOM   198  C C   . GLN A 1 27  ? -16.777 8.812   3.094   1.00 15.28 ? 27   GLN A C   1 
ATOM   199  O O   . GLN A 1 27  ? -18.006 8.870   2.951   1.00 16.01 ? 27   GLN A O   1 
ATOM   200  C CB  . GLN A 1 27  ? -15.917 11.020  2.250   1.00 14.95 ? 27   GLN A CB  1 
ATOM   201  C CG  . GLN A 1 27  ? -15.571 11.480  3.626   1.00 16.40 ? 27   GLN A CG  1 
ATOM   202  C CD  . GLN A 1 27  ? -15.700 13.004  3.779   1.00 18.64 ? 27   GLN A CD  1 
ATOM   203  O OE1 . GLN A 1 27  ? -15.072 13.583  4.642   1.00 23.24 ? 27   GLN A OE1 1 
ATOM   204  N NE2 . GLN A 1 27  ? -16.510 13.629  2.935   1.00 18.11 ? 27   GLN A NE2 1 
ATOM   205  N N   . GLY A 1 28  ? -16.178 8.178   4.099   1.00 15.15 ? 28   GLY A N   1 
ATOM   206  C CA  . GLY A 1 28  ? -16.896 7.506   5.173   1.00 15.71 ? 28   GLY A CA  1 
ATOM   207  C C   . GLY A 1 28  ? -17.255 6.043   4.930   1.00 15.77 ? 28   GLY A C   1 
ATOM   208  O O   . GLY A 1 28  ? -17.668 5.342   5.867   1.00 16.20 ? 28   GLY A O   1 
ATOM   209  N N   . GLN A 1 29  ? -17.092 5.578   3.696   1.00 15.33 ? 29   GLN A N   1 
ATOM   210  C CA  . GLN A 1 29  ? -17.467 4.216   3.330   1.00 14.56 ? 29   GLN A CA  1 
ATOM   211  C C   . GLN A 1 29  ? -16.377 3.220   3.720   1.00 14.34 ? 29   GLN A C   1 
ATOM   212  O O   . GLN A 1 29  ? -15.189 3.548   3.739   1.00 13.10 ? 29   GLN A O   1 
ATOM   213  C CB  . GLN A 1 29  ? -17.772 4.100   1.850   1.00 15.26 ? 29   GLN A CB  1 
ATOM   214  C CG  . GLN A 1 29  ? -18.997 4.919   1.418   1.00 16.65 ? 29   GLN A CG  1 
ATOM   215  C CD  . GLN A 1 29  ? -19.602 4.423   0.141   1.00 18.22 ? 29   GLN A CD  1 
ATOM   216  O OE1 . GLN A 1 29  ? -18.999 4.541   -0.932  1.00 18.35 ? 29   GLN A OE1 1 
ATOM   217  N NE2 . GLN A 1 29  ? -20.804 3.841   0.238   1.00 20.85 ? 29   GLN A NE2 1 
ATOM   218  N N   . SER A 1 30  ? -16.818 2.003   4.023   1.00 14.01 ? 30   SER A N   1 
ATOM   219  C CA  . SER A 1 30  ? -15.940 0.902   4.387   1.00 14.09 ? 30   SER A CA  1 
ATOM   220  C C   . SER A 1 30  ? -16.279 -0.366  3.601   1.00 13.48 ? 30   SER A C   1 
ATOM   221  O O   . SER A 1 30  ? -17.355 -0.498  3.000   1.00 13.11 ? 30   SER A O   1 
ATOM   222  C CB  . SER A 1 30  ? -16.042 0.642   5.883   1.00 14.09 ? 30   SER A CB  1 
ATOM   223  O OG  . SER A 1 30  ? -17.350 0.237   6.223   1.00 16.87 ? 30   SER A OG  1 
ATOM   224  N N   . TRP A 1 31  ? -15.323 -1.283  3.589   1.00 12.12 ? 31   TRP A N   1 
ATOM   225  C CA  . TRP A 1 31  ? -15.423 -2.541  2.884   1.00 11.62 ? 31   TRP A CA  1 
ATOM   226  C C   . TRP A 1 31  ? -14.708 -3.549  3.762   1.00 11.58 ? 31   TRP A C   1 
ATOM   227  O O   . TRP A 1 31  ? -13.541 -3.359  4.100   1.00 11.97 ? 31   TRP A O   1 
ATOM   228  C CB  . TRP A 1 31  ? -14.722 -2.428  1.546   1.00 11.81 ? 31   TRP A CB  1 
ATOM   229  C CG  . TRP A 1 31  ? -14.673 -3.651  0.692   1.00 10.48 ? 31   TRP A CG  1 
ATOM   230  C CD1 . TRP A 1 31  ? -15.582 -4.666  0.623   1.00 11.18 ? 31   TRP A CD1 1 
ATOM   231  C CD2 . TRP A 1 31  ? -13.652 -3.962  -0.248  1.00 11.73 ? 31   TRP A CD2 1 
ATOM   232  N NE1 . TRP A 1 31  ? -15.179 -5.592  -0.317  1.00 13.47 ? 31   TRP A NE1 1 
ATOM   233  C CE2 . TRP A 1 31  ? -13.990 -5.186  -0.861  1.00 11.36 ? 31   TRP A CE2 1 
ATOM   234  C CE3 . TRP A 1 31  ? -12.472 -3.320  -0.643  1.00 12.56 ? 31   TRP A CE3 1 
ATOM   235  C CZ2 . TRP A 1 31  ? -13.180 -5.788  -1.844  1.00 12.37 ? 31   TRP A CZ2 1 
ATOM   236  C CZ3 . TRP A 1 31  ? -11.664 -3.916  -1.600  1.00 11.79 ? 31   TRP A CZ3 1 
ATOM   237  C CH2 . TRP A 1 31  ? -12.026 -5.141  -2.190  1.00 11.87 ? 31   TRP A CH2 1 
ATOM   238  N N   . THR A 1 32  ? -15.407 -4.614  4.127   1.00 10.83 ? 32   THR A N   1 
ATOM   239  C CA  . THR A 1 32  ? -14.856 -5.670  4.958   1.00 10.57 ? 32   THR A CA  1 
ATOM   240  C C   . THR A 1 32  ? -14.778 -6.971  4.193   1.00 10.74 ? 32   THR A C   1 
ATOM   241  O O   . THR A 1 32  ? -15.792 -7.458  3.634   1.00 11.00 ? 32   THR A O   1 
ATOM   242  C CB  . THR A 1 32  ? -15.715 -5.832  6.239   1.00 10.29 ? 32   THR A CB  1 
ATOM   243  O OG1 . THR A 1 32  ? -15.673 -4.610  6.989   1.00 13.17 ? 32   THR A OG1 1 
ATOM   244  C CG2 . THR A 1 32  ? -15.133 -6.876  7.151   1.00 12.69 ? 32   THR A CG2 1 
ATOM   245  N N   . ILE A 1 33  ? -13.585 -7.543  4.178   1.00 10.33 ? 33   ILE A N   1 
ATOM   246  C CA  . ILE A 1 33  ? -13.332 -8.805  3.505   1.00 11.36 ? 33   ILE A CA  1 
ATOM   247  C C   . ILE A 1 33  ? -12.725 -9.857  4.440   1.00 12.06 ? 33   ILE A C   1 
ATOM   248  O O   . ILE A 1 33  ? -12.095 -9.539  5.451   1.00 11.62 ? 33   ILE A O   1 
ATOM   249  C CB  . ILE A 1 33  ? -12.450 -8.600  2.271   1.00 11.70 ? 33   ILE A CB  1 
ATOM   250  C CG1 . ILE A 1 33  ? -11.124 -7.954  2.646   1.00 11.89 ? 33   ILE A CG1 1 
ATOM   251  C CG2 . ILE A 1 33  ? -13.186 -7.736  1.244   1.00 14.04 ? 33   ILE A CG2 1 
ATOM   252  C CD1 . ILE A 1 33  ? -10.151 -7.856  1.456   1.00 13.61 ? 33   ILE A CD1 1 
ATOM   253  N N   . ASN A 1 34  ? -12.926 -11.116 4.081   1.00 13.25 ? 34   ASN A N   1 
ATOM   254  C CA  . ASN A 1 34  ? -12.372 -12.235 4.828   1.00 14.69 ? 34   ASN A CA  1 
ATOM   255  C C   . ASN A 1 34  ? -11.292 -12.863 3.968   1.00 15.29 ? 34   ASN A C   1 
ATOM   256  O O   . ASN A 1 34  ? -11.606 -13.489 2.946   1.00 17.40 ? 34   ASN A O   1 
ATOM   257  C CB  . ASN A 1 34  ? -13.485 -13.241 5.191   1.00 15.40 ? 34   ASN A CB  1 
ATOM   258  C CG  . ASN A 1 34  ? -13.032 -14.299 6.205   1.00 19.01 ? 34   ASN A CG  1 
ATOM   259  O OD1 . ASN A 1 34  ? -11.846 -14.636 6.268   1.00 21.87 ? 34   ASN A OD1 1 
ATOM   260  N ND2 . ASN A 1 34  ? -13.987 -14.849 6.977   1.00 18.42 ? 34   ASN A ND2 1 
ATOM   261  N N   . VAL A 1 35  ? -10.030 -12.695 4.376   1.00 14.40 ? 35   VAL A N   1 
ATOM   262  C CA  . VAL A 1 35  ? -8.857  -13.228 3.680   1.00 13.81 ? 35   VAL A CA  1 
ATOM   263  C C   . VAL A 1 35  ? -8.448  -14.562 4.316   1.00 13.52 ? 35   VAL A C   1 
ATOM   264  O O   . VAL A 1 35  ? -8.346  -14.683 5.537   1.00 13.38 ? 35   VAL A O   1 
ATOM   265  C CB  . VAL A 1 35  ? -7.656  -12.219 3.741   1.00 13.75 ? 35   VAL A CB  1 
ATOM   266  C CG1 . VAL A 1 35  ? -6.404  -12.807 3.116   1.00 12.72 ? 35   VAL A CG1 1 
ATOM   267  C CG2 . VAL A 1 35  ? -8.019  -10.909 3.058   1.00 14.48 ? 35   VAL A CG2 1 
ATOM   268  N N   . ASN A 1 36  ? -8.222  -15.566 3.479   1.00 13.95 ? 36   ASN A N   1 
ATOM   269  C CA  . ASN A 1 36  ? -7.872  -16.900 3.963   1.00 14.15 ? 36   ASN A CA  1 
ATOM   270  C C   . ASN A 1 36  ? -6.559  -16.936 4.714   1.00 13.69 ? 36   ASN A C   1 
ATOM   271  O O   . ASN A 1 36  ? -5.576  -16.306 4.317   1.00 13.34 ? 36   ASN A O   1 
ATOM   272  C CB  . ASN A 1 36  ? -7.782  -17.886 2.788   1.00 15.09 ? 36   ASN A CB  1 
ATOM   273  C CG  . ASN A 1 36  ? -9.133  -18.187 2.177   1.00 17.35 ? 36   ASN A CG  1 
ATOM   274  O OD1 . ASN A 1 36  ? -10.178 -18.009 2.819   1.00 22.72 ? 36   ASN A OD1 1 
ATOM   275  N ND2 . ASN A 1 36  ? -9.124  -18.655 0.935   1.00 23.11 ? 36   ASN A ND2 1 
ATOM   276  N N   . ALA A 1 37  ? -6.543  -17.712 5.792   1.00 13.98 ? 37   ALA A N   1 
ATOM   277  C CA  . ALA A 1 37  ? -5.312  -18.021 6.494   1.00 13.41 ? 37   ALA A CA  1 
ATOM   278  C C   . ALA A 1 37  ? -4.281  -18.555 5.495   1.00 13.29 ? 37   ALA A C   1 
ATOM   279  O O   . ALA A 1 37  ? -4.614  -19.267 4.535   1.00 13.11 ? 37   ALA A O   1 
ATOM   280  C CB  . ALA A 1 37  ? -5.577  -19.033 7.593   1.00 13.58 ? 37   ALA A CB  1 
ATOM   281  N N   . GLY A 1 38  ? -3.028  -18.178 5.700   1.00 13.47 ? 38   GLY A N   1 
ATOM   282  C CA  . GLY A 1 38  ? -1.934  -18.640 4.873   1.00 13.08 ? 38   GLY A CA  1 
ATOM   283  C C   . GLY A 1 38  ? -1.679  -17.832 3.626   1.00 12.84 ? 38   GLY A C   1 
ATOM   284  O O   . GLY A 1 38  ? -0.746  -18.127 2.877   1.00 13.67 ? 38   GLY A O   1 
ATOM   285  N N   . THR A 1 39  ? -2.478  -16.785 3.417   1.00 12.79 ? 39   THR A N   1 
ATOM   286  C CA  . THR A 1 39  ? -2.353  -15.959 2.227   1.00 12.26 ? 39   THR A CA  1 
ATOM   287  C C   . THR A 1 39  ? -0.996  -15.249 2.194   1.00 11.80 ? 39   THR A C   1 
ATOM   288  O O   . THR A 1 39  ? -0.603  -14.620 3.176   1.00 11.82 ? 39   THR A O   1 
ATOM   289  C CB  . THR A 1 39  ? -3.473  -14.918 2.196   1.00 12.14 ? 39   THR A CB  1 
ATOM   290  O OG1 . THR A 1 39  ? -4.732  -15.557 1.932   1.00 13.74 ? 39   THR A OG1 1 
ATOM   291  C CG2 . THR A 1 39  ? -3.280  -13.927 1.051   1.00 13.84 ? 39   THR A CG2 1 
ATOM   292  N N   . THR A 1 40  ? -0.274  -15.359 1.081   1.00 11.16 ? 40   THR A N   1 
ATOM   293  C CA  . THR A 1 40  ? 0.957   -14.606 0.898   1.00 12.23 ? 40   THR A CA  1 
ATOM   294  C C   . THR A 1 40  ? 0.781   -13.650 -0.284  1.00 11.29 ? 40   THR A C   1 
ATOM   295  O O   . THR A 1 40  ? -0.185  -13.767 -1.058  1.00 12.48 ? 40   THR A O   1 
ATOM   296  C CB  . THR A 1 40  ? 2.166   -15.533 0.679   1.00 12.89 ? 40   THR A CB  1 
ATOM   297  O OG1 . THR A 1 40  ? 1.929   -16.356 -0.464  1.00 15.90 ? 40   THR A OG1 1 
ATOM   298  C CG2 . THR A 1 40  ? 2.297   -16.507 1.834   1.00 14.39 ? 40   THR A CG2 1 
ATOM   299  N N   . GLY A 1 41  ? 1.676   -12.677 -0.397  1.00 11.53 ? 41   GLY A N   1 
ATOM   300  C CA  . GLY A 1 41  ? 1.550   -11.668 -1.443  1.00 11.44 ? 41   GLY A CA  1 
ATOM   301  C C   . GLY A 1 41  ? 0.321   -10.803 -1.287  1.00 11.61 ? 41   GLY A C   1 
ATOM   302  O O   . GLY A 1 41  ? -0.170  -10.204 -2.248  1.00 11.60 ? 41   GLY A O   1 
ATOM   303  N N   . GLY A 1 42  ? -0.192  -10.719 -0.061  1.00 10.61 ? 42   GLY A N   1 
ATOM   304  C CA  . GLY A 1 42  ? -1.355  -9.893  0.199   1.00 10.30 ? 42   GLY A CA  1 
ATOM   305  C C   . GLY A 1 42  ? -1.033  -8.429  0.016   1.00 10.20 ? 42   GLY A C   1 
ATOM   306  O O   . GLY A 1 42  ? 0.031   -7.947  0.423   1.00 10.02 ? 42   GLY A O   1 
ATOM   307  N N   . ARG A 1 43  ? -1.965  -7.724  -0.627  1.00 10.36 ? 43   ARG A N   1 
ATOM   308  C CA  . ARG A 1 43  ? -1.818  -6.310  -0.849  1.00 11.02 ? 43   ARG A CA  1 
ATOM   309  C C   . ARG A 1 43  ? -3.173  -5.619  -0.845  1.00 10.35 ? 43   ARG A C   1 
ATOM   310  O O   . ARG A 1 43  ? -4.103  -6.086  -1.498  1.00 10.59 ? 43   ARG A O   1 
ATOM   311  C CB  . ARG A 1 43  ? -1.142  -6.109  -2.192  1.00 12.01 ? 43   ARG A CB  1 
ATOM   312  C CG  . ARG A 1 43  ? -0.503  -4.823  -2.384  1.00 15.29 ? 43   ARG A CG  1 
ATOM   313  C CD  . ARG A 1 43  ? 0.017   -4.624  -3.812  1.00 15.19 ? 43   ARG A CD  1 
ATOM   314  N NE  . ARG A 1 43  ? 1.385   -5.093  -3.998  1.00 15.58 ? 43   ARG A NE  1 
ATOM   315  C CZ  . ARG A 1 43  ? 2.200   -4.617  -4.946  1.00 16.49 ? 43   ARG A CZ  1 
ATOM   316  N NH1 . ARG A 1 43  ? 1.777   -3.672  -5.772  1.00 14.46 ? 43   ARG A NH1 1 
ATOM   317  N NH2 . ARG A 1 43  ? 3.445   -5.061  -5.061  1.00 17.49 ? 43   ARG A NH2 1 
ATOM   318  N N   . ILE A 1 44  ? -3.269  -4.525  -0.097  1.00 9.64  ? 44   ILE A N   1 
ATOM   319  C CA  . ILE A 1 44  ? -4.399  -3.619  -0.139  1.00 9.35  ? 44   ILE A CA  1 
ATOM   320  C C   . ILE A 1 44  ? -3.878  -2.228  -0.463  1.00 8.64  ? 44   ILE A C   1 
ATOM   321  O O   . ILE A 1 44  ? -2.863  -1.794  0.048   1.00 9.34  ? 44   ILE A O   1 
ATOM   322  C CB  . ILE A 1 44  ? -5.154  -3.627  1.225   1.00 9.09  ? 44   ILE A CB  1 
ATOM   323  C CG1 . ILE A 1 44  ? -5.934  -4.921  1.383   1.00 9.15  ? 44   ILE A CG1 1 
ATOM   324  C CG2 . ILE A 1 44  ? -6.098  -2.425  1.378   1.00 9.09  ? 44   ILE A CG2 1 
ATOM   325  C CD1 . ILE A 1 44  ? -6.361  -5.227  2.844   1.00 10.84 ? 44   ILE A CD1 1 
ATOM   326  N N   . TRP A 1 45  ? -4.582  -1.520  -1.328  1.00 8.96  ? 45   TRP A N   1 
ATOM   327  C CA  . TRP A 1 45  ? -4.224  -0.155  -1.657  1.00 8.69  ? 45   TRP A CA  1 
ATOM   328  C C   . TRP A 1 45  ? -5.452  0.626   -2.109  1.00 8.55  ? 45   TRP A C   1 
ATOM   329  O O   . TRP A 1 45  ? -6.525  0.059   -2.272  1.00 8.30  ? 45   TRP A O   1 
ATOM   330  C CB  . TRP A 1 45  ? -3.127  -0.108  -2.714  1.00 8.78  ? 45   TRP A CB  1 
ATOM   331  C CG  . TRP A 1 45  ? -3.503  -0.562  -4.104  1.00 8.61  ? 45   TRP A CG  1 
ATOM   332  C CD1 . TRP A 1 45  ? -3.714  0.248   -5.200  1.00 7.68  ? 45   TRP A CD1 1 
ATOM   333  C CD2 . TRP A 1 45  ? -3.653  -1.910  -4.580  1.00 8.42  ? 45   TRP A CD2 1 
ATOM   334  N NE1 . TRP A 1 45  ? -3.999  -0.516  -6.304  1.00 9.40  ? 45   TRP A NE1 1 
ATOM   335  C CE2 . TRP A 1 45  ? -3.975  -1.838  -5.960  1.00 8.40  ? 45   TRP A CE2 1 
ATOM   336  C CE3 . TRP A 1 45  ? -3.581  -3.176  -3.982  1.00 9.39  ? 45   TRP A CE3 1 
ATOM   337  C CZ2 . TRP A 1 45  ? -4.181  -2.970  -6.740  1.00 8.12  ? 45   TRP A CZ2 1 
ATOM   338  C CZ3 . TRP A 1 45  ? -3.789  -4.290  -4.750  1.00 9.97  ? 45   TRP A CZ3 1 
ATOM   339  C CH2 . TRP A 1 45  ? -4.101  -4.181  -6.123  1.00 8.87  ? 45   TRP A CH2 1 
ATOM   340  N N   . GLY A 1 46  ? -5.265  1.939   -2.243  1.00 8.70  ? 46   GLY A N   1 
ATOM   341  C CA  . GLY A 1 46  ? -6.295  2.848   -2.742  1.00 8.80  ? 46   GLY A CA  1 
ATOM   342  C C   . GLY A 1 46  ? -5.919  3.341   -4.127  1.00 9.28  ? 46   GLY A C   1 
ATOM   343  O O   . GLY A 1 46  ? -4.732  3.524   -4.440  1.00 10.11 ? 46   GLY A O   1 
ATOM   344  N N   . ARG A 1 47  ? -6.936  3.571   -4.946  1.00 9.44  ? 47   ARG A N   1 
ATOM   345  C CA  . ARG A 1 47  ? -6.761  4.137   -6.270  1.00 9.68  ? 47   ARG A CA  1 
ATOM   346  C C   . ARG A 1 47  ? -7.498  5.453   -6.313  1.00 9.37  ? 47   ARG A C   1 
ATOM   347  O O   . ARG A 1 47  ? -8.608  5.569   -5.802  1.00 9.21  ? 47   ARG A O   1 
ATOM   348  C CB  . ARG A 1 47  ? -7.315  3.209   -7.347  1.00 9.61  ? 47   ARG A CB  1 
ATOM   349  C CG  . ARG A 1 47  ? -6.676  1.828   -7.365  1.00 9.74  ? 47   ARG A CG  1 
ATOM   350  C CD  . ARG A 1 47  ? -7.462  0.831   -8.192  1.00 9.44  ? 47   ARG A CD  1 
ATOM   351  N NE  . ARG A 1 47  ? -8.671  0.387   -7.495  1.00 9.67  ? 47   ARG A NE  1 
ATOM   352  C CZ  . ARG A 1 47  ? -9.616  -0.370  -8.031  1.00 10.40 ? 47   ARG A CZ  1 
ATOM   353  N NH1 . ARG A 1 47  ? -9.554  -0.733  -9.307  1.00 9.94  ? 47   ARG A NH1 1 
ATOM   354  N NH2 . ARG A 1 47  ? -10.632 -0.760  -7.296  1.00 11.09 ? 47   ARG A NH2 1 
ATOM   355  N N   . THR A 1 48  ? -6.903  6.449   -6.953  1.00 10.11 ? 48   THR A N   1 
ATOM   356  C CA  . THR A 1 48  ? -7.553  7.756   -7.042  1.00 10.95 ? 48   THR A CA  1 
ATOM   357  C C   . THR A 1 48  ? -7.720  8.170   -8.491  1.00 11.21 ? 48   THR A C   1 
ATOM   358  O O   . THR A 1 48  ? -7.036  7.654   -9.387  1.00 11.51 ? 48   THR A O   1 
ATOM   359  C CB  . THR A 1 48  ? -6.771  8.823   -6.289  1.00 11.15 ? 48   THR A CB  1 
ATOM   360  O OG1 . THR A 1 48  ? -5.475  8.993   -6.880  1.00 9.69  ? 48   THR A OG1 1 
ATOM   361  C CG2 . THR A 1 48  ? -6.534  8.413   -4.817  1.00 12.43 ? 48   THR A CG2 1 
ATOM   362  N N   . GLY A 1 49  ? -8.639  9.089   -8.718  1.00 12.46 ? 49   GLY A N   1 
ATOM   363  C CA  . GLY A 1 49  ? -8.863  9.620   -10.053 1.00 12.58 ? 49   GLY A CA  1 
ATOM   364  C C   . GLY A 1 49  ? -9.339  8.560   -11.016 1.00 12.83 ? 49   GLY A C   1 
ATOM   365  O O   . GLY A 1 49  ? -8.785  8.447   -12.115 1.00 12.88 ? 49   GLY A O   1 
ATOM   366  N N   . CYS A 1 50  ? -10.319 7.762   -10.598 1.00 13.02 ? 50   CYS A N   1 
ATOM   367  C CA  . CYS A 1 50  ? -10.849 6.673   -11.420 1.00 12.40 ? 50   CYS A CA  1 
ATOM   368  C C   . CYS A 1 50  ? -12.120 7.077   -12.135 1.00 13.11 ? 50   CYS A C   1 
ATOM   369  O O   . CYS A 1 50  ? -12.873 7.932   -11.669 1.00 12.61 ? 50   CYS A O   1 
ATOM   370  C CB  . CYS A 1 50  ? -11.195 5.435   -10.576 1.00 12.12 ? 50   CYS A CB  1 
ATOM   371  S SG  . CYS A 1 50  ? -9.845  4.773   -9.573  1.00 12.14 ? 50   CYS A SG  1 
ATOM   372  N N   . SER A 1 51  ? -12.322 6.450   -13.292 1.00 13.46 ? 51   SER A N   1 
ATOM   373  C CA  . SER A 1 51  ? -13.596 6.425   -13.984 1.00 14.23 ? 51   SER A CA  1 
ATOM   374  C C   . SER A 1 51  ? -13.829 5.003   -14.464 1.00 13.60 ? 51   SER A C   1 
ATOM   375  O O   . SER A 1 51  ? -12.934 4.406   -15.076 1.00 11.91 ? 51   SER A O   1 
ATOM   376  C CB  . SER A 1 51  ? -13.580 7.362   -15.188 1.00 15.14 ? 51   SER A CB  1 
ATOM   377  O OG  . SER A 1 51  ? -14.837 7.330   -15.832 1.00 17.96 ? 51   SER A OG  1 
ATOM   378  N N   . PHE A 1 52  ? -15.015 4.472   -14.188 1.00 14.00 ? 52   PHE A N   1 
ATOM   379  C CA  . PHE A 1 52  ? -15.396 3.126   -14.618 1.00 14.34 ? 52   PHE A CA  1 
ATOM   380  C C   . PHE A 1 52  ? -16.745 3.145   -15.338 1.00 14.46 ? 52   PHE A C   1 
ATOM   381  O O   . PHE A 1 52  ? -17.654 3.907   -14.972 1.00 15.72 ? 52   PHE A O   1 
ATOM   382  C CB  . PHE A 1 52  ? -15.466 2.157   -13.420 1.00 14.25 ? 52   PHE A CB  1 
ATOM   383  C CG  . PHE A 1 52  ? -14.127 1.845   -12.821 1.00 13.12 ? 52   PHE A CG  1 
ATOM   384  C CD1 . PHE A 1 52  ? -13.244 1.015   -13.475 1.00 13.64 ? 52   PHE A CD1 1 
ATOM   385  C CD2 . PHE A 1 52  ? -13.737 2.411   -11.627 1.00 13.19 ? 52   PHE A CD2 1 
ATOM   386  C CE1 . PHE A 1 52  ? -11.990 0.738   -12.965 1.00 12.61 ? 52   PHE A CE1 1 
ATOM   387  C CE2 . PHE A 1 52  ? -12.473 2.140   -11.098 1.00 13.85 ? 52   PHE A CE2 1 
ATOM   388  C CZ  . PHE A 1 52  ? -11.602 1.298   -11.764 1.00 13.00 ? 52   PHE A CZ  1 
ATOM   389  N N   . ASP A 1 53  ? -16.876 2.311   -16.364 1.00 15.18 ? 53   ASP A N   1 
ATOM   390  C CA  . ASP A 1 53  ? -18.176 2.120   -17.002 1.00 16.26 ? 53   ASP A CA  1 
ATOM   391  C C   . ASP A 1 53  ? -19.044 1.152   -16.184 1.00 17.13 ? 53   ASP A C   1 
ATOM   392  O O   . ASP A 1 53  ? -18.623 0.675   -15.126 1.00 16.89 ? 53   ASP A O   1 
ATOM   393  C CB  . ASP A 1 53  ? -18.031 1.703   -18.475 1.00 15.84 ? 53   ASP A CB  1 
ATOM   394  C CG  . ASP A 1 53  ? -17.304 0.396   -18.674 1.00 16.36 ? 53   ASP A CG  1 
ATOM   395  O OD1 . ASP A 1 53  ? -17.312 -0.496  -17.781 1.00 15.85 ? 53   ASP A OD1 1 
ATOM   396  O OD2 . ASP A 1 53  ? -16.703 0.159   -19.756 1.00 15.93 ? 53   ASP A OD2 1 
ATOM   397  N N   . GLY A 1 54  ? -20.257 0.887   -16.662 1.00 18.53 ? 54   GLY A N   1 
ATOM   398  C CA  . GLY A 1 54  ? -21.191 -0.011  -15.997 1.00 19.87 ? 54   GLY A CA  1 
ATOM   399  C C   . GLY A 1 54  ? -20.796 -1.481  -15.955 1.00 20.46 ? 54   GLY A C   1 
ATOM   400  O O   . GLY A 1 54  ? -21.428 -2.260  -15.240 1.00 22.07 ? 54   GLY A O   1 
ATOM   401  N N   . SER A 1 55  ? -19.777 -1.876  -16.711 1.00 20.89 ? 55   SER A N   1 
ATOM   402  C CA  . SER A 1 55  ? -19.271 -3.246  -16.687 1.00 21.26 ? 55   SER A CA  1 
ATOM   403  C C   . SER A 1 55  ? -17.966 -3.380  -15.876 1.00 20.61 ? 55   SER A C   1 
ATOM   404  O O   . SER A 1 55  ? -17.300 -4.417  -15.934 1.00 21.51 ? 55   SER A O   1 
ATOM   405  C CB  . SER A 1 55  ? -19.107 -3.772  -18.124 1.00 21.99 ? 55   SER A CB  1 
ATOM   406  O OG  . SER A 1 55  ? -18.119 -3.055  -18.840 1.00 24.54 ? 55   SER A OG  1 
ATOM   407  N N   . GLY A 1 56  ? -17.620 -2.348  -15.109 1.00 19.26 ? 56   GLY A N   1 
ATOM   408  C CA  . GLY A 1 56  ? -16.480 -2.405  -14.198 1.00 18.35 ? 56   GLY A CA  1 
ATOM   409  C C   . GLY A 1 56  ? -15.134 -2.248  -14.871 1.00 17.09 ? 56   GLY A C   1 
ATOM   410  O O   . GLY A 1 56  ? -14.117 -2.713  -14.350 1.00 16.55 ? 56   GLY A O   1 
ATOM   411  N N   . ARG A 1 57  ? -15.111 -1.575  -16.023 1.00 15.54 ? 57   ARG A N   1 
ATOM   412  C CA  . ARG A 1 57  ? -13.863 -1.363  -16.756 1.00 14.56 ? 57   ARG A CA  1 
ATOM   413  C C   . ARG A 1 57  ? -13.624 0.116   -16.953 1.00 13.75 ? 57   ARG A C   1 
ATOM   414  O O   . ARG A 1 57  ? -14.565 0.895   -17.066 1.00 13.00 ? 57   ARG A O   1 
ATOM   415  C CB  . ARG A 1 57  ? -13.898 -2.108  -18.101 1.00 14.69 ? 57   ARG A CB  1 
ATOM   416  C CG  . ARG A 1 57  ? -13.871 -3.626  -17.962 1.00 17.96 ? 57   ARG A CG  1 
ATOM   417  C CD  . ARG A 1 57  ? -13.870 -4.341  -19.291 1.00 21.15 ? 57   ARG A CD  1 
ATOM   418  N NE  . ARG A 1 57  ? -15.214 -4.332  -19.869 1.00 24.32 ? 57   ARG A NE  1 
ATOM   419  C CZ  . ARG A 1 57  ? -15.510 -4.064  -21.156 1.00 25.35 ? 57   ARG A CZ  1 
ATOM   420  N NH1 . ARG A 1 57  ? -14.563 -3.782  -22.029 1.00 21.81 ? 57   ARG A NH1 1 
ATOM   421  N NH2 . ARG A 1 57  ? -16.772 -4.086  -21.560 1.00 27.96 ? 57   ARG A NH2 1 
ATOM   422  N N   . GLY A 1 58  ? -12.356 0.507   -16.976 1.00 13.17 ? 58   GLY A N   1 
ATOM   423  C CA  . GLY A 1 58  ? -11.986 1.911   -17.011 1.00 13.46 ? 58   GLY A CA  1 
ATOM   424  C C   . GLY A 1 58  ? -10.535 2.122   -16.649 1.00 14.04 ? 58   GLY A C   1 
ATOM   425  O O   . GLY A 1 58  ? -9.675  1.353   -17.062 1.00 14.13 ? 58   GLY A O   1 
ATOM   426  N N   . ARG A 1 59  ? -10.269 3.162   -15.873 1.00 13.79 ? 59   ARG A N   1 
ATOM   427  C CA  . ARG A 1 59  ? -8.910  3.580   -15.597 1.00 14.46 ? 59   ARG A CA  1 
ATOM   428  C C   . ARG A 1 59  ? -8.821  4.488   -14.384 1.00 13.53 ? 59   ARG A C   1 
ATOM   429  O O   . ARG A 1 59  ? -9.695  5.322   -14.148 1.00 12.81 ? 59   ARG A O   1 
ATOM   430  C CB  . ARG A 1 59  ? -8.380  4.334   -16.810 1.00 15.16 ? 59   ARG A CB  1 
ATOM   431  C CG  . ARG A 1 59  ? -6.920  4.538   -16.847 1.00 19.81 ? 59   ARG A CG  1 
ATOM   432  C CD  . ARG A 1 59  ? -6.470  4.995   -18.216 1.00 24.62 ? 59   ARG A CD  1 
ATOM   433  N NE  . ARG A 1 59  ? -5.037  5.246   -18.324 1.00 28.59 ? 59   ARG A NE  1 
ATOM   434  C CZ  . ARG A 1 59  ? -4.430  5.568   -19.468 1.00 31.52 ? 59   ARG A CZ  1 
ATOM   435  N NH1 . ARG A 1 59  ? -5.123  5.670   -20.604 1.00 32.82 ? 59   ARG A NH1 1 
ATOM   436  N NH2 . ARG A 1 59  ? -3.121  5.782   -19.486 1.00 32.76 ? 59   ARG A NH2 1 
ATOM   437  N N   . CYS A 1 60  ? -7.737  4.330   -13.634 1.00 13.27 ? 60   CYS A N   1 
ATOM   438  C CA  . CYS A 1 60  ? -7.439  5.185   -12.498 1.00 12.86 ? 60   CYS A CA  1 
ATOM   439  C C   . CYS A 1 60  ? -6.114  5.915   -12.706 1.00 12.63 ? 60   CYS A C   1 
ATOM   440  O O   . CYS A 1 60  ? -5.151  5.355   -13.232 1.00 13.58 ? 60   CYS A O   1 
ATOM   441  C CB  . CYS A 1 60  ? -7.349  4.347   -11.215 1.00 12.37 ? 60   CYS A CB  1 
ATOM   442  S SG  . CYS A 1 60  ? -8.862  3.500   -10.796 1.00 12.30 ? 60   CYS A SG  1 
ATOM   443  N N   . GLN A 1 61  ? -6.057  7.151   -12.240 1.00 13.17 ? 61   GLN A N   1 
ATOM   444  C CA  . GLN A 1 61  ? -4.830  7.927   -12.300 1.00 13.82 ? 61   GLN A CA  1 
ATOM   445  C C   . GLN A 1 61  ? -3.719  7.314   -11.453 1.00 12.51 ? 61   GLN A C   1 
ATOM   446  O O   . GLN A 1 61  ? -2.555  7.365   -11.844 1.00 12.17 ? 61   GLN A O   1 
ATOM   447  C CB  . GLN A 1 61  ? -5.083  9.378   -11.867 1.00 15.38 ? 61   GLN A CB  1 
ATOM   448  C CG  . GLN A 1 61  ? -3.848  10.254  -12.000 1.00 18.33 ? 61   GLN A CG  1 
ATOM   449  C CD  . GLN A 1 61  ? -4.153  11.719  -11.832 1.00 24.46 ? 61   GLN A CD  1 
ATOM   450  O OE1 . GLN A 1 61  ? -4.196  12.470  -12.819 1.00 28.29 ? 61   GLN A OE1 1 
ATOM   451  N NE2 . GLN A 1 61  ? -4.367  12.140  -10.589 1.00 25.33 ? 61   GLN A NE2 1 
ATOM   452  N N   . THR A 1 62  ? -4.069  6.747   -10.295 1.00 11.70 ? 62   THR A N   1 
ATOM   453  C CA  . THR A 1 62  ? -3.087  6.019   -9.466  1.00 11.03 ? 62   THR A CA  1 
ATOM   454  C C   . THR A 1 62  ? -3.579  4.631   -9.085  1.00 10.02 ? 62   THR A C   1 
ATOM   455  O O   . THR A 1 62  ? -4.757  4.436   -8.849  1.00 9.90  ? 62   THR A O   1 
ATOM   456  C CB  . THR A 1 62  ? -2.721  6.775   -8.156  1.00 10.32 ? 62   THR A CB  1 
ATOM   457  O OG1 . THR A 1 62  ? -3.871  6.906   -7.314  1.00 10.37 ? 62   THR A OG1 1 
ATOM   458  C CG2 . THR A 1 62  ? -2.225  8.222   -8.426  1.00 10.41 ? 62   THR A CG2 1 
ATOM   459  N N   . GLY A 1 63  ? -2.647  3.680   -9.009  1.00 10.10 ? 63   GLY A N   1 
ATOM   460  C CA  . GLY A 1 63  ? -2.961  2.331   -8.551  1.00 9.97  ? 63   GLY A CA  1 
ATOM   461  C C   . GLY A 1 63  ? -3.792  1.462   -9.471  1.00 10.31 ? 63   GLY A C   1 
ATOM   462  O O   . GLY A 1 63  ? -4.288  0.418   -9.049  1.00 10.49 ? 63   GLY A O   1 
ATOM   463  N N   . ASP A 1 64  ? -3.964  1.875   -10.722 1.00 10.29 ? 64   ASP A N   1 
ATOM   464  C CA  . ASP A 1 64  ? -4.823  1.145   -11.645 1.00 10.72 ? 64   ASP A CA  1 
ATOM   465  C C   . ASP A 1 64  ? -4.395  -0.318  -11.787 1.00 10.56 ? 64   ASP A C   1 
ATOM   466  O O   . ASP A 1 64  ? -3.228  -0.598  -11.996 1.00 11.82 ? 64   ASP A O   1 
ATOM   467  C CB  . ASP A 1 64  ? -4.787  1.804   -13.030 1.00 11.09 ? 64   ASP A CB  1 
ATOM   468  C CG  . ASP A 1 64  ? -5.768  1.178   -13.970 1.00 13.63 ? 64   ASP A CG  1 
ATOM   469  O OD1 . ASP A 1 64  ? -5.341  0.373   -14.838 1.00 17.82 ? 64   ASP A OD1 1 
ATOM   470  O OD2 . ASP A 1 64  ? -6.984  1.379   -13.862 1.00 17.21 ? 64   ASP A OD2 1 
ATOM   471  N N   . CYS A 1 65  ? -5.353  -1.233  -11.712 1.00 10.78 ? 65   CYS A N   1 
ATOM   472  C CA  . CYS A 1 65  ? -5.061  -2.655  -11.835 1.00 11.32 ? 65   CYS A CA  1 
ATOM   473  C C   . CYS A 1 65  ? -5.638  -3.214  -13.126 1.00 12.02 ? 65   CYS A C   1 
ATOM   474  O O   . CYS A 1 65  ? -6.727  -3.744  -13.139 1.00 11.82 ? 65   CYS A O   1 
ATOM   475  C CB  . CYS A 1 65  ? -5.609  -3.419  -10.622 1.00 11.32 ? 65   CYS A CB  1 
ATOM   476  S SG  . CYS A 1 65  ? -7.395  -3.327  -10.431 1.00 12.66 ? 65   CYS A SG  1 
ATOM   477  N N   . GLY A 1 66  ? -4.896  -3.063  -14.211 1.00 13.38 ? 66   GLY A N   1 
ATOM   478  C CA  . GLY A 1 66  ? -5.321  -3.588  -15.502 1.00 13.43 ? 66   GLY A CA  1 
ATOM   479  C C   . GLY A 1 66  ? -6.671  -3.107  -15.979 1.00 13.23 ? 66   GLY A C   1 
ATOM   480  O O   . GLY A 1 66  ? -7.385  -3.867  -16.634 1.00 14.11 ? 66   GLY A O   1 
ATOM   481  N N   . GLY A 1 67  ? -7.074  -1.893  -15.602 1.00 13.21 ? 67   GLY A N   1 
ATOM   482  C CA  . GLY A 1 67  ? -8.297  -1.293  -16.107 1.00 13.74 ? 67   GLY A CA  1 
ATOM   483  C C   . GLY A 1 67  ? -9.618  -1.864  -15.645 1.00 13.83 ? 67   GLY A C   1 
ATOM   484  O O   . GLY A 1 67  ? -10.631 -1.733  -16.337 1.00 14.61 ? 67   GLY A O   1 
ATOM   485  N N   . VAL A 1 68  ? -9.624  -2.521  -14.481 1.00 12.89 ? 68   VAL A N   1 
ATOM   486  C CA  . VAL A 1 68  ? -10.845 -3.060  -13.930 1.00 12.59 ? 68   VAL A CA  1 
ATOM   487  C C   . VAL A 1 68  ? -11.113 -2.530  -12.532 1.00 11.88 ? 68   VAL A C   1 
ATOM   488  O O   . VAL A 1 68  ? -10.188 -2.148  -11.816 1.00 11.76 ? 68   VAL A O   1 
ATOM   489  C CB  . VAL A 1 68  ? -10.841 -4.612  -13.900 1.00 12.96 ? 68   VAL A CB  1 
ATOM   490  C CG1 . VAL A 1 68  ? -10.688 -5.163  -15.325 1.00 13.91 ? 68   VAL A CG1 1 
ATOM   491  C CG2 . VAL A 1 68  ? -9.761  -5.158  -13.016 1.00 13.37 ? 68   VAL A CG2 1 
ATOM   492  N N   . LEU A 1 69  ? -12.375 -2.546  -12.154 1.00 11.02 ? 69   LEU A N   1 
ATOM   493  C CA  . LEU A 1 69  ? -12.789 -2.157  -10.804 1.00 10.70 ? 69   LEU A CA  1 
ATOM   494  C C   . LEU A 1 69  ? -12.402 -3.245  -9.796  1.00 11.27 ? 69   LEU A C   1 
ATOM   495  O O   . LEU A 1 69  ? -11.812 -2.963  -8.752  1.00 10.80 ? 69   LEU A O   1 
ATOM   496  C CB  . LEU A 1 69  ? -14.294 -1.954  -10.765 1.00 11.73 ? 69   LEU A CB  1 
ATOM   497  C CG  . LEU A 1 69  ? -14.916 -1.703  -9.397  1.00 11.78 ? 69   LEU A CG  1 
ATOM   498  C CD1 . LEU A 1 69  ? -14.407 -0.408  -8.791  1.00 13.52 ? 69   LEU A CD1 1 
ATOM   499  C CD2 . LEU A 1 69  ? -16.409 -1.665  -9.558  1.00 14.90 ? 69   LEU A CD2 1 
ATOM   500  N N   . SER A 1 70  ? -12.765 -4.484  -10.116 1.00 11.74 ? 70   SER A N   1 
ATOM   501  C CA  . SER A 1 70  ? -12.525 -5.613  -9.219  1.00 12.40 ? 70   SER A CA  1 
ATOM   502  C C   . SER A 1 70  ? -11.169 -6.228  -9.543  1.00 11.67 ? 70   SER A C   1 
ATOM   503  O O   . SER A 1 70  ? -11.063 -7.154  -10.353 1.00 11.40 ? 70   SER A O   1 
ATOM   504  C CB  . SER A 1 70  ? -13.645 -6.638  -9.343  1.00 13.46 ? 70   SER A CB  1 
ATOM   505  O OG  . SER A 1 70  ? -13.509 -7.654  -8.345  1.00 15.84 ? 70   SER A OG  1 
ATOM   506  N N   . CYS A 1 71  ? -10.132 -5.719  -8.896  1.00 10.94 ? 71   CYS A N   1 
ATOM   507  C CA  . CYS A 1 71  ? -8.751  -6.070  -9.226  1.00 11.18 ? 71   CYS A CA  1 
ATOM   508  C C   . CYS A 1 71  ? -8.480  -7.558  -9.117  1.00 11.08 ? 71   CYS A C   1 
ATOM   509  O O   . CYS A 1 71  ? -8.948  -8.217  -8.186  1.00 11.67 ? 71   CYS A O   1 
ATOM   510  C CB  . CYS A 1 71  ? -7.752  -5.374  -8.296  1.00 11.64 ? 71   CYS A CB  1 
ATOM   511  S SG  . CYS A 1 71  ? -7.760  -3.582  -8.448  1.00 11.71 ? 71   CYS A SG  1 
ATOM   512  N N   . THR A 1 72  ? -7.736  -8.065  -10.085 1.00 11.73 ? 72   THR A N   1 
ATOM   513  C CA  . THR A 1 72  ? -7.182  -9.414  -10.033 1.00 12.43 ? 72   THR A CA  1 
ATOM   514  C C   . THR A 1 72  ? -5.649  -9.386  -10.096 1.00 12.14 ? 72   THR A C   1 
ATOM   515  O O   . THR A 1 72  ? -5.030  -10.428 -10.306 1.00 12.37 ? 72   THR A O   1 
ATOM   516  C CB  . THR A 1 72  ? -7.697  -10.266 -11.201 1.00 12.81 ? 72   THR A CB  1 
ATOM   517  O OG1 . THR A 1 72  ? -7.258  -9.680  -12.436 1.00 14.08 ? 72   THR A OG1 1 
ATOM   518  C CG2 . THR A 1 72  ? -9.236  -10.302 -11.261 1.00 15.88 ? 72   THR A CG2 1 
ATOM   519  N N   . ALA A 1 73  ? -5.041  -8.212  -9.917  1.00 11.11 ? 73   ALA A N   1 
ATOM   520  C CA  . ALA A 1 73  ? -3.597  -8.068  -9.936  1.00 11.12 ? 73   ALA A CA  1 
ATOM   521  C C   . ALA A 1 73  ? -3.207  -6.787  -9.239  1.00 11.09 ? 73   ALA A C   1 
ATOM   522  O O   . ALA A 1 73  ? -4.058  -5.936  -8.973  1.00 12.17 ? 73   ALA A O   1 
ATOM   523  C CB  . ALA A 1 73  ? -3.079  -8.049  -11.359 1.00 11.09 ? 73   ALA A CB  1 
ATOM   524  N N   . TYR A 1 74  ? -1.923  -6.660  -8.966  1.00 11.31 ? 74   TYR A N   1 
ATOM   525  C CA  . TYR A 1 74  ? -1.354  -5.464  -8.372  1.00 11.40 ? 74   TYR A CA  1 
ATOM   526  C C   . TYR A 1 74  ? -1.487  -4.278  -9.309  1.00 12.15 ? 74   TYR A C   1 
ATOM   527  O O   . TYR A 1 74  ? -1.638  -4.434  -10.539 1.00 12.82 ? 74   TYR A O   1 
ATOM   528  C CB  . TYR A 1 74  ? 0.115   -5.686  -8.030  1.00 11.38 ? 74   TYR A CB  1 
ATOM   529  C CG  . TYR A 1 74  ? 0.416   -6.813  -7.042  1.00 10.45 ? 74   TYR A CG  1 
ATOM   530  C CD1 . TYR A 1 74  ? -0.536  -7.282  -6.154  1.00 9.46  ? 74   TYR A CD1 1 
ATOM   531  C CD2 . TYR A 1 74  ? 1.686   -7.360  -6.980  1.00 11.90 ? 74   TYR A CD2 1 
ATOM   532  C CE1 . TYR A 1 74  ? -0.224  -8.297  -5.232  1.00 10.65 ? 74   TYR A CE1 1 
ATOM   533  C CE2 . TYR A 1 74  ? 2.003   -8.393  -6.077  1.00 11.06 ? 74   TYR A CE2 1 
ATOM   534  C CZ  . TYR A 1 74  ? 1.045   -8.850  -5.208  1.00 10.97 ? 74   TYR A CZ  1 
ATOM   535  O OH  . TYR A 1 74  ? 1.368   -9.868  -4.306  1.00 12.56 ? 74   TYR A OH  1 
ATOM   536  N N   . GLY A 1 75  ? -1.440  -3.098  -8.712  1.00 11.98 ? 75   GLY A N   1 
ATOM   537  C CA  . GLY A 1 75  ? -1.717  -1.853  -9.402  1.00 11.96 ? 75   GLY A CA  1 
ATOM   538  C C   . GLY A 1 75  ? -0.492  -1.110  -9.884  1.00 11.74 ? 75   GLY A C   1 
ATOM   539  O O   . GLY A 1 75  ? 0.643   -1.414  -9.545  1.00 11.66 ? 75   GLY A O   1 
ATOM   540  N N   . ASN A 1 76  ? -0.754  -0.122  -10.727 1.00 11.90 ? 76   ASN A N   1 
ATOM   541  C CA  . ASN A 1 76  ? 0.257   0.764   -11.282 1.00 12.51 ? 76   ASN A CA  1 
ATOM   542  C C   . ASN A 1 76  ? 0.727   1.783   -10.260 1.00 11.96 ? 76   ASN A C   1 
ATOM   543  O O   . ASN A 1 76  ? -0.109  2.524   -9.728  1.00 12.41 ? 76   ASN A O   1 
ATOM   544  C CB  . ASN A 1 76  ? -0.357  1.562   -12.424 1.00 13.33 ? 76   ASN A CB  1 
ATOM   545  C CG  . ASN A 1 76  ? -0.645  0.741   -13.610 1.00 15.37 ? 76   ASN A CG  1 
ATOM   546  O OD1 . ASN A 1 76  ? -0.468  -0.448  -13.595 1.00 21.68 ? 76   ASN A OD1 1 
ATOM   547  N ND2 . ASN A 1 76  ? -1.140  1.382   -14.667 1.00 26.06 ? 76   ASN A ND2 1 
ATOM   548  N N   . PRO A 1 77  ? 2.026   1.890   -10.023 1.00 11.82 ? 77   PRO A N   1 
ATOM   549  C CA  . PRO A 1 77  ? 2.553   2.980   -9.177  1.00 11.89 ? 77   PRO A CA  1 
ATOM   550  C C   . PRO A 1 77  ? 2.157   4.346   -9.742  1.00 12.20 ? 77   PRO A C   1 
ATOM   551  O O   . PRO A 1 77  ? 1.958   4.450   -10.969 1.00 12.43 ? 77   PRO A O   1 
ATOM   552  C CB  . PRO A 1 77  ? 4.066   2.778   -9.237  1.00 12.15 ? 77   PRO A CB  1 
ATOM   553  C CG  . PRO A 1 77  ? 4.255   1.337   -9.639  1.00 14.06 ? 77   PRO A CG  1 
ATOM   554  C CD  . PRO A 1 77  ? 3.092   0.995   -10.506 1.00 11.74 ? 77   PRO A CD  1 
ATOM   555  N N   . PRO A 1 78  ? 2.068   5.384   -8.919  1.00 11.38 ? 78   PRO A N   1 
ATOM   556  C CA  . PRO A 1 78  ? 2.353   5.334   -7.477  1.00 11.10 ? 78   PRO A CA  1 
ATOM   557  C C   . PRO A 1 78  ? 1.162   4.876   -6.632  1.00 10.88 ? 78   PRO A C   1 
ATOM   558  O O   . PRO A 1 78  ? 0.028   5.287   -6.867  1.00 11.25 ? 78   PRO A O   1 
ATOM   559  C CB  . PRO A 1 78  ? 2.678   6.791   -7.150  1.00 11.31 ? 78   PRO A CB  1 
ATOM   560  C CG  . PRO A 1 78  ? 1.804   7.534   -8.069  1.00 10.78 ? 78   PRO A CG  1 
ATOM   561  C CD  . PRO A 1 78  ? 1.764   6.752   -9.371  1.00 12.32 ? 78   PRO A CD  1 
ATOM   562  N N   . ASN A 1 79  ? 1.423   3.986   -5.684  1.00 10.64 ? 79   ASN A N   1 
ATOM   563  C CA  . ASN A 1 79  ? 0.386   3.536   -4.756  1.00 9.98  ? 79   ASN A CA  1 
ATOM   564  C C   . ASN A 1 79  ? 0.958   3.135   -3.398  1.00 9.79  ? 79   ASN A C   1 
ATOM   565  O O   . ASN A 1 79  ? 1.838   2.274   -3.310  1.00 9.69  ? 79   ASN A O   1 
ATOM   566  C CB  . ASN A 1 79  ? -0.550  2.445   -5.334  1.00 10.51 ? 79   ASN A CB  1 
ATOM   567  C CG  . ASN A 1 79  ? 0.161   1.238   -5.982  1.00 9.23  ? 79   ASN A CG  1 
ATOM   568  O OD1 . ASN A 1 79  ? 1.371   0.953   -5.808  1.00 12.77 ? 79   ASN A OD1 1 
ATOM   569  N ND2 . ASN A 1 79  ? -0.627  0.497   -6.725  1.00 8.31  ? 79   ASN A ND2 1 
ATOM   570  N N   . THR A 1 80  ? 0.446   3.766   -2.344  1.00 8.46  ? 80   THR A N   1 
ATOM   571  C CA  . THR A 1 80  ? 0.804   3.379   -0.979  1.00 8.61  ? 80   THR A CA  1 
ATOM   572  C C   . THR A 1 80  ? 0.272   1.978   -0.722  1.00 8.57  ? 80   THR A C   1 
ATOM   573  O O   . THR A 1 80  ? -0.904  1.713   -0.998  1.00 8.84  ? 80   THR A O   1 
ATOM   574  C CB  . THR A 1 80  ? 0.144   4.341   0.024   1.00 8.20  ? 80   THR A CB  1 
ATOM   575  O OG1 . THR A 1 80  ? 0.454   5.691   -0.315  1.00 8.99  ? 80   THR A OG1 1 
ATOM   576  C CG2 . THR A 1 80  ? 0.699   4.158   1.422   1.00 8.50  ? 80   THR A CG2 1 
ATOM   577  N N   . LEU A 1 81  ? 1.103   1.092   -0.181  1.00 8.59  ? 81   LEU A N   1 
ATOM   578  C CA  . LEU A 1 81  ? 0.725   -0.329  -0.052  1.00 8.61  ? 81   LEU A CA  1 
ATOM   579  C C   . LEU A 1 81  ? 0.647   -0.818  1.375   1.00 8.92  ? 81   LEU A C   1 
ATOM   580  O O   . LEU A 1 81  ? 1.556   -0.565  2.169   1.00 9.45  ? 81   LEU A O   1 
ATOM   581  C CB  . LEU A 1 81  ? 1.725   -1.222  -0.767  1.00 8.92  ? 81   LEU A CB  1 
ATOM   582  C CG  . LEU A 1 81  ? 1.885   -0.944  -2.255  1.00 9.40  ? 81   LEU A CG  1 
ATOM   583  C CD1 . LEU A 1 81  ? 2.944   -1.893  -2.830  1.00 9.78  ? 81   LEU A CD1 1 
ATOM   584  C CD2 . LEU A 1 81  ? 0.576   -1.079  -2.939  1.00 11.02 ? 81   LEU A CD2 1 
ATOM   585  N N   . ALA A 1 82  ? -0.437  -1.525  1.676   1.00 8.21  ? 82   ALA A N   1 
ATOM   586  C CA  . ALA A 1 82  ? -0.527  -2.380  2.849   1.00 8.29  ? 82   ALA A CA  1 
ATOM   587  C C   . ALA A 1 82  ? -0.205  -3.804  2.357   1.00 8.06  ? 82   ALA A C   1 
ATOM   588  O O   . ALA A 1 82  ? -0.922  -4.359  1.537   1.00 9.26  ? 82   ALA A O   1 
ATOM   589  C CB  . ALA A 1 82  ? -1.921  -2.320  3.440   1.00 8.20  ? 82   ALA A CB  1 
ATOM   590  N N   . GLU A 1 83  ? 0.877   -4.390  2.847   1.00 8.15  ? 83   GLU A N   1 
ATOM   591  C CA  . GLU A 1 83  ? 1.310   -5.722  2.396   1.00 9.05  ? 83   GLU A CA  1 
ATOM   592  C C   . GLU A 1 83  ? 1.260   -6.697  3.546   1.00 9.16  ? 83   GLU A C   1 
ATOM   593  O O   . GLU A 1 83  ? 1.514   -6.318  4.691   1.00 10.04 ? 83   GLU A O   1 
ATOM   594  C CB  . GLU A 1 83  ? 2.741   -5.678  1.882   1.00 9.23  ? 83   GLU A CB  1 
ATOM   595  C CG  . GLU A 1 83  ? 2.958   -4.735  0.715   1.00 10.05 ? 83   GLU A CG  1 
ATOM   596  C CD  . GLU A 1 83  ? 4.382   -4.750  0.204   1.00 13.16 ? 83   GLU A CD  1 
ATOM   597  O OE1 . GLU A 1 83  ? 5.326   -4.622  1.018   1.00 10.55 ? 83   GLU A OE1 1 
ATOM   598  O OE2 . GLU A 1 83  ? 4.552   -4.923  -1.029  1.00 12.86 ? 83   GLU A OE2 1 
ATOM   599  N N   . PHE A 1 84  ? 0.928   -7.952  3.266   1.00 9.46  ? 84   PHE A N   1 
ATOM   600  C CA  . PHE A 1 84  ? 0.845   -8.939  4.345   1.00 9.02  ? 84   PHE A CA  1 
ATOM   601  C C   . PHE A 1 84  ? 1.050   -10.369 3.847   1.00 8.99  ? 84   PHE A C   1 
ATOM   602  O O   . PHE A 1 84  ? 0.748   -10.687 2.703   1.00 8.69  ? 84   PHE A O   1 
ATOM   603  C CB  . PHE A 1 84  ? -0.500  -8.819  5.093   1.00 9.41  ? 84   PHE A CB  1 
ATOM   604  C CG  . PHE A 1 84  ? -1.693  -8.860  4.198   1.00 10.27 ? 84   PHE A CG  1 
ATOM   605  C CD1 . PHE A 1 84  ? -2.345  -10.060 3.939   1.00 11.82 ? 84   PHE A CD1 1 
ATOM   606  C CD2 . PHE A 1 84  ? -2.153  -7.689  3.585   1.00 12.10 ? 84   PHE A CD2 1 
ATOM   607  C CE1 . PHE A 1 84  ? -3.440  -10.087 3.087   1.00 14.49 ? 84   PHE A CE1 1 
ATOM   608  C CE2 . PHE A 1 84  ? -3.271  -7.718  2.743   1.00 12.90 ? 84   PHE A CE2 1 
ATOM   609  C CZ  . PHE A 1 84  ? -3.895  -8.927  2.503   1.00 12.88 ? 84   PHE A CZ  1 
ATOM   610  N N   . ALA A 1 85  ? 1.584   -11.207 4.739   1.00 9.02  ? 85   ALA A N   1 
ATOM   611  C CA  . ALA A 1 85  ? 1.707   -12.646 4.567   1.00 9.05  ? 85   ALA A CA  1 
ATOM   612  C C   . ALA A 1 85  ? 1.257   -13.263 5.893   1.00 9.19  ? 85   ALA A C   1 
ATOM   613  O O   . ALA A 1 85  ? 1.808   -12.944 6.958   1.00 9.65  ? 85   ALA A O   1 
ATOM   614  C CB  . ALA A 1 85  ? 3.146   -13.029 4.254   1.00 9.35  ? 85   ALA A CB  1 
ATOM   615  N N   . LEU A 1 86  ? 0.229   -14.097 5.843   1.00 9.39  ? 86   LEU A N   1 
ATOM   616  C CA  . LEU A 1 86  ? -0.465  -14.541 7.056   1.00 9.74  ? 86   LEU A CA  1 
ATOM   617  C C   . LEU A 1 86  ? -0.030  -15.934 7.480   1.00 10.26 ? 86   LEU A C   1 
ATOM   618  O O   . LEU A 1 86  ? 0.192   -16.814 6.627   1.00 10.57 ? 86   LEU A O   1 
ATOM   619  C CB  . LEU A 1 86  ? -1.984  -14.507 6.837   1.00 9.54  ? 86   LEU A CB  1 
ATOM   620  C CG  . LEU A 1 86  ? -2.540  -13.181 6.285   1.00 9.70  ? 86   LEU A CG  1 
ATOM   621  C CD1 . LEU A 1 86  ? -4.069  -13.183 6.178   1.00 10.86 ? 86   LEU A CD1 1 
ATOM   622  C CD2 . LEU A 1 86  ? -2.085  -11.999 7.125   1.00 10.39 ? 86   LEU A CD2 1 
ATOM   623  N N   . ASN A 1 87  ? 0.089   -16.140 8.792   1.00 9.98  ? 87   ASN A N   1 
ATOM   624  C CA  . ASN A 1 87  ? 0.328   -17.482 9.321   1.00 10.61 ? 87   ASN A CA  1 
ATOM   625  C C   . ASN A 1 87  ? 1.619   -18.093 8.771   1.00 10.21 ? 87   ASN A C   1 
ATOM   626  O O   . ASN A 1 87  ? 1.666   -19.285 8.425   1.00 12.27 ? 87   ASN A O   1 
ATOM   627  C CB  . ASN A 1 87  ? -0.863  -18.423 9.054   1.00 10.45 ? 87   ASN A CB  1 
ATOM   628  C CG  . ASN A 1 87  ? -2.220  -17.793 9.382   1.00 10.88 ? 87   ASN A CG  1 
ATOM   629  O OD1 . ASN A 1 87  ? -2.852  -17.194 8.511   1.00 11.13 ? 87   ASN A OD1 1 
ATOM   630  N ND2 . ASN A 1 87  ? -2.674  -17.929 10.623  1.00 11.38 ? 87   ASN A ND2 1 
ATOM   631  N N   . GLN A 1 88  ? 2.653   -17.271 8.700   1.00 10.31 ? 88   GLN A N   1 
ATOM   632  C CA  . GLN A 1 88  ? 3.977   -17.712 8.268   1.00 10.82 ? 88   GLN A CA  1 
ATOM   633  C C   . GLN A 1 88  ? 4.771   -18.273 9.429   1.00 11.38 ? 88   GLN A C   1 
ATOM   634  O O   . GLN A 1 88  ? 4.396   -18.136 10.582  1.00 11.45 ? 88   GLN A O   1 
ATOM   635  C CB  . GLN A 1 88  ? 4.741   -16.574 7.611   1.00 10.93 ? 88   GLN A CB  1 
ATOM   636  C CG  . GLN A 1 88  ? 4.005   -15.993 6.398   1.00 11.64 ? 88   GLN A CG  1 
ATOM   637  C CD  . GLN A 1 88  ? 3.803   -17.009 5.293   1.00 11.53 ? 88   GLN A CD  1 
ATOM   638  O OE1 . GLN A 1 88  ? 4.753   -17.331 4.566   1.00 11.92 ? 88   GLN A OE1 1 
ATOM   639  N NE2 . GLN A 1 88  ? 2.582   -17.532 5.159   1.00 12.15 ? 88   GLN A NE2 1 
ATOM   640  N N   . PHE A 1 89  ? 5.863   -18.945 9.088   1.00 12.47 ? 89   PHE A N   1 
ATOM   641  C CA  . PHE A 1 89  ? 6.761   -19.537 10.064  1.00 13.25 ? 89   PHE A CA  1 
ATOM   642  C C   . PHE A 1 89  ? 5.949   -20.199 11.171  1.00 13.73 ? 89   PHE A C   1 
ATOM   643  O O   . PHE A 1 89  ? 5.078   -21.001 10.862  1.00 14.02 ? 89   PHE A O   1 
ATOM   644  C CB  . PHE A 1 89  ? 7.765   -18.480 10.555  1.00 13.42 ? 89   PHE A CB  1 
ATOM   645  C CG  . PHE A 1 89  ? 8.621   -17.940 9.464   1.00 15.14 ? 89   PHE A CG  1 
ATOM   646  C CD1 . PHE A 1 89  ? 9.698   -18.663 8.980   1.00 17.57 ? 89   PHE A CD1 1 
ATOM   647  C CD2 . PHE A 1 89  ? 8.345   -16.700 8.897   1.00 15.95 ? 89   PHE A CD2 1 
ATOM   648  C CE1 . PHE A 1 89  ? 10.479  -18.152 7.955   1.00 17.85 ? 89   PHE A CE1 1 
ATOM   649  C CE2 . PHE A 1 89  ? 9.124   -16.185 7.874   1.00 18.17 ? 89   PHE A CE2 1 
ATOM   650  C CZ  . PHE A 1 89  ? 10.191  -16.920 7.400   1.00 19.11 ? 89   PHE A CZ  1 
ATOM   651  N N   . ASN A 1 90  ? 6.207   -19.877 12.441  1.00 14.44 ? 90   ASN A N   1 
ATOM   652  C CA  . ASN A 1 90  ? 5.458   -20.464 13.569  1.00 14.88 ? 90   ASN A CA  1 
ATOM   653  C C   . ASN A 1 90  ? 4.120   -19.757 13.836  1.00 14.69 ? 90   ASN A C   1 
ATOM   654  O O   . ASN A 1 90  ? 3.875   -19.205 14.912  1.00 15.21 ? 90   ASN A O   1 
ATOM   655  C CB  . ASN A 1 90  ? 6.324   -20.513 14.838  1.00 15.65 ? 90   ASN A CB  1 
ATOM   656  C CG  . ASN A 1 90  ? 6.825   -19.145 15.260  1.00 18.83 ? 90   ASN A CG  1 
ATOM   657  O OD1 . ASN A 1 90  ? 7.287   -18.353 14.436  1.00 18.86 ? 90   ASN A OD1 1 
ATOM   658  N ND2 . ASN A 1 90  ? 6.732   -18.857 16.558  1.00 25.19 ? 90   ASN A ND2 1 
ATOM   659  N N   . ASN A 1 91  ? 3.264   -19.787 12.823  1.00 13.40 ? 91   ASN A N   1 
ATOM   660  C CA  . ASN A 1 91  ? 1.937   -19.168 12.841  1.00 12.77 ? 91   ASN A CA  1 
ATOM   661  C C   . ASN A 1 91  ? 1.978   -17.711 13.255  1.00 12.78 ? 91   ASN A C   1 
ATOM   662  O O   . ASN A 1 91  ? 1.347   -17.309 14.239  1.00 12.58 ? 91   ASN A O   1 
ATOM   663  C CB  . ASN A 1 91  ? 0.950   -19.946 13.721  1.00 13.37 ? 91   ASN A CB  1 
ATOM   664  C CG  . ASN A 1 91  ? -0.494  -19.548 13.446  1.00 13.15 ? 91   ASN A CG  1 
ATOM   665  O OD1 . ASN A 1 91  ? -0.795  -19.036 12.368  1.00 14.38 ? 91   ASN A OD1 1 
ATOM   666  N ND2 . ASN A 1 91  ? -1.378  -19.766 14.408  1.00 14.61 ? 91   ASN A ND2 1 
ATOM   667  N N   . LEU A 1 92  ? 2.727   -16.935 12.485  1.00 12.27 ? 92   LEU A N   1 
ATOM   668  C CA  . LEU A 1 92  ? 2.879   -15.497 12.721  1.00 12.75 ? 92   LEU A CA  1 
ATOM   669  C C   . LEU A 1 92  ? 2.568   -14.738 11.442  1.00 11.70 ? 92   LEU A C   1 
ATOM   670  O O   . LEU A 1 92  ? 3.054   -15.102 10.381  1.00 12.11 ? 92   LEU A O   1 
ATOM   671  C CB  . LEU A 1 92  ? 4.300   -15.157 13.151  1.00 13.35 ? 92   LEU A CB  1 
ATOM   672  C CG  . LEU A 1 92  ? 4.701   -15.521 14.576  1.00 16.80 ? 92   LEU A CG  1 
ATOM   673  C CD1 . LEU A 1 92  ? 6.170   -15.175 14.734  1.00 19.80 ? 92   LEU A CD1 1 
ATOM   674  C CD2 . LEU A 1 92  ? 3.856   -14.805 15.622  1.00 18.71 ? 92   LEU A CD2 1 
ATOM   675  N N   . ASP A 1 93  ? 1.759   -13.686 11.552  1.00 10.70 ? 93   ASP A N   1 
ATOM   676  C CA  . ASP A 1 93  ? 1.554   -12.754 10.441  1.00 10.60 ? 93   ASP A CA  1 
ATOM   677  C C   . ASP A 1 93  ? 2.705   -11.757 10.330  1.00 11.16 ? 93   ASP A C   1 
ATOM   678  O O   . ASP A 1 93  ? 3.194   -11.239 11.340  1.00 10.68 ? 93   ASP A O   1 
ATOM   679  C CB  . ASP A 1 93  ? 0.289   -11.932 10.659  1.00 10.11 ? 93   ASP A CB  1 
ATOM   680  C CG  . ASP A 1 93  ? -1.007  -12.750 10.647  1.00 8.88  ? 93   ASP A CG  1 
ATOM   681  O OD1 . ASP A 1 93  ? -1.058  -13.972 10.318  1.00 9.77  ? 93   ASP A OD1 1 
ATOM   682  O OD2 . ASP A 1 93  ? -2.065  -12.178 10.947  1.00 9.47  ? 93   ASP A OD2 1 
ATOM   683  N N   . PHE A 1 94  ? 3.084   -11.452 9.083   1.00 10.77 ? 94   PHE A N   1 
ATOM   684  C CA  . PHE A 1 94  ? 4.082   -10.450 8.758   1.00 10.64 ? 94   PHE A CA  1 
ATOM   685  C C   . PHE A 1 94  ? 3.406   -9.407  7.893   1.00 10.59 ? 94   PHE A C   1 
ATOM   686  O O   . PHE A 1 94  ? 2.712   -9.751  6.934   1.00 10.42 ? 94   PHE A O   1 
ATOM   687  C CB  . PHE A 1 94  ? 5.242   -11.072 8.004   1.00 10.91 ? 94   PHE A CB  1 
ATOM   688  C CG  . PHE A 1 94  ? 6.126   -11.915 8.875   1.00 11.53 ? 94   PHE A CG  1 
ATOM   689  C CD1 . PHE A 1 94  ? 5.697   -13.151 9.308   1.00 13.02 ? 94   PHE A CD1 1 
ATOM   690  C CD2 . PHE A 1 94  ? 7.396   -11.479 9.233   1.00 16.31 ? 94   PHE A CD2 1 
ATOM   691  C CE1 . PHE A 1 94  ? 6.494   -13.934 10.146  1.00 14.91 ? 94   PHE A CE1 1 
ATOM   692  C CE2 . PHE A 1 94  ? 8.210   -12.268 10.053  1.00 17.39 ? 94   PHE A CE2 1 
ATOM   693  C CZ  . PHE A 1 94  ? 7.747   -13.498 10.507  1.00 16.47 ? 94   PHE A CZ  1 
ATOM   694  N N   . PHE A 1 95  ? 3.566   -8.140  8.244   1.00 9.42  ? 95   PHE A N   1 
ATOM   695  C CA  . PHE A 1 95  ? 2.901   -7.088  7.491   1.00 9.32  ? 95   PHE A CA  1 
ATOM   696  C C   . PHE A 1 95  ? 3.683   -5.798  7.516   1.00 9.31  ? 95   PHE A C   1 
ATOM   697  O O   . PHE A 1 95  ? 4.590   -5.611  8.329   1.00 9.44  ? 95   PHE A O   1 
ATOM   698  C CB  . PHE A 1 95  ? 1.443   -6.872  7.977   1.00 8.78  ? 95   PHE A CB  1 
ATOM   699  C CG  . PHE A 1 95  ? 1.319   -6.302  9.375   1.00 9.58  ? 95   PHE A CG  1 
ATOM   700  C CD1 . PHE A 1 95  ? 1.668   -7.054  10.495  1.00 9.14  ? 95   PHE A CD1 1 
ATOM   701  C CD2 . PHE A 1 95  ? 0.799   -5.025  9.577   1.00 10.75 ? 95   PHE A CD2 1 
ATOM   702  C CE1 . PHE A 1 95  ? 1.547   -6.514  11.762  1.00 10.10 ? 95   PHE A CE1 1 
ATOM   703  C CE2 . PHE A 1 95  ? 0.666   -4.493  10.855  1.00 10.76 ? 95   PHE A CE2 1 
ATOM   704  C CZ  . PHE A 1 95  ? 1.045   -5.231  11.940  1.00 9.94  ? 95   PHE A CZ  1 
ATOM   705  N N   . ASP A 1 96  ? 3.362   -4.923  6.581   1.00 8.59  ? 96   ASP A N   1 
ATOM   706  C CA  . ASP A 1 96  ? 4.096   -3.666  6.435   1.00 9.17  ? 96   ASP A CA  1 
ATOM   707  C C   . ASP A 1 96  ? 3.307   -2.677  5.599   1.00 9.32  ? 96   ASP A C   1 
ATOM   708  O O   . ASP A 1 96  ? 2.367   -3.070  4.905   1.00 8.32  ? 96   ASP A O   1 
ATOM   709  C CB  . ASP A 1 96  ? 5.484   -3.900  5.796   1.00 9.67  ? 96   ASP A CB  1 
ATOM   710  C CG  . ASP A 1 96  ? 5.413   -4.504  4.398   1.00 9.90  ? 96   ASP A CG  1 
ATOM   711  O OD1 . ASP A 1 96  ? 5.203   -3.748  3.397   1.00 10.14 ? 96   ASP A OD1 1 
ATOM   712  O OD2 . ASP A 1 96  ? 5.568   -5.738  4.199   1.00 10.86 ? 96   ASP A OD2 1 
ATOM   713  N N   . ILE A 1 97  ? 3.682   -1.408  5.700   1.00 9.25  ? 97   ILE A N   1 
ATOM   714  C CA  . ILE A 1 97  ? 3.370   -0.422  4.683   1.00 9.44  ? 97   ILE A CA  1 
ATOM   715  C C   . ILE A 1 97  ? 4.610   -0.246  3.818   1.00 9.15  ? 97   ILE A C   1 
ATOM   716  O O   . ILE A 1 97  ? 5.730   -0.157  4.321   1.00 9.39  ? 97   ILE A O   1 
ATOM   717  C CB  . ILE A 1 97  ? 2.944   0.915   5.309   1.00 9.26  ? 97   ILE A CB  1 
ATOM   718  C CG1 . ILE A 1 97  ? 1.631   0.730   6.092   1.00 9.53  ? 97   ILE A CG1 1 
ATOM   719  C CG2 . ILE A 1 97  ? 2.787   1.984   4.229   1.00 8.53  ? 97   ILE A CG2 1 
ATOM   720  C CD1 . ILE A 1 97  ? 1.252   1.973   6.893   1.00 9.87  ? 97   ILE A CD1 1 
ATOM   721  N N   . SER A 1 98  ? 4.409   -0.235  2.508   1.00 9.22  ? 98   SER A N   1 
ATOM   722  C CA  . SER A 1 98  ? 5.508   -0.097  1.569   1.00 9.37  ? 98   SER A CA  1 
ATOM   723  C C   . SER A 1 98  ? 5.294   1.094   0.652   1.00 9.16  ? 98   SER A C   1 
ATOM   724  O O   . SER A 1 98  ? 4.201   1.307   0.154   1.00 8.73  ? 98   SER A O   1 
ATOM   725  C CB  . SER A 1 98  ? 5.674   -1.367  0.748   1.00 10.14 ? 98   SER A CB  1 
ATOM   726  O OG  . SER A 1 98  ? 6.638   -1.170  -0.274  1.00 10.27 ? 98   SER A OG  1 
ATOM   727  N N   . LEU A 1 99  ? 6.372   1.864   0.460   1.00 9.54  ? 99   LEU A N   1 
ATOM   728  C CA  . LEU A 1 99  ? 6.433   2.975   -0.476  1.00 9.28  ? 99   LEU A CA  1 
ATOM   729  C C   . LEU A 1 99  ? 7.427   2.646   -1.610  1.00 9.63  ? 99   LEU A C   1 
ATOM   730  O O   . LEU A 1 99  ? 7.839   3.528   -2.360  1.00 9.72  ? 99   LEU A O   1 
ATOM   731  C CB  . LEU A 1 99  ? 6.885   4.245   0.256   1.00 9.70  ? 99   LEU A CB  1 
ATOM   732  C CG  . LEU A 1 99  ? 6.025   4.612   1.477   1.00 10.63 ? 99   LEU A CG  1 
ATOM   733  C CD1 . LEU A 1 99  ? 6.552   5.866   2.187   1.00 11.72 ? 99   LEU A CD1 1 
ATOM   734  C CD2 . LEU A 1 99  ? 4.579   4.798   1.091   1.00 11.71 ? 99   LEU A CD2 1 
ATOM   735  N N   . VAL A 1 100 ? 7.747   1.371   -1.757  1.00 9.81  ? 100  VAL A N   1 
ATOM   736  C CA  . VAL A 1 100 ? 8.647   0.892   -2.802  1.00 10.33 ? 100  VAL A CA  1 
ATOM   737  C C   . VAL A 1 100 ? 8.026   1.102   -4.175  1.00 10.57 ? 100  VAL A C   1 
ATOM   738  O O   . VAL A 1 100 ? 8.734   1.341   -5.145  1.00 10.70 ? 100  VAL A O   1 
ATOM   739  C CB  . VAL A 1 100 ? 9.075   -0.576  -2.550  1.00 10.69 ? 100  VAL A CB  1 
ATOM   740  C CG1 . VAL A 1 100 ? 9.840   -1.142  -3.758  1.00 11.81 ? 100  VAL A CG1 1 
ATOM   741  C CG2 . VAL A 1 100 ? 9.929   -0.660  -1.274  1.00 10.74 ? 100  VAL A CG2 1 
ATOM   742  N N   . ASP A 1 101 ? 6.697   1.020   -4.247  1.00 9.90  ? 101  ASP A N   1 
ATOM   743  C CA  . ASP A 1 101 ? 5.933   1.380   -5.442  1.00 10.48 ? 101  ASP A CA  1 
ATOM   744  C C   . ASP A 1 101 ? 5.212   2.727   -5.289  1.00 10.24 ? 101  ASP A C   1 
ATOM   745  O O   . ASP A 1 101 ? 4.110   2.914   -5.821  1.00 10.32 ? 101  ASP A O   1 
ATOM   746  C CB  . ASP A 1 101 ? 4.915   0.289   -5.786  1.00 11.12 ? 101  ASP A CB  1 
ATOM   747  C CG  . ASP A 1 101 ? 5.558   -1.002  -6.252  1.00 14.10 ? 101  ASP A CG  1 
ATOM   748  O OD1 . ASP A 1 101 ? 6.738   -1.003  -6.697  1.00 15.02 ? 101  ASP A OD1 1 
ATOM   749  O OD2 . ASP A 1 101 ? 4.949   -2.092  -6.189  1.00 18.58 ? 101  ASP A OD2 1 
ATOM   750  N N   . GLY A 1 102 ? 5.843   3.647   -4.570  1.00 10.12 ? 102  GLY A N   1 
ATOM   751  C CA  . GLY A 1 102 ? 5.379   5.015   -4.462  1.00 10.24 ? 102  GLY A CA  1 
ATOM   752  C C   . GLY A 1 102 ? 4.308   5.246   -3.398  1.00 10.53 ? 102  GLY A C   1 
ATOM   753  O O   . GLY A 1 102 ? 3.945   4.360   -2.638  1.00 10.76 ? 102  GLY A O   1 
ATOM   754  N N   . PHE A 1 103 ? 3.848   6.486   -3.357  1.00 9.92  ? 103  PHE A N   1 
ATOM   755  C CA  . PHE A 1 103 ? 2.852   6.975   -2.404  1.00 9.63  ? 103  PHE A CA  1 
ATOM   756  C C   . PHE A 1 103 ? 1.742   7.628   -3.205  1.00 9.81  ? 103  PHE A C   1 
ATOM   757  O O   . PHE A 1 103 ? 1.997   8.322   -4.176  1.00 9.74  ? 103  PHE A O   1 
ATOM   758  C CB  . PHE A 1 103 ? 3.508   7.992   -1.441  1.00 9.54  ? 103  PHE A CB  1 
ATOM   759  C CG  . PHE A 1 103 ? 2.553   8.632   -0.447  1.00 9.15  ? 103  PHE A CG  1 
ATOM   760  C CD1 . PHE A 1 103 ? 1.755   9.696   -0.810  1.00 10.21 ? 103  PHE A CD1 1 
ATOM   761  C CD2 . PHE A 1 103 ? 2.500   8.190   0.869   1.00 10.15 ? 103  PHE A CD2 1 
ATOM   762  C CE1 . PHE A 1 103 ? 0.885   10.279  0.090   1.00 11.07 ? 103  PHE A CE1 1 
ATOM   763  C CE2 . PHE A 1 103 ? 1.632   8.784   1.791   1.00 11.16 ? 103  PHE A CE2 1 
ATOM   764  C CZ  . PHE A 1 103 ? 0.821   9.820   1.402   1.00 10.78 ? 103  PHE A CZ  1 
ATOM   765  N N   . ASN A 1 104 ? 0.499   7.412   -2.801  1.00 9.91  ? 104  ASN A N   1 
ATOM   766  C CA  . ASN A 1 104 ? -0.622  8.185   -3.344  1.00 9.86  ? 104  ASN A CA  1 
ATOM   767  C C   . ASN A 1 104 ? -1.544  8.760   -2.271  1.00 10.48 ? 104  ASN A C   1 
ATOM   768  O O   . ASN A 1 104 ? -1.908  9.949   -2.310  1.00 10.86 ? 104  ASN A O   1 
ATOM   769  C CB  . ASN A 1 104 ? -1.394  7.429   -4.445  1.00 10.06 ? 104  ASN A CB  1 
ATOM   770  C CG  . ASN A 1 104 ? -2.120  6.166   -3.961  1.00 9.88  ? 104  ASN A CG  1 
ATOM   771  O OD1 . ASN A 1 104 ? -1.793  5.594   -2.922  1.00 10.09 ? 104  ASN A OD1 1 
ATOM   772  N ND2 . ASN A 1 104 ? -3.103  5.734   -4.738  1.00 8.69  ? 104  ASN A ND2 1 
ATOM   773  N N   . VAL A 1 105 ? -1.887  7.929   -1.297  1.00 10.02 ? 105  VAL A N   1 
ATOM   774  C CA  . VAL A 1 105 ? -2.818  8.295   -0.241  1.00 10.33 ? 105  VAL A CA  1 
ATOM   775  C C   . VAL A 1 105 ? -2.174  7.962   1.101   1.00 10.01 ? 105  VAL A C   1 
ATOM   776  O O   . VAL A 1 105 ? -1.551  6.919   1.246   1.00 10.34 ? 105  VAL A O   1 
ATOM   777  C CB  . VAL A 1 105 ? -4.159  7.536   -0.433  1.00 10.87 ? 105  VAL A CB  1 
ATOM   778  C CG1 . VAL A 1 105 ? -5.169  7.902   0.647   1.00 12.97 ? 105  VAL A CG1 1 
ATOM   779  C CG2 . VAL A 1 105 ? -4.741  7.869   -1.802  1.00 12.25 ? 105  VAL A CG2 1 
ATOM   780  N N   . PRO A 1 106 ? -2.340  8.821   2.104   1.00 9.30  ? 106  PRO A N   1 
ATOM   781  C CA  . PRO A 1 106 ? -1.875  8.479   3.461   1.00 8.63  ? 106  PRO A CA  1 
ATOM   782  C C   . PRO A 1 106 ? -2.654  7.295   4.021   1.00 8.39  ? 106  PRO A C   1 
ATOM   783  O O   . PRO A 1 106 ? -3.836  7.134   3.715   1.00 9.24  ? 106  PRO A O   1 
ATOM   784  C CB  . PRO A 1 106 ? -2.137  9.766   4.263   1.00 9.22  ? 106  PRO A CB  1 
ATOM   785  C CG  . PRO A 1 106 ? -3.238  10.431  3.533   1.00 8.89  ? 106  PRO A CG  1 
ATOM   786  C CD  . PRO A 1 106 ? -3.012  10.129  2.063   1.00 9.57  ? 106  PRO A CD  1 
ATOM   787  N N   . MET A 1 107 ? -2.012  6.485   4.870   1.00 8.23  ? 107  MET A N   1 
ATOM   788  C CA  . MET A 1 107 ? -2.544  5.190   5.259   1.00 9.15  ? 107  MET A CA  1 
ATOM   789  C C   . MET A 1 107 ? -2.180  4.854   6.695   1.00 8.94  ? 107  MET A C   1 
ATOM   790  O O   . MET A 1 107 ? -1.055  5.080   7.106   1.00 10.20 ? 107  MET A O   1 
ATOM   791  C CB  . MET A 1 107 ? -1.939  4.090   4.361   1.00 9.59  ? 107  MET A CB  1 
ATOM   792  C CG  . MET A 1 107 ? -2.371  2.691   4.722   1.00 10.84 ? 107  MET A CG  1 
ATOM   793  S SD  . MET A 1 107 ? -1.669  1.456   3.595   1.00 10.12 ? 107  MET A SD  1 
ATOM   794  C CE  . MET A 1 107 ? -2.676  1.678   2.093   1.00 10.07 ? 107  MET A CE  1 
ATOM   795  N N   . ASP A 1 108 ? -3.133  4.287   7.429   1.00 9.97  ? 108  ASP A N   1 
ATOM   796  C CA  . ASP A 1 108 ? -2.870  3.551   8.661   1.00 9.18  ? 108  ASP A CA  1 
ATOM   797  C C   . ASP A 1 108 ? -3.205  2.078   8.405   1.00 9.53  ? 108  ASP A C   1 
ATOM   798  O O   . ASP A 1 108 ? -4.244  1.778   7.819   1.00 9.47  ? 108  ASP A O   1 
ATOM   799  C CB  . ASP A 1 108 ? -3.712  4.099   9.808   1.00 9.68  ? 108  ASP A CB  1 
ATOM   800  C CG  . ASP A 1 108 ? -3.363  3.478   11.119  1.00 9.93  ? 108  ASP A CG  1 
ATOM   801  O OD1 . ASP A 1 108 ? -2.642  4.112   11.950  1.00 11.17 ? 108  ASP A OD1 1 
ATOM   802  O OD2 . ASP A 1 108 ? -3.737  2.316   11.374  1.00 10.85 ? 108  ASP A OD2 1 
ATOM   803  N N   . PHE A 1 109 ? -2.321  1.178   8.825   1.00 9.45  ? 109  PHE A N   1 
ATOM   804  C CA  . PHE A 1 109 ? -2.496  -0.272  8.645   1.00 8.93  ? 109  PHE A CA  1 
ATOM   805  C C   . PHE A 1 109 ? -2.206  -0.887  10.001  1.00 9.80  ? 109  PHE A C   1 
ATOM   806  O O   . PHE A 1 109 ? -1.055  -1.001  10.398  1.00 9.41  ? 109  PHE A O   1 
ATOM   807  C CB  . PHE A 1 109 ? -1.523  -0.792  7.569   1.00 9.15  ? 109  PHE A CB  1 
ATOM   808  C CG  . PHE A 1 109 ? -1.611  -2.285  7.269   1.00 8.98  ? 109  PHE A CG  1 
ATOM   809  C CD1 . PHE A 1 109 ? -2.729  -3.046  7.592   1.00 9.00  ? 109  PHE A CD1 1 
ATOM   810  C CD2 . PHE A 1 109 ? -0.564  -2.917  6.592   1.00 6.66  ? 109  PHE A CD2 1 
ATOM   811  C CE1 . PHE A 1 109 ? -2.786  -4.410  7.277   1.00 7.48  ? 109  PHE A CE1 1 
ATOM   812  C CE2 . PHE A 1 109 ? -0.613  -4.263  6.280   1.00 6.27  ? 109  PHE A CE2 1 
ATOM   813  C CZ  . PHE A 1 109 ? -1.720  -5.021  6.618   1.00 6.35  ? 109  PHE A CZ  1 
ATOM   814  N N   . SER A 1 110 ? -3.264  -1.260  10.712  1.00 9.47  ? 110  SER A N   1 
ATOM   815  C CA  . SER A 1 110 ? -3.130  -1.706  12.092  1.00 9.95  ? 110  SER A CA  1 
ATOM   816  C C   . SER A 1 110 ? -3.991  -2.912  12.395  1.00 9.92  ? 110  SER A C   1 
ATOM   817  O O   . SER A 1 110 ? -5.072  -3.101  11.821  1.00 9.36  ? 110  SER A O   1 
ATOM   818  C CB  . SER A 1 110 ? -3.516  -0.581  13.052  1.00 10.50 ? 110  SER A CB  1 
ATOM   819  O OG  . SER A 1 110 ? -2.629  0.526   12.961  1.00 10.79 ? 110  SER A OG  1 
ATOM   820  N N   . PRO A 1 111 ? -3.546  -3.723  13.348  1.00 9.20  ? 111  PRO A N   1 
ATOM   821  C CA  . PRO A 1 111 ? -4.381  -4.826  13.818  1.00 9.48  ? 111  PRO A CA  1 
ATOM   822  C C   . PRO A 1 111 ? -5.551  -4.284  14.626  1.00 9.73  ? 111  PRO A C   1 
ATOM   823  O O   . PRO A 1 111 ? -5.401  -3.270  15.321  1.00 9.77  ? 111  PRO A O   1 
ATOM   824  C CB  . PRO A 1 111 ? -3.429  -5.619  14.737  1.00 9.06  ? 111  PRO A CB  1 
ATOM   825  C CG  . PRO A 1 111 ? -2.471  -4.572  15.257  1.00 8.90  ? 111  PRO A CG  1 
ATOM   826  C CD  . PRO A 1 111 ? -2.276  -3.630  14.103  1.00 10.32 ? 111  PRO A CD  1 
ATOM   827  N N   . THR A 1 112 ? -6.688  -4.968  14.581  1.00 10.01 ? 112  THR A N   1 
ATOM   828  C CA  . THR A 1 112 ? -7.830  -4.621  15.422  1.00 10.52 ? 112  THR A CA  1 
ATOM   829  C C   . THR A 1 112 ? -8.015  -5.602  16.588  1.00 11.61 ? 112  THR A C   1 
ATOM   830  O O   . THR A 1 112 ? -8.718  -5.289  17.553  1.00 11.66 ? 112  THR A O   1 
ATOM   831  C CB  . THR A 1 112 ? -9.118  -4.568  14.579  1.00 10.42 ? 112  THR A CB  1 
ATOM   832  O OG1 . THR A 1 112 ? -9.293  -5.795  13.847  1.00 10.96 ? 112  THR A OG1 1 
ATOM   833  C CG2 . THR A 1 112 ? -9.026  -3.488  13.535  1.00 11.71 ? 112  THR A CG2 1 
ATOM   834  N N   . SER A 1 113 ? -7.400  -6.778  16.499  1.00 12.17 ? 113  SER A N   1 
ATOM   835  C CA  . SER A 1 113 ? -7.723  -7.878  17.424  1.00 13.39 ? 113  SER A CA  1 
ATOM   836  C C   . SER A 1 113 ? -6.788  -8.042  18.618  1.00 14.39 ? 113  SER A C   1 
ATOM   837  O O   . SER A 1 113 ? -6.958  -8.992  19.396  1.00 15.21 ? 113  SER A O   1 
ATOM   838  C CB  . SER A 1 113 ? -7.876  -9.202  16.665  1.00 14.06 ? 113  SER A CB  1 
ATOM   839  O OG  . SER A 1 113 ? -6.766  -9.444  15.841  1.00 12.94 ? 113  SER A OG  1 
ATOM   840  N N   . GLY A 1 114 ? -5.842  -7.125  18.790  1.00 14.11 ? 114  GLY A N   1 
ATOM   841  C CA  . GLY A 1 114 ? -4.976  -7.137  19.971  1.00 14.18 ? 114  GLY A CA  1 
ATOM   842  C C   . GLY A 1 114 ? -3.718  -7.980  19.758  1.00 13.43 ? 114  GLY A C   1 
ATOM   843  O O   . GLY A 1 114 ? -3.649  -8.818  18.856  1.00 13.46 ? 114  GLY A O   1 
ATOM   844  N N   . GLY A 1 115 ? -2.714  -7.771  20.604  1.00 12.89 ? 115  GLY A N   1 
ATOM   845  C CA  . GLY A 1 115 ? -1.537  -8.614  20.601  1.00 13.07 ? 115  GLY A CA  1 
ATOM   846  C C   . GLY A 1 115 ? -0.322  -8.049  19.903  1.00 12.56 ? 115  GLY A C   1 
ATOM   847  O O   . GLY A 1 115 ? 0.724   -8.691  19.888  1.00 13.59 ? 115  GLY A O   1 
ATOM   848  N N   . CYS A 1 116 ? -0.454  -6.857  19.326  1.00 12.72 ? 116  CYS A N   1 
ATOM   849  C CA  . CYS A 1 116 ? 0.624   -6.259  18.545  1.00 12.55 ? 116  CYS A CA  1 
ATOM   850  C C   . CYS A 1 116 ? 0.305   -4.822  18.146  1.00 12.39 ? 116  CYS A C   1 
ATOM   851  O O   . CYS A 1 116 ? -0.818  -4.370  18.292  1.00 13.63 ? 116  CYS A O   1 
ATOM   852  C CB  . CYS A 1 116 ? 0.855   -7.080  17.276  1.00 12.53 ? 116  CYS A CB  1 
ATOM   853  S SG  . CYS A 1 116 ? -0.685  -7.523  16.439  1.00 11.73 ? 116  CYS A SG  1 
ATOM   854  N N   . ARG A 1 117 ? 1.298   -4.131  17.611  1.00 12.30 ? 117  ARG A N   1 
ATOM   855  C CA  . ARG A 1 117 ? 1.146   -2.724  17.256  1.00 12.67 ? 117  ARG A CA  1 
ATOM   856  C C   . ARG A 1 117 ? 0.887   -2.587  15.759  1.00 11.59 ? 117  ARG A C   1 
ATOM   857  O O   . ARG A 1 117 ? 1.053   -3.536  15.008  1.00 11.72 ? 117  ARG A O   1 
ATOM   858  C CB  . ARG A 1 117 ? 2.397   -1.954  17.651  1.00 13.51 ? 117  ARG A CB  1 
ATOM   859  C CG  . ARG A 1 117 ? 3.633   -2.319  16.874  1.00 16.18 ? 117  ARG A CG  1 
ATOM   860  C CD  . ARG A 1 117 ? 4.693   -1.243  16.871  1.00 20.22 ? 117  ARG A CD  1 
ATOM   861  N NE  . ARG A 1 117 ? 4.247   -0.092  16.089  1.00 22.17 ? 117  ARG A NE  1 
ATOM   862  C CZ  . ARG A 1 117 ? 5.029   0.920   15.731  1.00 26.66 ? 117  ARG A CZ  1 
ATOM   863  N NH1 . ARG A 1 117 ? 6.319   0.950   16.094  1.00 25.84 ? 117  ARG A NH1 1 
ATOM   864  N NH2 . ARG A 1 117 ? 4.521   1.909   15.001  1.00 26.76 ? 117  ARG A NH2 1 
ATOM   865  N N   . GLY A 1 118 ? 0.477   -1.390  15.343  1.00 11.66 ? 118  GLY A N   1 
ATOM   866  C CA  . GLY A 1 118 ? 0.212   -1.090  13.946  1.00 11.35 ? 118  GLY A CA  1 
ATOM   867  C C   . GLY A 1 118 ? 1.206   -0.117  13.325  1.00 11.23 ? 118  GLY A C   1 
ATOM   868  O O   . GLY A 1 118 ? 2.266   0.186   13.898  1.00 12.04 ? 118  GLY A O   1 
ATOM   869  N N   . ILE A 1 119 ? 0.827   0.423   12.164  1.00 10.56 ? 119  ILE A N   1 
ATOM   870  C CA  . ILE A 1 119 ? 1.745   1.151   11.283  1.00 10.60 ? 119  ILE A CA  1 
ATOM   871  C C   . ILE A 1 119 ? 0.992   2.326   10.667  1.00 10.78 ? 119  ILE A C   1 
ATOM   872  O O   . ILE A 1 119 ? -0.193  2.215   10.353  1.00 10.87 ? 119  ILE A O   1 
ATOM   873  C CB  . ILE A 1 119 ? 2.250   0.254   10.098  1.00 10.76 ? 119  ILE A CB  1 
ATOM   874  C CG1 . ILE A 1 119 ? 2.491   -1.197  10.528  1.00 11.49 ? 119  ILE A CG1 1 
ATOM   875  C CG2 . ILE A 1 119 ? 3.517   0.883   9.442   1.00 10.41 ? 119  ILE A CG2 1 
ATOM   876  C CD1 . ILE A 1 119 ? 2.893   -2.116  9.399   1.00 10.66 ? 119  ILE A CD1 1 
ATOM   877  N N   . ARG A 1 120 ? 1.685   3.440   10.479  1.00 11.14 ? 120  ARG A N   1 
ATOM   878  C CA  . ARG A 1 120 ? 1.088   4.582   9.815   1.00 11.36 ? 120  ARG A CA  1 
ATOM   879  C C   . ARG A 1 120 ? 2.107   5.320   8.957   1.00 10.53 ? 120  ARG A C   1 
ATOM   880  O O   . ARG A 1 120 ? 3.256   5.498   9.358   1.00 10.93 ? 120  ARG A O   1 
ATOM   881  C CB  . ARG A 1 120 ? 0.484   5.549   10.824  1.00 11.80 ? 120  ARG A CB  1 
ATOM   882  C CG  . ARG A 1 120 ? -0.303  6.692   10.193  1.00 13.43 ? 120  ARG A CG  1 
ATOM   883  C CD  . ARG A 1 120 ? -0.945  7.601   11.233  1.00 15.66 ? 120  ARG A CD  1 
ATOM   884  N NE  . ARG A 1 120 ? -2.081  6.921   11.844  1.00 17.01 ? 120  ARG A NE  1 
ATOM   885  C CZ  . ARG A 1 120 ? -2.970  7.499   12.646  1.00 18.66 ? 120  ARG A CZ  1 
ATOM   886  N NH1 . ARG A 1 120 ? -2.860  8.784   12.940  1.00 20.51 ? 120  ARG A NH1 1 
ATOM   887  N NH2 . ARG A 1 120 ? -3.981  6.790   13.139  1.00 17.95 ? 120  ARG A NH2 1 
ATOM   888  N N   . CYS A 1 121 ? 1.665   5.734   7.773   1.00 10.06 ? 121  CYS A N   1 
ATOM   889  C CA  . CYS A 1 121 ? 2.415   6.651   6.915   1.00 10.61 ? 121  CYS A CA  1 
ATOM   890  C C   . CYS A 1 121 ? 1.430   7.705   6.446   1.00 10.43 ? 121  CYS A C   1 
ATOM   891  O O   . CYS A 1 121 ? 0.678   7.483   5.509   1.00 10.47 ? 121  CYS A O   1 
ATOM   892  C CB  . CYS A 1 121 ? 3.024   5.928   5.711   1.00 10.51 ? 121  CYS A CB  1 
ATOM   893  S SG  . CYS A 1 121 ? 3.888   7.050   4.571   1.00 11.66 ? 121  CYS A SG  1 
ATOM   894  N N   . ALA A 1 122 ? 1.430   8.854   7.113   1.00 10.91 ? 122  ALA A N   1 
ATOM   895  C CA  . ALA A 1 122 ? 0.390   9.854   6.886   1.00 11.25 ? 122  ALA A CA  1 
ATOM   896  C C   . ALA A 1 122 ? 0.988   11.255  6.694   1.00 11.10 ? 122  ALA A C   1 
ATOM   897  O O   . ALA A 1 122 ? 0.261   12.244  6.649   1.00 11.12 ? 122  ALA A O   1 
ATOM   898  C CB  . ALA A 1 122 ? -0.582  9.827   8.012   1.00 12.54 ? 122  ALA A CB  1 
ATOM   899  N N   . ALA A 1 123 ? 2.307   11.328  6.533   1.00 10.30 ? 123  ALA A N   1 
ATOM   900  C CA  . ALA A 1 123 ? 2.943   12.580  6.139   1.00 10.48 ? 123  ALA A CA  1 
ATOM   901  C C   . ALA A 1 123 ? 2.443   13.001  4.764   1.00 10.09 ? 123  ALA A C   1 
ATOM   902  O O   . ALA A 1 123 ? 1.982   12.176  3.987   1.00 10.96 ? 123  ALA A O   1 
ATOM   903  C CB  . ALA A 1 123 ? 4.445   12.436  6.124   1.00 11.09 ? 123  ALA A CB  1 
ATOM   904  N N   . ASP A 1 124 ? 2.501   14.301  4.492   1.00 9.56  ? 124  ASP A N   1 
ATOM   905  C CA  . ASP A 1 124 ? 2.125   14.839  3.183   1.00 10.04 ? 124  ASP A CA  1 
ATOM   906  C C   . ASP A 1 124 ? 3.248   14.596  2.172   1.00 10.86 ? 124  ASP A C   1 
ATOM   907  O O   . ASP A 1 124 ? 3.979   15.516  1.779   1.00 10.25 ? 124  ASP A O   1 
ATOM   908  C CB  . ASP A 1 124 ? 1.786   16.328  3.313   1.00 10.53 ? 124  ASP A CB  1 
ATOM   909  C CG  . ASP A 1 124 ? 1.226   16.929  2.040   1.00 11.99 ? 124  ASP A CG  1 
ATOM   910  O OD1 . ASP A 1 124 ? 0.944   16.192  1.051   1.00 11.36 ? 124  ASP A OD1 1 
ATOM   911  O OD2 . ASP A 1 124 ? 1.031   18.155  1.957   1.00 10.60 ? 124  ASP A OD2 1 
ATOM   912  N N   . ILE A 1 125 ? 3.367   13.343  1.737   1.00 11.03 ? 125  ILE A N   1 
ATOM   913  C CA  . ILE A 1 125 ? 4.416   12.949  0.801   1.00 11.88 ? 125  ILE A CA  1 
ATOM   914  C C   . ILE A 1 125 ? 4.184   13.578  -0.571  1.00 12.02 ? 125  ILE A C   1 
ATOM   915  O O   . ILE A 1 125 ? 5.136   13.975  -1.244  1.00 11.94 ? 125  ILE A O   1 
ATOM   916  C CB  . ILE A 1 125 ? 4.482   11.405  0.702   1.00 12.96 ? 125  ILE A CB  1 
ATOM   917  C CG1 . ILE A 1 125 ? 4.960   10.774  2.015   1.00 16.47 ? 125  ILE A CG1 1 
ATOM   918  C CG2 . ILE A 1 125 ? 5.343   10.941  -0.471  1.00 12.48 ? 125  ILE A CG2 1 
ATOM   919  C CD1 . ILE A 1 125 ? 6.228   11.246  2.489   1.00 18.54 ? 125  ILE A CD1 1 
ATOM   920  N N   . ASN A 1 126 ? 2.921   13.674  -0.997  1.00 12.39 ? 126  ASN A N   1 
ATOM   921  C CA  . ASN A 1 126 ? 2.633   14.273  -2.298  1.00 12.58 ? 126  ASN A CA  1 
ATOM   922  C C   . ASN A 1 126 ? 3.081   15.730  -2.365  1.00 13.08 ? 126  ASN A C   1 
ATOM   923  O O   . ASN A 1 126 ? 3.686   16.159  -3.354  1.00 13.11 ? 126  ASN A O   1 
ATOM   924  C CB  . ASN A 1 126 ? 1.149   14.160  -2.644  1.00 12.75 ? 126  ASN A CB  1 
ATOM   925  C CG  . ASN A 1 126 ? 0.742   12.749  -2.989  1.00 14.21 ? 126  ASN A CG  1 
ATOM   926  O OD1 . ASN A 1 126 ? 1.595   11.900  -3.268  1.00 15.18 ? 126  ASN A OD1 1 
ATOM   927  N ND2 . ASN A 1 126 ? -0.575  12.478  -2.947  1.00 13.80 ? 126  ASN A ND2 1 
ATOM   928  N N   . GLY A 1 127 ? 2.774   16.481  -1.314  1.00 12.90 ? 127  GLY A N   1 
ATOM   929  C CA  . GLY A 1 127 ? 3.088   17.892  -1.271  1.00 13.61 ? 127  GLY A CA  1 
ATOM   930  C C   . GLY A 1 127 ? 4.573   18.156  -1.262  1.00 13.60 ? 127  GLY A C   1 
ATOM   931  O O   . GLY A 1 127 ? 5.019   19.129  -1.877  1.00 13.79 ? 127  GLY A O   1 
ATOM   932  N N   . GLN A 1 128 ? 5.330   17.299  -0.573  1.00 13.23 ? 128  GLN A N   1 
ATOM   933  C CA  . GLN A 1 128 ? 6.787   17.441  -0.441  1.00 13.71 ? 128  GLN A CA  1 
ATOM   934  C C   . GLN A 1 128 ? 7.567   16.683  -1.509  1.00 13.96 ? 128  GLN A C   1 
ATOM   935  O O   . GLN A 1 128 ? 8.795   16.769  -1.565  1.00 15.08 ? 128  GLN A O   1 
ATOM   936  C CB  . GLN A 1 128 ? 7.218   16.930  0.927   1.00 13.37 ? 128  GLN A CB  1 
ATOM   937  C CG  . GLN A 1 128 ? 6.574   17.658  2.107   1.00 13.24 ? 128  GLN A CG  1 
ATOM   938  C CD  . GLN A 1 128 ? 7.053   17.125  3.444   1.00 16.21 ? 128  GLN A CD  1 
ATOM   939  O OE1 . GLN A 1 128 ? 6.340   16.361  4.106   1.00 19.45 ? 128  GLN A OE1 1 
ATOM   940  N NE2 . GLN A 1 128 ? 8.253   17.515  3.843   1.00 17.02 ? 128  GLN A NE2 1 
ATOM   941  N N   . CYS A 1 129 ? 6.858   15.969  -2.381  1.00 14.33 ? 129  CYS A N   1 
ATOM   942  C CA  . CYS A 1 129 ? 7.496   15.082  -3.350  1.00 14.18 ? 129  CYS A CA  1 
ATOM   943  C C   . CYS A 1 129 ? 8.571   15.809  -4.165  1.00 14.87 ? 129  CYS A C   1 
ATOM   944  O O   . CYS A 1 129 ? 8.287   16.860  -4.697  1.00 14.62 ? 129  CYS A O   1 
ATOM   945  C CB  . CYS A 1 129 ? 6.448   14.537  -4.317  1.00 13.96 ? 129  CYS A CB  1 
ATOM   946  S SG  . CYS A 1 129 ? 7.100   13.169  -5.316  1.00 14.06 ? 129  CYS A SG  1 
ATOM   947  N N   . PRO A 1 130 ? 9.784   15.271  -4.261  1.00 15.44 ? 130  PRO A N   1 
ATOM   948  C CA  . PRO A 1 130 ? 10.782  15.857  -5.184  1.00 16.12 ? 130  PRO A CA  1 
ATOM   949  C C   . PRO A 1 130 ? 10.244  15.932  -6.616  1.00 16.39 ? 130  PRO A C   1 
ATOM   950  O O   . PRO A 1 130 ? 9.489   15.067  -7.040  1.00 16.77 ? 130  PRO A O   1 
ATOM   951  C CB  . PRO A 1 130 ? 11.960  14.892  -5.103  1.00 16.26 ? 130  PRO A CB  1 
ATOM   952  C CG  . PRO A 1 130 ? 11.787  14.119  -3.855  1.00 16.71 ? 130  PRO A CG  1 
ATOM   953  C CD  . PRO A 1 130 ? 10.310  14.095  -3.557  1.00 15.70 ? 130  PRO A CD  1 
ATOM   954  N N   . GLY A 1 131 ? 10.621  16.968  -7.360  1.00 16.48 ? 131  GLY A N   1 
ATOM   955  C CA  . GLY A 1 131 ? 10.119  17.158  -8.708  1.00 16.72 ? 131  GLY A CA  1 
ATOM   956  C C   . GLY A 1 131 ? 10.361  15.971  -9.627  1.00 16.79 ? 131  GLY A C   1 
ATOM   957  O O   . GLY A 1 131 ? 9.525   15.663  -10.478 1.00 18.06 ? 131  GLY A O   1 
ATOM   958  N N   . ALA A 1 132 ? 11.502  15.310  -9.466  1.00 17.23 ? 132  ALA A N   1 
ATOM   959  C CA  . ALA A 1 132 ? 11.861  14.193  -10.355 1.00 17.55 ? 132  ALA A CA  1 
ATOM   960  C C   . ALA A 1 132 ? 10.900  13.022  -10.156 1.00 17.72 ? 132  ALA A C   1 
ATOM   961  O O   . ALA A 1 132 ? 10.661  12.252  -11.086 1.00 18.09 ? 132  ALA A O   1 
ATOM   962  C CB  . ALA A 1 132 ? 13.286  13.738  -10.115 1.00 18.21 ? 132  ALA A CB  1 
ATOM   963  N N   . LEU A 1 133 ? 10.359  12.914  -8.938  1.00 17.19 ? 133  LEU A N   1 
ATOM   964  C CA  . LEU A 1 133 ? 9.537   11.786  -8.520  1.00 17.01 ? 133  LEU A CA  1 
ATOM   965  C C   . LEU A 1 133 ? 8.034   12.031  -8.684  1.00 17.52 ? 133  LEU A C   1 
ATOM   966  O O   . LEU A 1 133 ? 7.232   11.095  -8.582  1.00 16.03 ? 133  LEU A O   1 
ATOM   967  C CB  . LEU A 1 133 ? 9.858   11.441  -7.051  1.00 16.66 ? 133  LEU A CB  1 
ATOM   968  C CG  . LEU A 1 133 ? 11.286  10.982  -6.725  1.00 16.52 ? 133  LEU A CG  1 
ATOM   969  C CD1 . LEU A 1 133 ? 11.408  10.501  -5.278  1.00 15.72 ? 133  LEU A CD1 1 
ATOM   970  C CD2 . LEU A 1 133 ? 11.732  9.887   -7.706  1.00 16.92 ? 133  LEU A CD2 1 
ATOM   971  N N   . LYS A 1 134 ? 7.630   13.270  -8.951  1.00 18.08 ? 134  LYS A N   1 
ATOM   972  C CA  . LYS A 1 134 ? 6.213   13.592  -8.964  1.00 19.19 ? 134  LYS A CA  1 
ATOM   973  C C   . LYS A 1 134 ? 5.505   12.898  -10.112 1.00 19.41 ? 134  LYS A C   1 
ATOM   974  O O   . LYS A 1 134 ? 6.046   12.816  -11.210 1.00 19.22 ? 134  LYS A O   1 
ATOM   975  C CB  . LYS A 1 134 ? 6.001   15.110  -9.076  1.00 19.91 ? 134  LYS A CB  1 
ATOM   976  C CG  . LYS A 1 134 ? 4.604   15.562  -8.658  1.00 23.09 ? 134  LYS A CG  1 
ATOM   977  C CD  . LYS A 1 134 ? 4.369   15.351  -7.159  1.00 24.53 ? 134  LYS A CD  1 
ATOM   978  C CE  . LYS A 1 134 ? 2.910   15.520  -6.742  1.00 25.94 ? 134  LYS A CE  1 
ATOM   979  N NZ  . LYS A 1 134 ? 1.968   14.791  -7.623  1.00 25.11 ? 134  LYS A NZ  1 
ATOM   980  N N   . ALA A 1 135 ? 4.311   12.375  -9.829  1.00 19.42 ? 135  ALA A N   1 
ATOM   981  C CA  . ALA A 1 135 ? 3.405   11.845  -10.840 1.00 19.94 ? 135  ALA A CA  1 
ATOM   982  C C   . ALA A 1 135 ? 2.012   12.392  -10.586 1.00 19.86 ? 135  ALA A C   1 
ATOM   983  O O   . ALA A 1 135 ? 1.722   12.903  -9.510  1.00 19.39 ? 135  ALA A O   1 
ATOM   984  C CB  . ALA A 1 135 ? 3.387   10.307  -10.801 1.00 20.03 ? 135  ALA A CB  1 
ATOM   985  N N   . PRO A 1 136 ? 1.130   12.309  -11.573 1.00 20.98 ? 136  PRO A N   1 
ATOM   986  C CA  . PRO A 1 136 ? -0.247  12.734  -11.343 1.00 21.36 ? 136  PRO A CA  1 
ATOM   987  C C   . PRO A 1 136 ? -0.867  11.938  -10.169 1.00 20.57 ? 136  PRO A C   1 
ATOM   988  O O   . PRO A 1 136 ? -0.885  10.712  -10.219 1.00 21.48 ? 136  PRO A O   1 
ATOM   989  C CB  . PRO A 1 136 ? -0.920  12.436  -12.680 1.00 21.72 ? 136  PRO A CB  1 
ATOM   990  C CG  . PRO A 1 136 ? 0.200   12.466  -13.671 1.00 22.38 ? 136  PRO A CG  1 
ATOM   991  C CD  . PRO A 1 136 ? 1.350   11.847  -12.959 1.00 21.27 ? 136  PRO A CD  1 
ATOM   992  N N   . GLY A 1 137 ? -1.298  12.639  -9.128  1.00 19.31 ? 137  GLY A N   1 
ATOM   993  C CA  . GLY A 1 137 ? -1.921  12.023  -7.952  1.00 17.96 ? 137  GLY A CA  1 
ATOM   994  C C   . GLY A 1 137 ? -0.987  11.350  -6.944  1.00 16.45 ? 137  GLY A C   1 
ATOM   995  O O   . GLY A 1 137 ? -1.458  10.715  -6.011  1.00 15.45 ? 137  GLY A O   1 
ATOM   996  N N   . GLY A 1 138 ? 0.322   11.473  -7.110  1.00 14.91 ? 138  GLY A N   1 
ATOM   997  C CA  . GLY A 1 138 ? 1.232   10.786  -6.211  1.00 13.89 ? 138  GLY A CA  1 
ATOM   998  C C   . GLY A 1 138 ? 2.697   11.130  -6.327  1.00 13.42 ? 138  GLY A C   1 
ATOM   999  O O   . GLY A 1 138 ? 3.075   12.144  -6.926  1.00 14.40 ? 138  GLY A O   1 
ATOM   1000 N N   . CYS A 1 139 ? 3.517   10.263  -5.748  1.00 12.62 ? 139  CYS A N   1 
ATOM   1001 C CA  . CYS A 1 139 ? 4.944   10.451  -5.627  1.00 12.40 ? 139  CYS A CA  1 
ATOM   1002 C C   . CYS A 1 139 ? 5.599   9.085   -5.861  1.00 12.74 ? 139  CYS A C   1 
ATOM   1003 O O   . CYS A 1 139 ? 5.486   8.189   -5.026  1.00 12.39 ? 139  CYS A O   1 
ATOM   1004 C CB  . CYS A 1 139 ? 5.295   10.987  -4.223  1.00 12.86 ? 139  CYS A CB  1 
ATOM   1005 S SG  . CYS A 1 139 ? 7.011   11.544  -4.102  1.00 13.24 ? 139  CYS A SG  1 
ATOM   1006 N N   . ASN A 1 140 ? 6.252   8.908   -7.005  1.00 12.55 ? 140  ASN A N   1 
ATOM   1007 C CA  . ASN A 1 140 ? 6.873   7.615   -7.310  1.00 13.18 ? 140  ASN A CA  1 
ATOM   1008 C C   . ASN A 1 140 ? 8.163   7.378   -6.557  1.00 13.10 ? 140  ASN A C   1 
ATOM   1009 O O   . ASN A 1 140 ? 8.934   8.300   -6.259  1.00 12.62 ? 140  ASN A O   1 
ATOM   1010 C CB  . ASN A 1 140 ? 7.120   7.464   -8.816  1.00 13.27 ? 140  ASN A CB  1 
ATOM   1011 C CG  . ASN A 1 140 ? 5.905   6.939   -9.564  1.00 13.45 ? 140  ASN A CG  1 
ATOM   1012 O OD1 . ASN A 1 140 ? 5.224   6.016   -9.113  1.00 13.80 ? 140  ASN A OD1 1 
ATOM   1013 N ND2 . ASN A 1 140 ? 5.646   7.510   -10.740 1.00 15.81 ? 140  ASN A ND2 1 
ATOM   1014 N N   . ASN A 1 141 ? 8.398   6.115   -6.223  1.00 13.06 ? 141  ASN A N   1 
ATOM   1015 C CA  . ASN A 1 141 ? 9.690   5.663   -5.767  1.00 13.36 ? 141  ASN A CA  1 
ATOM   1016 C C   . ASN A 1 141 ? 10.707  5.822   -6.918  1.00 13.89 ? 141  ASN A C   1 
ATOM   1017 O O   . ASN A 1 141 ? 10.326  5.683   -8.088  1.00 14.84 ? 141  ASN A O   1 
ATOM   1018 C CB  . ASN A 1 141 ? 9.573   4.193   -5.361  1.00 13.52 ? 141  ASN A CB  1 
ATOM   1019 C CG  . ASN A 1 141 ? 10.744  3.717   -4.553  1.00 14.85 ? 141  ASN A CG  1 
ATOM   1020 O OD1 . ASN A 1 141 ? 10.710  3.717   -3.306  1.00 14.48 ? 141  ASN A OD1 1 
ATOM   1021 N ND2 . ASN A 1 141 ? 11.807  3.312   -5.247  1.00 13.05 ? 141  ASN A ND2 1 
ATOM   1022 N N   . PRO A 1 142 ? 11.967  6.136   -6.609  1.00 14.38 ? 142  PRO A N   1 
ATOM   1023 C CA  . PRO A 1 142 ? 12.989  6.266   -7.661  1.00 14.92 ? 142  PRO A CA  1 
ATOM   1024 C C   . PRO A 1 142 ? 13.155  5.003   -8.516  1.00 15.77 ? 142  PRO A C   1 
ATOM   1025 O O   . PRO A 1 142 ? 13.539  5.135   -9.666  1.00 14.94 ? 142  PRO A O   1 
ATOM   1026 C CB  . PRO A 1 142 ? 14.269  6.524   -6.879  1.00 14.90 ? 142  PRO A CB  1 
ATOM   1027 C CG  . PRO A 1 142 ? 14.001  6.023   -5.504  1.00 14.48 ? 142  PRO A CG  1 
ATOM   1028 C CD  . PRO A 1 142 ? 12.555  6.382   -5.282  1.00 14.30 ? 142  PRO A CD  1 
ATOM   1029 N N   . CYS A 1 143 ? 12.873  3.813   -7.999  1.00 16.18 ? 143  CYS A N   1 
ATOM   1030 C CA  . CYS A 1 143 ? 12.876  2.617   -8.868  1.00 17.09 ? 143  CYS A CA  1 
ATOM   1031 C C   . CYS A 1 143 ? 11.968  2.758   -10.089 1.00 17.50 ? 143  CYS A C   1 
ATOM   1032 O O   . CYS A 1 143 ? 12.358  2.433   -11.211 1.00 17.87 ? 143  CYS A O   1 
ATOM   1033 C CB  . CYS A 1 143 ? 12.463  1.369   -8.100  1.00 17.28 ? 143  CYS A CB  1 
ATOM   1034 S SG  . CYS A 1 143 ? 12.260  -0.068  -9.177  1.00 19.48 ? 143  CYS A SG  1 
ATOM   1035 N N   . THR A 1 144 ? 10.739  3.206   -9.867  1.00 17.19 ? 144  THR A N   1 
ATOM   1036 C CA  . THR A 1 144 ? 9.786   3.436   -10.946 1.00 17.70 ? 144  THR A CA  1 
ATOM   1037 C C   . THR A 1 144 ? 10.246  4.479   -11.964 1.00 18.13 ? 144  THR A C   1 
ATOM   1038 O O   . THR A 1 144 ? 10.056  4.303   -13.160 1.00 17.77 ? 144  THR A O   1 
ATOM   1039 C CB  . THR A 1 144 ? 8.456   3.873   -10.328 1.00 17.62 ? 144  THR A CB  1 
ATOM   1040 O OG1 . THR A 1 144 ? 7.998   2.817   -9.477  1.00 17.01 ? 144  THR A OG1 1 
ATOM   1041 C CG2 . THR A 1 144 ? 7.379   4.039   -11.364 1.00 17.73 ? 144  THR A CG2 1 
ATOM   1042 N N   . VAL A 1 145 ? 10.820  5.574   -11.474 1.00 18.31 ? 145  VAL A N   1 
ATOM   1043 C CA  . VAL A 1 145 ? 11.152  6.699   -12.332 1.00 18.77 ? 145  VAL A CA  1 
ATOM   1044 C C   . VAL A 1 145 ? 12.429  6.422   -13.121 1.00 19.10 ? 145  VAL A C   1 
ATOM   1045 O O   . VAL A 1 145 ? 12.447  6.558   -14.335 1.00 19.11 ? 145  VAL A O   1 
ATOM   1046 C CB  . VAL A 1 145 ? 11.317  7.989   -11.507 1.00 18.56 ? 145  VAL A CB  1 
ATOM   1047 C CG1 . VAL A 1 145 ? 11.665  9.163   -12.411 1.00 18.66 ? 145  VAL A CG1 1 
ATOM   1048 C CG2 . VAL A 1 145 ? 10.021  8.252   -10.724 1.00 18.66 ? 145  VAL A CG2 1 
ATOM   1049 N N   . PHE A 1 146 ? 13.471  6.014   -12.423 1.00 19.66 ? 146  PHE A N   1 
ATOM   1050 C CA  . PHE A 1 146 ? 14.790  5.892   -13.047 1.00 20.37 ? 146  PHE A CA  1 
ATOM   1051 C C   . PHE A 1 146 ? 15.063  4.504   -13.613 1.00 21.54 ? 146  PHE A C   1 
ATOM   1052 O O   . PHE A 1 146 ? 15.901  4.361   -14.512 1.00 22.06 ? 146  PHE A O   1 
ATOM   1053 C CB  . PHE A 1 146 ? 15.861  6.302   -12.048 1.00 20.05 ? 146  PHE A CB  1 
ATOM   1054 C CG  . PHE A 1 146 ? 15.671  7.708   -11.527 1.00 19.71 ? 146  PHE A CG  1 
ATOM   1055 C CD1 . PHE A 1 146 ? 15.629  8.789   -12.407 1.00 20.87 ? 146  PHE A CD1 1 
ATOM   1056 C CD2 . PHE A 1 146 ? 15.480  7.945   -10.175 1.00 20.66 ? 146  PHE A CD2 1 
ATOM   1057 C CE1 . PHE A 1 146 ? 15.441  10.089  -11.939 1.00 20.21 ? 146  PHE A CE1 1 
ATOM   1058 C CE2 . PHE A 1 146 ? 15.288  9.243   -9.695  1.00 20.79 ? 146  PHE A CE2 1 
ATOM   1059 C CZ  . PHE A 1 146 ? 15.268  10.316  -10.571 1.00 20.69 ? 146  PHE A CZ  1 
ATOM   1060 N N   . LYS A 1 147 ? 14.361  3.498   -13.095 1.00 22.34 ? 147  LYS A N   1 
ATOM   1061 C CA  . LYS A 1 147 ? 14.464  2.124   -13.597 1.00 23.32 ? 147  LYS A CA  1 
ATOM   1062 C C   . LYS A 1 147 ? 15.917  1.635   -13.616 1.00 24.08 ? 147  LYS A C   1 
ATOM   1063 O O   . LYS A 1 147 ? 16.363  1.039   -14.602 1.00 25.78 ? 147  LYS A O   1 
ATOM   1064 C CB  . LYS A 1 147 ? 13.814  2.016   -14.990 1.00 23.85 ? 147  LYS A CB  1 
ATOM   1065 C CG  . LYS A 1 147 ? 12.374  2.520   -15.039 1.00 25.70 ? 147  LYS A CG  1 
ATOM   1066 C CD  . LYS A 1 147 ? 11.921  2.840   -16.450 1.00 28.64 ? 147  LYS A CD  1 
ATOM   1067 C CE  . LYS A 1 147 ? 10.479  2.448   -16.691 1.00 31.39 ? 147  LYS A CE  1 
ATOM   1068 N NZ  . LYS A 1 147 ? 9.519   3.094   -15.742 1.00 31.51 ? 147  LYS A NZ  1 
ATOM   1069 N N   . THR A 1 148 ? 16.648  1.894   -12.533 1.00 23.96 ? 148  THR A N   1 
ATOM   1070 C CA  . THR A 1 148 ? 18.012  1.400   -12.363 1.00 24.52 ? 148  THR A CA  1 
ATOM   1071 C C   . THR A 1 148 ? 18.123  0.521   -11.151 1.00 24.75 ? 148  THR A C   1 
ATOM   1072 O O   . THR A 1 148 ? 17.312  0.612   -10.232 1.00 25.11 ? 148  THR A O   1 
ATOM   1073 C CB  . THR A 1 148 ? 19.048  2.537   -12.257 1.00 24.55 ? 148  THR A CB  1 
ATOM   1074 O OG1 . THR A 1 148 ? 18.745  3.406   -11.155 1.00 25.01 ? 148  THR A OG1 1 
ATOM   1075 C CG2 . THR A 1 148 ? 19.007  3.425   -13.495 1.00 24.85 ? 148  THR A CG2 1 
ATOM   1076 N N   . ASP A 1 149 ? 19.160  -0.311  -11.139 1.00 24.33 ? 149  ASP A N   1 
ATOM   1077 C CA  . ASP A 1 149 ? 19.301  -1.344  -10.131 1.00 24.07 ? 149  ASP A CA  1 
ATOM   1078 C C   . ASP A 1 149 ? 19.653  -0.819  -8.736  1.00 23.89 ? 149  ASP A C   1 
ATOM   1079 O O   . ASP A 1 149 ? 19.323  -1.458  -7.728  1.00 24.22 ? 149  ASP A O   1 
ATOM   1080 C CB  . ASP A 1 149 ? 20.334  -2.393  -10.571 1.00 24.04 ? 149  ASP A CB  1 
ATOM   1081 C CG  . ASP A 1 149 ? 20.322  -3.604  -9.671  1.00 23.15 ? 149  ASP A CG  1 
ATOM   1082 O OD1 . ASP A 1 149 ? 21.215  -3.723  -8.803  1.00 21.94 ? 149  ASP A OD1 1 
ATOM   1083 O OD2 . ASP A 1 149 ? 19.417  -4.455  -9.739  1.00 23.07 ? 149  ASP A OD2 1 
ATOM   1084 N N   . GLN A 1 150 ? 20.284  0.348   -8.645  1.00 23.56 ? 150  GLN A N   1 
ATOM   1085 C CA  . GLN A 1 150 ? 20.580  0.919   -7.329  1.00 23.15 ? 150  GLN A CA  1 
ATOM   1086 C C   . GLN A 1 150 ? 19.283  1.174   -6.531  1.00 22.07 ? 150  GLN A C   1 
ATOM   1087 O O   . GLN A 1 150 ? 19.297  1.170   -5.307  1.00 21.74 ? 150  GLN A O   1 
ATOM   1088 C CB  . GLN A 1 150 ? 21.412  2.215   -7.433  1.00 23.82 ? 150  GLN A CB  1 
ATOM   1089 C CG  . GLN A 1 150 ? 20.652  3.504   -7.290  1.00 25.60 ? 150  GLN A CG  1 
ATOM   1090 C CD  . GLN A 1 150 ? 21.531  4.727   -7.440  1.00 27.13 ? 150  GLN A CD  1 
ATOM   1091 O OE1 . GLN A 1 150 ? 21.557  5.351   -8.505  1.00 30.39 ? 150  GLN A OE1 1 
ATOM   1092 N NE2 . GLN A 1 150 ? 22.240  5.082   -6.379  1.00 28.16 ? 150  GLN A NE2 1 
ATOM   1093 N N   . TYR A 1 151 ? 18.198  1.418   -7.253  1.00 21.71 ? 151  TYR A N   1 
ATOM   1094 C CA  . TYR A 1 151 ? 16.873  1.641   -6.669  1.00 21.11 ? 151  TYR A CA  1 
ATOM   1095 C C   . TYR A 1 151 ? 15.976  0.387   -6.698  1.00 21.92 ? 151  TYR A C   1 
ATOM   1096 O O   . TYR A 1 151 ? 15.166  0.165   -5.786  1.00 21.42 ? 151  TYR A O   1 
ATOM   1097 C CB  . TYR A 1 151 ? 16.158  2.750   -7.452  1.00 20.93 ? 151  TYR A CB  1 
ATOM   1098 C CG  . TYR A 1 151 ? 16.870  4.078   -7.452  1.00 19.56 ? 151  TYR A CG  1 
ATOM   1099 C CD1 . TYR A 1 151 ? 17.173  4.733   -6.254  1.00 19.48 ? 151  TYR A CD1 1 
ATOM   1100 C CD2 . TYR A 1 151 ? 17.225  4.701   -8.649  1.00 19.73 ? 151  TYR A CD2 1 
ATOM   1101 C CE1 . TYR A 1 151 ? 17.823  5.963   -6.249  1.00 19.07 ? 151  TYR A CE1 1 
ATOM   1102 C CE2 . TYR A 1 151 ? 17.890  5.933   -8.651  1.00 19.02 ? 151  TYR A CE2 1 
ATOM   1103 C CZ  . TYR A 1 151 ? 18.181  6.557   -7.455  1.00 19.35 ? 151  TYR A CZ  1 
ATOM   1104 O OH  . TYR A 1 151 ? 18.814  7.788   -7.453  1.00 18.97 ? 151  TYR A OH  1 
ATOM   1105 N N   . CYS A 1 152 ? 16.097  -0.410  -7.760  1.00 22.10 ? 152  CYS A N   1 
ATOM   1106 C CA  . CYS A 1 152 ? 15.132  -1.476  -8.053  1.00 21.71 ? 152  CYS A CA  1 
ATOM   1107 C C   . CYS A 1 152 ? 15.546  -2.821  -7.469  1.00 22.40 ? 152  CYS A C   1 
ATOM   1108 O O   . CYS A 1 152 ? 14.691  -3.671  -7.182  1.00 20.94 ? 152  CYS A O   1 
ATOM   1109 C CB  . CYS A 1 152 ? 14.904  -1.600  -9.564  1.00 21.97 ? 152  CYS A CB  1 
ATOM   1110 S SG  . CYS A 1 152 ? 13.977  -0.232  -10.288 1.00 20.15 ? 152  CYS A SG  1 
ATOM   1111 N N   . CYS A 1 153 ? 16.861  -3.013  -7.355  1.00 22.87 ? 153  CYS A N   1 
ATOM   1112 C CA  . CYS A 1 153 ? 17.460  -4.057  -6.538  1.00 23.78 ? 153  CYS A CA  1 
ATOM   1113 C C   . CYS A 1 153 ? 17.255  -5.496  -7.008  1.00 24.33 ? 153  CYS A C   1 
ATOM   1114 O O   . CYS A 1 153 ? 17.409  -6.428  -6.215  1.00 23.83 ? 153  CYS A O   1 
ATOM   1115 C CB  . CYS A 1 153 ? 16.922  -3.953  -5.119  1.00 23.53 ? 153  CYS A CB  1 
ATOM   1116 S SG  . CYS A 1 153 ? 18.012  -4.673  -3.905  1.00 24.10 ? 153  CYS A SG  1 
ATOM   1117 N N   . ASN A 1 154 ? 16.899  -5.700  -8.273  1.00 25.50 ? 154  ASN A N   1 
ATOM   1118 C CA  . ASN A 1 154 ? 16.708  -7.071  -8.753  1.00 26.25 ? 154  ASN A CA  1 
ATOM   1119 C C   . ASN A 1 154 ? 18.007  -7.901  -8.713  1.00 26.74 ? 154  ASN A C   1 
ATOM   1120 O O   . ASN A 1 154 ? 17.965  -9.131  -8.697  1.00 27.04 ? 154  ASN A O   1 
ATOM   1121 C CB  . ASN A 1 154 ? 16.029  -7.088  -10.128 1.00 26.53 ? 154  ASN A CB  1 
ATOM   1122 C CG  . ASN A 1 154 ? 14.526  -6.856  -10.029 1.00 27.54 ? 154  ASN A CG  1 
ATOM   1123 O OD1 . ASN A 1 154 ? 13.880  -7.301  -9.076  1.00 29.77 ? 154  ASN A OD1 1 
ATOM   1124 N ND2 . ASN A 1 154 ? 13.967  -6.149  -11.004 1.00 27.81 ? 154  ASN A ND2 1 
ATOM   1125 N N   . SER A 1 155 ? 19.150  -7.222  -8.641  1.00 27.13 ? 155  SER A N   1 
ATOM   1126 C CA  . SER A 1 155 ? 20.437  -7.870  -8.442  1.00 27.91 ? 155  SER A CA  1 
ATOM   1127 C C   . SER A 1 155 ? 20.625  -8.475  -7.052  1.00 28.52 ? 155  SER A C   1 
ATOM   1128 O O   . SER A 1 155 ? 21.486  -9.327  -6.872  1.00 29.22 ? 155  SER A O   1 
ATOM   1129 C CB  . SER A 1 155 ? 21.559  -6.865  -8.650  1.00 28.09 ? 155  SER A CB  1 
ATOM   1130 O OG  . SER A 1 155 ? 21.589  -5.925  -7.597  1.00 27.98 ? 155  SER A OG  1 
ATOM   1131 N N   . GLY A 1 156 ? 19.857  -8.003  -6.072  1.00 28.69 ? 156  GLY A N   1 
ATOM   1132 C CA  . GLY A 1 156 ? 20.040  -8.402  -4.683  1.00 28.69 ? 156  GLY A CA  1 
ATOM   1133 C C   . GLY A 1 156 ? 21.019  -7.541  -3.895  1.00 28.75 ? 156  GLY A C   1 
ATOM   1134 O O   . GLY A 1 156 ? 21.191  -7.739  -2.686  1.00 29.14 ? 156  GLY A O   1 
ATOM   1135 N N   . ALA A 1 157 ? 21.675  -6.598  -4.569  1.00 28.20 ? 157  ALA A N   1 
ATOM   1136 C CA  . ALA A 1 157 ? 22.551  -5.642  -3.909  1.00 27.76 ? 157  ALA A CA  1 
ATOM   1137 C C   . ALA A 1 157 ? 21.896  -4.267  -3.966  1.00 26.88 ? 157  ALA A C   1 
ATOM   1138 O O   . ALA A 1 157 ? 21.768  -3.674  -5.048  1.00 27.70 ? 157  ALA A O   1 
ATOM   1139 C CB  . ALA A 1 157 ? 23.909  -5.601  -4.589  1.00 27.94 ? 157  ALA A CB  1 
ATOM   1140 N N   . CYS A 1 158 ? 21.431  -3.792  -2.815  1.00 25.66 ? 158  CYS A N   1 
ATOM   1141 C CA  . CYS A 1 158 ? 21.020  -2.394  -2.670  1.00 24.42 ? 158  CYS A CA  1 
ATOM   1142 C C   . CYS A 1 158 ? 21.118  -1.938  -1.215  1.00 23.27 ? 158  CYS A C   1 
ATOM   1143 O O   . CYS A 1 158 ? 21.161  -2.750  -0.284  1.00 23.05 ? 158  CYS A O   1 
ATOM   1144 C CB  . CYS A 1 158 ? 19.608  -2.144  -3.234  1.00 24.54 ? 158  CYS A CB  1 
ATOM   1145 S SG  . CYS A 1 158 ? 18.278  -3.155  -2.531  1.00 23.73 ? 158  CYS A SG  1 
ATOM   1146 N N   . SER A 1 159 ? 21.171  -0.619  -1.051  1.00 22.42 ? 159  SER A N   1 
ATOM   1147 C CA  . SER A 1 159 ? 21.261  0.033   0.246   1.00 21.61 ? 159  SER A CA  1 
ATOM   1148 C C   . SER A 1 159 ? 20.465  1.343   0.161   1.00 20.69 ? 159  SER A C   1 
ATOM   1149 O O   . SER A 1 159 ? 20.026  1.718   -0.918  1.00 20.21 ? 159  SER A O   1 
ATOM   1150 C CB  . SER A 1 159 ? 22.726  0.312   0.593   1.00 22.39 ? 159  SER A CB  1 
ATOM   1151 O OG  . SER A 1 159 ? 23.334  1.103   -0.407  1.00 23.30 ? 159  SER A OG  1 
ATOM   1152 N N   . PRO A 1 160 ? 20.266  2.052   1.268   1.00 20.15 ? 160  PRO A N   1 
ATOM   1153 C CA  . PRO A 1 160 ? 19.527  3.322   1.190   1.00 20.12 ? 160  PRO A CA  1 
ATOM   1154 C C   . PRO A 1 160 ? 20.122  4.308   0.176   1.00 20.06 ? 160  PRO A C   1 
ATOM   1155 O O   . PRO A 1 160 ? 21.339  4.313   -0.055  1.00 19.92 ? 160  PRO A O   1 
ATOM   1156 C CB  . PRO A 1 160 ? 19.640  3.877   2.608   1.00 19.91 ? 160  PRO A CB  1 
ATOM   1157 C CG  . PRO A 1 160 ? 19.792  2.672   3.460   1.00 20.76 ? 160  PRO A CG  1 
ATOM   1158 C CD  . PRO A 1 160 ? 20.654  1.735   2.651   1.00 20.28 ? 160  PRO A CD  1 
ATOM   1159 N N   . THR A 1 161 ? 19.260  5.108   -0.440  1.00 19.73 ? 161  THR A N   1 
ATOM   1160 C CA  . THR A 1 161 ? 19.673  6.182   -1.339  1.00 19.88 ? 161  THR A CA  1 
ATOM   1161 C C   . THR A 1 161 ? 19.132  7.520   -0.851  1.00 20.23 ? 161  THR A C   1 
ATOM   1162 O O   . THR A 1 161 ? 18.292  7.579   0.047   1.00 19.84 ? 161  THR A O   1 
ATOM   1163 C CB  . THR A 1 161 ? 19.184  5.919   -2.768  1.00 19.90 ? 161  THR A CB  1 
ATOM   1164 O OG1 . THR A 1 161 ? 17.741  5.833   -2.801  1.00 18.38 ? 161  THR A OG1 1 
ATOM   1165 C CG2 . THR A 1 161 ? 19.661  4.549   -3.258  1.00 19.82 ? 161  THR A CG2 1 
ATOM   1166 N N   . ASP A 1 162 ? 19.608  8.596   -1.462  1.00 20.66 ? 162  ASP A N   1 
ATOM   1167 C CA  . ASP A 1 162 ? 19.105  9.922   -1.136  1.00 21.31 ? 162  ASP A CA  1 
ATOM   1168 C C   . ASP A 1 162 ? 17.591  9.955   -1.364  1.00 19.99 ? 162  ASP A C   1 
ATOM   1169 O O   . ASP A 1 162 ? 16.859  10.461  -0.526  1.00 20.31 ? 162  ASP A O   1 
ATOM   1170 C CB  . ASP A 1 162 ? 19.784  10.992  -1.987  1.00 21.90 ? 162  ASP A CB  1 
ATOM   1171 C CG  . ASP A 1 162 ? 21.245  11.205  -1.607  1.00 25.48 ? 162  ASP A CG  1 
ATOM   1172 O OD1 . ASP A 1 162 ? 21.610  10.941  -0.434  1.00 29.65 ? 162  ASP A OD1 1 
ATOM   1173 O OD2 . ASP A 1 162 ? 22.090  11.641  -2.419  1.00 30.19 ? 162  ASP A OD2 1 
ATOM   1174 N N   . TYR A 1 163 ? 17.136  9.407   -2.488  1.00 19.39 ? 163  TYR A N   1 
ATOM   1175 C CA  . TYR A 1 163 ? 15.709  9.447   -2.823  1.00 18.69 ? 163  TYR A CA  1 
ATOM   1176 C C   . TYR A 1 163 ? 14.894  8.501   -1.942  1.00 18.45 ? 163  TYR A C   1 
ATOM   1177 O O   . TYR A 1 163 ? 13.767  8.836   -1.583  1.00 17.98 ? 163  TYR A O   1 
ATOM   1178 C CB  . TYR A 1 163 ? 15.466  9.178   -4.318  1.00 18.66 ? 163  TYR A CB  1 
ATOM   1179 C CG  . TYR A 1 163 ? 15.550  10.410  -5.201  1.00 20.47 ? 163  TYR A CG  1 
ATOM   1180 C CD1 . TYR A 1 163 ? 14.816  11.551  -4.909  1.00 20.27 ? 163  TYR A CD1 1 
ATOM   1181 C CD2 . TYR A 1 163 ? 16.348  10.425  -6.350  1.00 21.09 ? 163  TYR A CD2 1 
ATOM   1182 C CE1 . TYR A 1 163 ? 14.865  12.688  -5.727  1.00 22.47 ? 163  TYR A CE1 1 
ATOM   1183 C CE2 . TYR A 1 163 ? 16.403  11.557  -7.177  1.00 21.96 ? 163  TYR A CE2 1 
ATOM   1184 C CZ  . TYR A 1 163 ? 15.665  12.685  -6.856  1.00 22.52 ? 163  TYR A CZ  1 
ATOM   1185 O OH  . TYR A 1 163 ? 15.712  13.812  -7.649  1.00 24.15 ? 163  TYR A OH  1 
ATOM   1186 N N   . SER A 1 164 ? 15.437  7.333   -1.573  1.00 17.34 ? 164  SER A N   1 
ATOM   1187 C CA  . SER A 1 164 ? 14.726  6.461   -0.627  1.00 17.23 ? 164  SER A CA  1 
ATOM   1188 C C   . SER A 1 164 ? 14.617  7.134   0.743   1.00 16.96 ? 164  SER A C   1 
ATOM   1189 O O   . SER A 1 164 ? 13.619  6.987   1.451   1.00 16.82 ? 164  SER A O   1 
ATOM   1190 C CB  . SER A 1 164 ? 15.365  5.066   -0.532  1.00 17.09 ? 164  SER A CB  1 
ATOM   1191 O OG  . SER A 1 164 ? 16.477  5.037   0.331   1.00 17.43 ? 164  SER A OG  1 
ATOM   1192 N N   . GLN A 1 165 ? 15.623  7.926   1.104   1.00 16.83 ? 165  GLN A N   1 
ATOM   1193 C CA  . GLN A 1 165 ? 15.634  8.569   2.403   1.00 17.07 ? 165  GLN A CA  1 
ATOM   1194 C C   . GLN A 1 165 ? 14.597  9.701   2.496   1.00 15.66 ? 165  GLN A C   1 
ATOM   1195 O O   . GLN A 1 165 ? 14.158  10.010  3.582   1.00 15.64 ? 165  GLN A O   1 
ATOM   1196 C CB  . GLN A 1 165 ? 17.044  9.049   2.768   1.00 18.46 ? 165  GLN A CB  1 
ATOM   1197 C CG  . GLN A 1 165 ? 17.918  7.915   3.307   1.00 21.78 ? 165  GLN A CG  1 
ATOM   1198 C CD  . GLN A 1 165 ? 19.291  8.395   3.788   1.00 27.13 ? 165  GLN A CD  1 
ATOM   1199 O OE1 . GLN A 1 165 ? 19.736  8.020   4.872   1.00 33.02 ? 165  GLN A OE1 1 
ATOM   1200 N NE2 . GLN A 1 165 ? 19.951  9.207   2.983   1.00 30.84 ? 165  GLN A NE2 1 
ATOM   1201 N N   . PHE A 1 166 ? 14.185  10.274  1.370   1.00 14.65 ? 166  PHE A N   1 
ATOM   1202 C CA  . PHE A 1 166 ? 13.065  11.217  1.377   1.00 14.17 ? 166  PHE A CA  1 
ATOM   1203 C C   . PHE A 1 166 ? 11.823  10.535  1.967   1.00 13.66 ? 166  PHE A C   1 
ATOM   1204 O O   . PHE A 1 166 ? 11.140  11.073  2.834   1.00 14.34 ? 166  PHE A O   1 
ATOM   1205 C CB  . PHE A 1 166 ? 12.743  11.723  -0.027  1.00 14.61 ? 166  PHE A CB  1 
ATOM   1206 C CG  . PHE A 1 166 ? 11.359  12.303  -0.135  1.00 15.14 ? 166  PHE A CG  1 
ATOM   1207 C CD1 . PHE A 1 166 ? 11.060  13.522  0.455   1.00 16.09 ? 166  PHE A CD1 1 
ATOM   1208 C CD2 . PHE A 1 166 ? 10.339  11.596  -0.741  1.00 14.64 ? 166  PHE A CD2 1 
ATOM   1209 C CE1 . PHE A 1 166 ? 9.762   14.043  0.395   1.00 15.70 ? 166  PHE A CE1 1 
ATOM   1210 C CE2 . PHE A 1 166 ? 9.058   12.104  -0.812  1.00 15.67 ? 166  PHE A CE2 1 
ATOM   1211 C CZ  . PHE A 1 166 ? 8.763   13.339  -0.230  1.00 15.67 ? 166  PHE A CZ  1 
ATOM   1212 N N   . PHE A 1 167 ? 11.552  9.331   1.493   1.00 12.97 ? 167  PHE A N   1 
ATOM   1213 C CA  . PHE A 1 167 ? 10.403  8.569   1.985   1.00 12.50 ? 167  PHE A CA  1 
ATOM   1214 C C   . PHE A 1 167 ? 10.588  8.147   3.443   1.00 12.85 ? 167  PHE A C   1 
ATOM   1215 O O   . PHE A 1 167 ? 9.669   8.241   4.253   1.00 12.87 ? 167  PHE A O   1 
ATOM   1216 C CB  . PHE A 1 167 ? 10.146  7.350   1.082   1.00 12.70 ? 167  PHE A CB  1 
ATOM   1217 C CG  . PHE A 1 167 ? 9.683   7.709   -0.291  1.00 11.87 ? 167  PHE A CG  1 
ATOM   1218 C CD1 . PHE A 1 167 ? 8.365   8.081   -0.528  1.00 14.05 ? 167  PHE A CD1 1 
ATOM   1219 C CD2 . PHE A 1 167 ? 10.571  7.688   -1.365  1.00 12.48 ? 167  PHE A CD2 1 
ATOM   1220 C CE1 . PHE A 1 167 ? 7.937   8.412   -1.800  1.00 14.79 ? 167  PHE A CE1 1 
ATOM   1221 C CE2 . PHE A 1 167 ? 10.153  8.043   -2.624  1.00 11.69 ? 167  PHE A CE2 1 
ATOM   1222 C CZ  . PHE A 1 167 ? 8.842   8.406   -2.854  1.00 15.78 ? 167  PHE A CZ  1 
ATOM   1223 N N   . LYS A 1 168 ? 11.787  7.692   3.784   1.00 12.86 ? 168  LYS A N   1 
ATOM   1224 C CA  . LYS A 1 168 ? 12.060  7.162   5.113   1.00 12.63 ? 168  LYS A CA  1 
ATOM   1225 C C   . LYS A 1 168 ? 11.995  8.237   6.199   1.00 13.08 ? 168  LYS A C   1 
ATOM   1226 O O   . LYS A 1 168 ? 11.528  7.990   7.316   1.00 13.33 ? 168  LYS A O   1 
ATOM   1227 C CB  . LYS A 1 168 ? 13.429  6.469   5.127   1.00 13.00 ? 168  LYS A CB  1 
ATOM   1228 C CG  . LYS A 1 168 ? 13.626  5.540   6.285   1.00 12.82 ? 168  LYS A CG  1 
ATOM   1229 C CD  . LYS A 1 168 ? 12.645  4.369   6.273   1.00 12.13 ? 168  LYS A CD  1 
ATOM   1230 C CE  . LYS A 1 168 ? 12.987  3.301   7.249   1.00 13.00 ? 168  LYS A CE  1 
ATOM   1231 N NZ  . LYS A 1 168 ? 11.973  2.188   7.212   1.00 11.33 ? 168  LYS A NZ  1 
ATOM   1232 N N   . ARG A 1 169 ? 12.477  9.435   5.871   1.00 13.74 ? 169  ARG A N   1 
ATOM   1233 C CA  . ARG A 1 169 ? 12.459  10.540  6.842   1.00 14.42 ? 169  ARG A CA  1 
ATOM   1234 C C   . ARG A 1 169 ? 11.012  10.877  7.209   1.00 14.34 ? 169  ARG A C   1 
ATOM   1235 O O   . ARG A 1 169 ? 10.703  11.174  8.359   1.00 14.25 ? 169  ARG A O   1 
ATOM   1236 C CB  . ARG A 1 169 ? 13.132  11.786  6.276   1.00 14.81 ? 169  ARG A CB  1 
ATOM   1237 C CG  . ARG A 1 169 ? 14.652  11.767  6.276   1.00 17.47 ? 169  ARG A CG  1 
ATOM   1238 C CD  . ARG A 1 169 ? 15.254  13.152  5.984   1.00 20.29 ? 169  ARG A CD  1 
ATOM   1239 N NE  . ARG A 1 169 ? 14.782  13.715  4.719   1.00 22.47 ? 169  ARG A NE  1 
ATOM   1240 C CZ  . ARG A 1 169 ? 15.361  13.531  3.536   1.00 23.75 ? 169  ARG A CZ  1 
ATOM   1241 N NH1 . ARG A 1 169 ? 16.457  12.790  3.427   1.00 25.60 ? 169  ARG A NH1 1 
ATOM   1242 N NH2 . ARG A 1 169 ? 14.843  14.088  2.447   1.00 24.04 ? 169  ARG A NH2 1 
ATOM   1243 N N   . ASN A 1 170 ? 10.135  10.844  6.207   1.00 13.57 ? 170  ASN A N   1 
ATOM   1244 C CA  . ASN A 1 170 ? 8.737   11.209  6.410   1.00 13.71 ? 170  ASN A CA  1 
ATOM   1245 C C   . ASN A 1 170 ? 7.836   10.087  6.924   1.00 13.37 ? 170  ASN A C   1 
ATOM   1246 O O   . ASN A 1 170 ? 6.831   10.343  7.592   1.00 12.92 ? 170  ASN A O   1 
ATOM   1247 C CB  . ASN A 1 170 ? 8.182   11.800  5.135   1.00 14.10 ? 170  ASN A CB  1 
ATOM   1248 C CG  . ASN A 1 170 ? 8.765   13.163  4.838   1.00 16.19 ? 170  ASN A CG  1 
ATOM   1249 O OD1 . ASN A 1 170 ? 8.495   14.137  5.551   1.00 17.88 ? 170  ASN A OD1 1 
ATOM   1250 N ND2 . ASN A 1 170 ? 9.609   13.238  3.796   1.00 15.96 ? 170  ASN A ND2 1 
ATOM   1251 N N   . CYS A 1 171 ? 8.194   8.850   6.592   1.00 12.91 ? 171  CYS A N   1 
ATOM   1252 C CA  . CYS A 1 171 ? 7.496   7.668   7.095   1.00 12.89 ? 171  CYS A CA  1 
ATOM   1253 C C   . CYS A 1 171 ? 8.496   6.613   7.531   1.00 13.04 ? 171  CYS A C   1 
ATOM   1254 O O   . CYS A 1 171 ? 8.783   5.671   6.792   1.00 12.95 ? 171  CYS A O   1 
ATOM   1255 C CB  . CYS A 1 171 ? 6.572   7.099   6.022   1.00 12.53 ? 171  CYS A CB  1 
ATOM   1256 S SG  . CYS A 1 171 ? 5.127   8.147   5.769   1.00 12.41 ? 171  CYS A SG  1 
ATOM   1257 N N   . PRO A 1 172 ? 9.030   6.761   8.745   1.00 13.25 ? 172  PRO A N   1 
ATOM   1258 C CA  . PRO A 1 172 ? 10.068  5.845   9.231   1.00 13.47 ? 172  PRO A CA  1 
ATOM   1259 C C   . PRO A 1 172 ? 9.666   4.385   9.327   1.00 13.20 ? 172  PRO A C   1 
ATOM   1260 O O   . PRO A 1 172 ? 10.552  3.530   9.230   1.00 13.31 ? 172  PRO A O   1 
ATOM   1261 C CB  . PRO A 1 172 ? 10.408  6.380   10.631  1.00 13.90 ? 172  PRO A CB  1 
ATOM   1262 C CG  . PRO A 1 172 ? 9.447   7.423   10.937  1.00 15.50 ? 172  PRO A CG  1 
ATOM   1263 C CD  . PRO A 1 172 ? 8.730   7.841   9.705   1.00 14.04 ? 172  PRO A CD  1 
ATOM   1264 N N   . ASP A 1 173 ? 8.377   4.112   9.524   1.00 12.23 ? 173  ASP A N   1 
ATOM   1265 C CA  . ASP A 1 173 ? 7.931   2.747   9.731   1.00 12.73 ? 173  ASP A CA  1 
ATOM   1266 C C   . ASP A 1 173 ? 7.442   2.089   8.440   1.00 12.82 ? 173  ASP A C   1 
ATOM   1267 O O   . ASP A 1 173 ? 6.807   1.041   8.510   1.00 14.04 ? 173  ASP A O   1 
ATOM   1268 C CB  . ASP A 1 173 ? 6.815   2.713   10.756  1.00 13.15 ? 173  ASP A CB  1 
ATOM   1269 C CG  . ASP A 1 173 ? 7.278   3.093   12.148  1.00 14.63 ? 173  ASP A CG  1 
ATOM   1270 O OD1 . ASP A 1 173 ? 8.498   2.971   12.460  1.00 16.20 ? 173  ASP A OD1 1 
ATOM   1271 O OD2 . ASP A 1 173 ? 6.472   3.520   12.985  1.00 18.88 ? 173  ASP A OD2 1 
ATOM   1272 N N   . ALA A 1 174 ? 7.702   2.702   7.286   1.00 11.53 ? 174  ALA A N   1 
ATOM   1273 C CA  . ALA A 1 174 ? 7.364   2.108   5.975   1.00 11.28 ? 174  ALA A CA  1 
ATOM   1274 C C   . ALA A 1 174 ? 8.616   1.686   5.195   1.00 11.44 ? 174  ALA A C   1 
ATOM   1275 O O   . ALA A 1 174 ? 9.680   2.278   5.356   1.00 12.29 ? 174  ALA A O   1 
ATOM   1276 C CB  . ALA A 1 174 ? 6.557   3.092   5.149   1.00 11.56 ? 174  ALA A CB  1 
ATOM   1277 N N   . TYR A 1 175 ? 8.491   0.661   4.355   1.00 11.38 ? 175  TYR A N   1 
ATOM   1278 C CA  . TYR A 1 175 ? 9.568   0.297   3.434   1.00 12.40 ? 175  TYR A CA  1 
ATOM   1279 C C   . TYR A 1 175 ? 9.808   1.438   2.451   1.00 13.07 ? 175  TYR A C   1 
ATOM   1280 O O   . TYR A 1 175 ? 8.903   1.846   1.732   1.00 12.73 ? 175  TYR A O   1 
ATOM   1281 C CB  . TYR A 1 175 ? 9.206   -0.951  2.613   1.00 12.66 ? 175  TYR A CB  1 
ATOM   1282 C CG  . TYR A 1 175 ? 9.593   -2.283  3.201   1.00 12.41 ? 175  TYR A CG  1 
ATOM   1283 C CD1 . TYR A 1 175 ? 8.742   -2.943  4.081   1.00 13.01 ? 175  TYR A CD1 1 
ATOM   1284 C CD2 . TYR A 1 175 ? 10.773  -2.917  2.821   1.00 13.44 ? 175  TYR A CD2 1 
ATOM   1285 C CE1 . TYR A 1 175 ? 9.070   -4.167  4.608   1.00 15.63 ? 175  TYR A CE1 1 
ATOM   1286 C CE2 . TYR A 1 175 ? 11.121  -4.163  3.346   1.00 15.74 ? 175  TYR A CE2 1 
ATOM   1287 C CZ  . TYR A 1 175 ? 10.263  -4.787  4.242   1.00 17.58 ? 175  TYR A CZ  1 
ATOM   1288 O OH  . TYR A 1 175 ? 10.600  -6.030  4.777   1.00 18.82 ? 175  TYR A OH  1 
ATOM   1289 N N   . SER A 1 176 ? 11.048  1.922   2.389   1.00 13.38 ? 176  SER A N   1 
ATOM   1290 C CA  . SER A 1 176 ? 11.432  2.984   1.479   1.00 13.93 ? 176  SER A CA  1 
ATOM   1291 C C   . SER A 1 176 ? 12.199  2.495   0.256   1.00 14.04 ? 176  SER A C   1 
ATOM   1292 O O   . SER A 1 176 ? 12.261  3.200   -0.746  1.00 14.66 ? 176  SER A O   1 
ATOM   1293 C CB  . SER A 1 176 ? 12.285  4.025   2.224   1.00 13.79 ? 176  SER A CB  1 
ATOM   1294 O OG  . SER A 1 176 ? 13.501  3.465   2.690   1.00 14.38 ? 176  SER A OG  1 
ATOM   1295 N N   . TYR A 1 177 ? 12.787  1.304   0.357   1.00 14.10 ? 177  TYR A N   1 
ATOM   1296 C CA  . TYR A 1 177 ? 13.486  0.646   -0.761  1.00 14.42 ? 177  TYR A CA  1 
ATOM   1297 C C   . TYR A 1 177 ? 13.390  -0.874  -0.569  1.00 14.30 ? 177  TYR A C   1 
ATOM   1298 O O   . TYR A 1 177 ? 12.988  -1.324  0.514   1.00 13.88 ? 177  TYR A O   1 
ATOM   1299 C CB  . TYR A 1 177 ? 14.936  1.130   -0.859  1.00 14.31 ? 177  TYR A CB  1 
ATOM   1300 C CG  . TYR A 1 177 ? 15.889  0.574   0.176   1.00 15.92 ? 177  TYR A CG  1 
ATOM   1301 C CD1 . TYR A 1 177 ? 15.910  1.070   1.470   1.00 16.52 ? 177  TYR A CD1 1 
ATOM   1302 C CD2 . TYR A 1 177 ? 16.790  -0.439  -0.154  1.00 16.57 ? 177  TYR A CD2 1 
ATOM   1303 C CE1 . TYR A 1 177 ? 16.797  0.570   2.421   1.00 17.23 ? 177  TYR A CE1 1 
ATOM   1304 C CE2 . TYR A 1 177 ? 17.664  -0.951  0.786   1.00 17.33 ? 177  TYR A CE2 1 
ATOM   1305 C CZ  . TYR A 1 177 ? 17.667  -0.442  2.068   1.00 17.52 ? 177  TYR A CZ  1 
ATOM   1306 O OH  . TYR A 1 177 ? 18.547  -0.935  2.993   1.00 20.61 ? 177  TYR A OH  1 
ATOM   1307 N N   . PRO A 1 178 ? 13.682  -1.674  -1.601  1.00 14.48 ? 178  PRO A N   1 
ATOM   1308 C CA  . PRO A 1 178 ? 13.369  -3.115  -1.529  1.00 15.22 ? 178  PRO A CA  1 
ATOM   1309 C C   . PRO A 1 178 ? 13.936  -3.910  -0.356  1.00 15.91 ? 178  PRO A C   1 
ATOM   1310 O O   . PRO A 1 178 ? 13.302  -4.888  0.046   1.00 15.97 ? 178  PRO A O   1 
ATOM   1311 C CB  . PRO A 1 178 ? 13.876  -3.647  -2.862  1.00 15.66 ? 178  PRO A CB  1 
ATOM   1312 C CG  . PRO A 1 178 ? 13.709  -2.457  -3.783  1.00 15.36 ? 178  PRO A CG  1 
ATOM   1313 C CD  . PRO A 1 178 ? 14.191  -1.305  -2.938  1.00 14.81 ? 178  PRO A CD  1 
ATOM   1314 N N   . LYS A 1 179 ? 15.094  -3.525  0.175   1.00 15.76 ? 179  LYS A N   1 
ATOM   1315 C CA  . LYS A 1 179 ? 15.710  -4.264  1.281   1.00 17.34 ? 179  LYS A CA  1 
ATOM   1316 C C   . LYS A 1 179 ? 15.753  -3.474  2.591   1.00 17.35 ? 179  LYS A C   1 
ATOM   1317 O O   . LYS A 1 179 ? 16.566  -3.749  3.476   1.00 17.31 ? 179  LYS A O   1 
ATOM   1318 C CB  . LYS A 1 179 ? 17.107  -4.754  0.877   1.00 18.16 ? 179  LYS A CB  1 
ATOM   1319 C CG  . LYS A 1 179 ? 17.082  -5.783  -0.240  1.00 19.51 ? 179  LYS A CG  1 
ATOM   1320 C CD  . LYS A 1 179 ? 18.492  -6.297  -0.553  1.00 24.46 ? 179  LYS A CD  1 
ATOM   1321 C CE  . LYS A 1 179 ? 18.629  -7.783  -0.318  1.00 28.03 ? 179  LYS A CE  1 
ATOM   1322 N NZ  . LYS A 1 179 ? 20.060  -8.215  -0.430  1.00 31.17 ? 179  LYS A NZ  1 
ATOM   1323 N N   . ASP A 1 180 ? 14.826  -2.541  2.744   1.00 17.64 ? 180  ASP A N   1 
ATOM   1324 C CA  . ASP A 1 180 ? 14.743  -1.723  3.949   1.00 18.30 ? 180  ASP A CA  1 
ATOM   1325 C C   . ASP A 1 180 ? 14.519  -2.637  5.172   1.00 19.71 ? 180  ASP A C   1 
ATOM   1326 O O   . ASP A 1 180 ? 13.561  -3.409  5.209   1.00 20.35 ? 180  ASP A O   1 
ATOM   1327 C CB  . ASP A 1 180 ? 13.622  -0.699  3.747   1.00 17.97 ? 180  ASP A CB  1 
ATOM   1328 C CG  . ASP A 1 180 ? 13.614  0.415   4.774   1.00 17.96 ? 180  ASP A CG  1 
ATOM   1329 O OD1 . ASP A 1 180 ? 14.294  0.324   5.826   1.00 16.76 ? 180  ASP A OD1 1 
ATOM   1330 O OD2 . ASP A 1 180 ? 12.882  1.416   4.610   1.00 14.89 ? 180  ASP A OD2 1 
ATOM   1331 N N   . ASP A 1 181 ? 15.429  -2.592  6.148   1.00 20.61 ? 181  ASP A N   1 
ATOM   1332 C CA  . ASP A 1 181 ? 15.347  -3.460  7.334   1.00 21.78 ? 181  ASP A CA  1 
ATOM   1333 C C   . ASP A 1 181 ? 15.295  -2.685  8.643   1.00 22.04 ? 181  ASP A C   1 
ATOM   1334 O O   . ASP A 1 181 ? 15.502  -3.265  9.714   1.00 22.19 ? 181  ASP A O   1 
ATOM   1335 C CB  . ASP A 1 181 ? 16.504  -4.482  7.363   1.00 21.88 ? 181  ASP A CB  1 
ATOM   1336 C CG  . ASP A 1 181 ? 17.856  -3.870  7.725   1.00 24.63 ? 181  ASP A CG  1 
ATOM   1337 O OD1 . ASP A 1 181 ? 18.000  -2.613  7.777   1.00 22.78 ? 181  ASP A OD1 1 
ATOM   1338 O OD2 . ASP A 1 181 ? 18.859  -4.607  7.949   1.00 26.22 ? 181  ASP A OD2 1 
ATOM   1339 N N   . GLN A 1 182 ? 15.009  -1.384  8.546   1.00 22.28 ? 182  GLN A N   1 
ATOM   1340 C CA  . GLN A 1 182 ? 14.856  -0.520  9.710   1.00 22.09 ? 182  GLN A CA  1 
ATOM   1341 C C   . GLN A 1 182 ? 13.381  -0.268  9.955   1.00 21.97 ? 182  GLN A C   1 
ATOM   1342 O O   . GLN A 1 182 ? 12.749  0.438   9.177   1.00 22.49 ? 182  GLN A O   1 
ATOM   1343 C CB  . GLN A 1 182 ? 15.568  0.818   9.486   1.00 22.00 ? 182  GLN A CB  1 
ATOM   1344 C CG  . GLN A 1 182 ? 17.075  0.680   9.281   1.00 22.34 ? 182  GLN A CG  1 
ATOM   1345 C CD  . GLN A 1 182 ? 17.762  0.098   10.497  1.00 21.66 ? 182  GLN A CD  1 
ATOM   1346 O OE1 . GLN A 1 182 ? 17.848  0.756   11.533  1.00 22.76 ? 182  GLN A OE1 1 
ATOM   1347 N NE2 . GLN A 1 182 ? 18.230  -1.141  10.388  1.00 23.31 ? 182  GLN A NE2 1 
ATOM   1348 N N   . THR A 1 183 ? 12.854  -0.849  11.032  1.00 21.53 ? 183  THR A N   1 
ATOM   1349 C CA  . THR A 1 183 ? 11.459  -0.665  11.463  1.00 22.10 ? 183  THR A CA  1 
ATOM   1350 C C   . THR A 1 183 ? 10.518  -0.756  10.291  1.00 20.97 ? 183  THR A C   1 
ATOM   1351 O O   . THR A 1 183 ? 9.612   0.078   10.153  1.00 21.44 ? 183  THR A O   1 
ATOM   1352 C CB  . THR A 1 183 ? 11.221  0.692   12.244  1.00 22.51 ? 183  THR A CB  1 
ATOM   1353 O OG1 . THR A 1 183 ? 11.508  1.827   11.405  1.00 23.65 ? 183  THR A OG1 1 
ATOM   1354 C CG2 . THR A 1 183 ? 12.166  0.831   13.437  1.00 23.34 ? 183  THR A CG2 1 
ATOM   1355 N N   . THR A 1 184 ? 10.710  -1.776  9.454   1.00 19.67 ? 184  THR A N   1 
ATOM   1356 C CA  . THR A 1 184 ? 9.835   -1.964  8.300   1.00 19.57 ? 184  THR A CA  1 
ATOM   1357 C C   . THR A 1 184 ? 8.936   -3.177  8.343   1.00 17.89 ? 184  THR A C   1 
ATOM   1358 O O   . THR A 1 184 ? 7.886   -3.151  7.731   1.00 16.48 ? 184  THR A O   1 
ATOM   1359 C CB  . THR A 1 184 ? 10.646  -2.051  7.009   1.00 20.11 ? 184  THR A CB  1 
ATOM   1360 O OG1 . THR A 1 184 ? 11.714  -3.001  7.167   1.00 23.13 ? 184  THR A OG1 1 
ATOM   1361 C CG2 . THR A 1 184 ? 11.286  -0.741  6.687   1.00 22.61 ? 184  THR A CG2 1 
ATOM   1362 N N   . THR A 1 185 ? 9.350   -4.243  9.017   1.00 16.82 ? 185  THR A N   1 
ATOM   1363 C CA  . THR A 1 185 ? 8.551   -5.465  9.066   1.00 16.62 ? 185  THR A CA  1 
ATOM   1364 C C   . THR A 1 185 ? 7.942   -5.579  10.443  1.00 14.92 ? 185  THR A C   1 
ATOM   1365 O O   . THR A 1 185 ? 8.642   -5.524  11.454  1.00 14.39 ? 185  THR A O   1 
ATOM   1366 C CB  . THR A 1 185 ? 9.429   -6.697  8.778   1.00 17.97 ? 185  THR A CB  1 
ATOM   1367 O OG1 . THR A 1 185 ? 9.871   -6.645  7.415   1.00 20.35 ? 185  THR A OG1 1 
ATOM   1368 C CG2 . THR A 1 185 ? 8.641   -7.964  8.866   1.00 19.52 ? 185  THR A CG2 1 
ATOM   1369 N N   . PHE A 1 186 ? 6.633   -5.738  10.472  1.00 13.26 ? 186  PHE A N   1 
ATOM   1370 C CA  . PHE A 1 186 ? 5.882   -5.900  11.712  1.00 12.60 ? 186  PHE A CA  1 
ATOM   1371 C C   . PHE A 1 186 ? 5.240   -7.271  11.773  1.00 11.98 ? 186  PHE A C   1 
ATOM   1372 O O   . PHE A 1 186 ? 4.982   -7.891  10.748  1.00 11.21 ? 186  PHE A O   1 
ATOM   1373 C CB  . PHE A 1 186 ? 4.818   -4.809  11.820  1.00 12.62 ? 186  PHE A CB  1 
ATOM   1374 C CG  . PHE A 1 186 ? 5.398   -3.434  11.963  1.00 13.97 ? 186  PHE A CG  1 
ATOM   1375 C CD1 . PHE A 1 186 ? 5.955   -2.779  10.876  1.00 12.62 ? 186  PHE A CD1 1 
ATOM   1376 C CD2 . PHE A 1 186 ? 5.403   -2.810  13.197  1.00 16.80 ? 186  PHE A CD2 1 
ATOM   1377 C CE1 . PHE A 1 186 ? 6.503   -1.538  11.014  1.00 13.75 ? 186  PHE A CE1 1 
ATOM   1378 C CE2 . PHE A 1 186 ? 5.943   -1.544  13.338  1.00 18.87 ? 186  PHE A CE2 1 
ATOM   1379 C CZ  . PHE A 1 186 ? 6.500   -0.913  12.247  1.00 17.44 ? 186  PHE A CZ  1 
ATOM   1380 N N   . THR A 1 187 ? 5.048   -7.786  12.991  1.00 11.69 ? 187  THR A N   1 
ATOM   1381 C CA  . THR A 1 187 ? 4.393   -9.075  13.164  1.00 11.74 ? 187  THR A CA  1 
ATOM   1382 C C   . THR A 1 187 ? 3.250   -8.986  14.146  1.00 10.93 ? 187  THR A C   1 
ATOM   1383 O O   . THR A 1 187 ? 3.208   -8.104  15.026  1.00 10.44 ? 187  THR A O   1 
ATOM   1384 C CB  . THR A 1 187 ? 5.354   -10.184 13.649  1.00 12.87 ? 187  THR A CB  1 
ATOM   1385 O OG1 . THR A 1 187 ? 5.936   -9.803  14.901  1.00 14.98 ? 187  THR A OG1 1 
ATOM   1386 C CG2 . THR A 1 187 ? 6.529   -10.362 12.672  1.00 14.00 ? 187  THR A CG2 1 
ATOM   1387 N N   . CYS A 1 188 ? 2.322   -9.911  13.950  1.00 10.80 ? 188  CYS A N   1 
ATOM   1388 C CA  . CYS A 1 188 ? 1.173   -10.125 14.806  1.00 11.20 ? 188  CYS A CA  1 
ATOM   1389 C C   . CYS A 1 188 ? 0.945   -11.627 14.919  1.00 11.71 ? 188  CYS A C   1 
ATOM   1390 O O   . CYS A 1 188 ? 1.386   -12.390 14.066  1.00 11.66 ? 188  CYS A O   1 
ATOM   1391 C CB  . CYS A 1 188 ? -0.070  -9.472  14.209  1.00 10.89 ? 188  CYS A CB  1 
ATOM   1392 S SG  . CYS A 1 188 ? -0.208  -7.698  14.468  1.00 9.75  ? 188  CYS A SG  1 
ATOM   1393 N N   . PRO A 1 189 ? 0.246   -12.073 15.959  1.00 11.99 ? 189  PRO A N   1 
ATOM   1394 C CA  . PRO A 1 189 ? -0.143  -13.488 16.039  1.00 12.03 ? 189  PRO A CA  1 
ATOM   1395 C C   . PRO A 1 189 ? -0.862  -13.947 14.774  1.00 11.72 ? 189  PRO A C   1 
ATOM   1396 O O   . PRO A 1 189 ? -1.673  -13.209 14.221  1.00 11.59 ? 189  PRO A O   1 
ATOM   1397 C CB  . PRO A 1 189 ? -1.101  -13.511 17.227  1.00 12.49 ? 189  PRO A CB  1 
ATOM   1398 C CG  . PRO A 1 189 ? -0.722  -12.359 18.031  1.00 12.04 ? 189  PRO A CG  1 
ATOM   1399 C CD  . PRO A 1 189 ? -0.210  -11.297 17.121  1.00 12.29 ? 189  PRO A CD  1 
ATOM   1400 N N   . GLY A 1 190 ? -0.564  -15.150 14.304  1.00 11.19 ? 190  GLY A N   1 
ATOM   1401 C CA  . GLY A 1 190 ? -1.292  -15.687 13.167  1.00 11.27 ? 190  GLY A CA  1 
ATOM   1402 C C   . GLY A 1 190 ? -2.799  -15.636 13.383  1.00 11.52 ? 190  GLY A C   1 
ATOM   1403 O O   . GLY A 1 190 ? -3.286  -15.987 14.460  1.00 12.26 ? 190  GLY A O   1 
ATOM   1404 N N   . GLY A 1 191 ? -3.544  -15.183 12.367  1.00 10.74 ? 191  GLY A N   1 
ATOM   1405 C CA  . GLY A 1 191 ? -4.990  -15.076 12.439  1.00 11.01 ? 191  GLY A CA  1 
ATOM   1406 C C   . GLY A 1 191 ? -5.502  -13.744 12.949  1.00 10.45 ? 191  GLY A C   1 
ATOM   1407 O O   . GLY A 1 191 ? -6.711  -13.581 13.198  1.00 10.50 ? 191  GLY A O   1 
ATOM   1408 N N   . THR A 1 192 ? -4.598  -12.776 13.089  1.00 10.26 ? 192  THR A N   1 
ATOM   1409 C CA  . THR A 1 192 ? -4.976  -11.417 13.459  1.00 9.97  ? 192  THR A CA  1 
ATOM   1410 C C   . THR A 1 192 ? -5.898  -10.789 12.408  1.00 9.83  ? 192  THR A C   1 
ATOM   1411 O O   . THR A 1 192 ? -5.840  -11.155 11.236  1.00 8.90  ? 192  THR A O   1 
ATOM   1412 C CB  . THR A 1 192 ? -3.710  -10.591 13.695  1.00 9.01  ? 192  THR A CB  1 
ATOM   1413 O OG1 . THR A 1 192 ? -3.087  -11.049 14.923  1.00 9.71  ? 192  THR A OG1 1 
ATOM   1414 C CG2 . THR A 1 192 ? -4.004  -9.115  13.933  1.00 11.00 ? 192  THR A CG2 1 
ATOM   1415 N N   . ASN A 1 193 ? -6.774  -9.888  12.868  1.00 9.67  ? 193  ASN A N   1 
ATOM   1416 C CA  . ASN A 1 193 ? -7.636  -9.089  11.996  1.00 10.03 ? 193  ASN A CA  1 
ATOM   1417 C C   . ASN A 1 193 ? -7.061  -7.685  11.919  1.00 9.45  ? 193  ASN A C   1 
ATOM   1418 O O   . ASN A 1 193 ? -6.468  -7.207  12.893  1.00 9.56  ? 193  ASN A O   1 
ATOM   1419 C CB  . ASN A 1 193 ? -9.060  -8.969  12.560  1.00 10.20 ? 193  ASN A CB  1 
ATOM   1420 C CG  . ASN A 1 193 ? -9.735  -10.299 12.789  1.00 10.56 ? 193  ASN A CG  1 
ATOM   1421 O OD1 . ASN A 1 193 ? -9.649  -11.236 11.975  1.00 10.97 ? 193  ASN A OD1 1 
ATOM   1422 N ND2 . ASN A 1 193 ? -10.476 -10.380 13.907  1.00 13.04 ? 193  ASN A ND2 1 
ATOM   1423 N N   . TYR A 1 194 ? -7.266  -7.009  10.791  1.00 9.40  ? 194  TYR A N   1 
ATOM   1424 C CA  . TYR A 1 194 ? -6.634  -5.731  10.503  1.00 9.08  ? 194  TYR A CA  1 
ATOM   1425 C C   . TYR A 1 194 ? -7.606  -4.709  9.939   1.00 9.29  ? 194  TYR A C   1 
ATOM   1426 O O   . TYR A 1 194 ? -8.664  -5.048  9.410   1.00 8.41  ? 194  TYR A O   1 
ATOM   1427 C CB  . TYR A 1 194 ? -5.484  -5.900  9.484   1.00 9.17  ? 194  TYR A CB  1 
ATOM   1428 C CG  . TYR A 1 194 ? -4.393  -6.845  9.928   1.00 8.83  ? 194  TYR A CG  1 
ATOM   1429 C CD1 . TYR A 1 194 ? -4.522  -8.203  9.746   1.00 8.27  ? 194  TYR A CD1 1 
ATOM   1430 C CD2 . TYR A 1 194 ? -3.235  -6.377  10.540  1.00 9.68  ? 194  TYR A CD2 1 
ATOM   1431 C CE1 . TYR A 1 194 ? -3.496  -9.093  10.136  1.00 7.93  ? 194  TYR A CE1 1 
ATOM   1432 C CE2 . TYR A 1 194 ? -2.237  -7.241  10.939  1.00 9.08  ? 194  TYR A CE2 1 
ATOM   1433 C CZ  . TYR A 1 194 ? -2.377  -8.599  10.749  1.00 9.16  ? 194  TYR A CZ  1 
ATOM   1434 O OH  . TYR A 1 194 ? -1.381  -9.458  11.167  1.00 9.63  ? 194  TYR A OH  1 
ATOM   1435 N N   . ARG A 1 195 ? -7.217  -3.448  10.031  1.00 9.90  ? 195  ARG A N   1 
ATOM   1436 C CA  . ARG A 1 195 ? -7.951  -2.351  9.413   1.00 10.01 ? 195  ARG A CA  1 
ATOM   1437 C C   . ARG A 1 195 ? -6.967  -1.473  8.658   1.00 9.80  ? 195  ARG A C   1 
ATOM   1438 O O   . ARG A 1 195 ? -5.887  -1.153  9.176   1.00 10.04 ? 195  ARG A O   1 
ATOM   1439 C CB  . ARG A 1 195 ? -8.671  -1.521  10.465  1.00 10.44 ? 195  ARG A CB  1 
ATOM   1440 C CG  . ARG A 1 195 ? -9.529  -0.429  9.905   1.00 12.11 ? 195  ARG A CG  1 
ATOM   1441 C CD  . ARG A 1 195 ? -10.341 0.277   10.961  1.00 16.40 ? 195  ARG A CD  1 
ATOM   1442 N NE  . ARG A 1 195 ? -9.475  1.078   11.814  1.00 19.79 ? 195  ARG A NE  1 
ATOM   1443 C CZ  . ARG A 1 195 ? -9.892  2.128   12.518  1.00 23.94 ? 195  ARG A CZ  1 
ATOM   1444 N NH1 . ARG A 1 195 ? -11.161 2.515   12.466  1.00 24.87 ? 195  ARG A NH1 1 
ATOM   1445 N NH2 . ARG A 1 195 ? -9.029  2.813   13.256  1.00 26.72 ? 195  ARG A NH2 1 
ATOM   1446 N N   . VAL A 1 196 ? -7.335  -1.108  7.433   1.00 8.88  ? 196  VAL A N   1 
ATOM   1447 C CA  . VAL A 1 196 ? -6.578  -0.173  6.630   1.00 9.27  ? 196  VAL A CA  1 
ATOM   1448 C C   . VAL A 1 196 ? -7.429  1.092   6.494   1.00 8.90  ? 196  VAL A C   1 
ATOM   1449 O O   . VAL A 1 196 ? -8.556  1.013   6.013   1.00 9.76  ? 196  VAL A O   1 
ATOM   1450 C CB  . VAL A 1 196 ? -6.306  -0.733  5.230   1.00 9.13  ? 196  VAL A CB  1 
ATOM   1451 C CG1 . VAL A 1 196 ? -5.647  0.327   4.337   1.00 9.59  ? 196  VAL A CG1 1 
ATOM   1452 C CG2 . VAL A 1 196 ? -5.433  -1.987  5.317   1.00 10.69 ? 196  VAL A CG2 1 
ATOM   1453 N N   . VAL A 1 197 ? -6.907  2.234   6.927   1.00 8.87  ? 197  VAL A N   1 
ATOM   1454 C CA  . VAL A 1 197 ? -7.640  3.499   6.834   1.00 9.28  ? 197  VAL A CA  1 
ATOM   1455 C C   . VAL A 1 197 ? -6.898  4.451   5.903   1.00 9.50  ? 197  VAL A C   1 
ATOM   1456 O O   . VAL A 1 197 ? -5.711  4.734   6.105   1.00 9.86  ? 197  VAL A O   1 
ATOM   1457 C CB  . VAL A 1 197 ? -7.763  4.165   8.221   1.00 9.10  ? 197  VAL A CB  1 
ATOM   1458 C CG1 . VAL A 1 197 ? -8.538  5.486   8.125   1.00 10.00 ? 197  VAL A CG1 1 
ATOM   1459 C CG2 . VAL A 1 197 ? -8.421  3.229   9.216   1.00 9.44  ? 197  VAL A CG2 1 
ATOM   1460 N N   . PHE A 1 198 ? -7.608  4.963   4.906   1.00 8.84  ? 198  PHE A N   1 
ATOM   1461 C CA  . PHE A 1 198 ? -7.097  6.002   4.026   1.00 9.16  ? 198  PHE A CA  1 
ATOM   1462 C C   . PHE A 1 198 ? -7.389  7.358   4.681   1.00 9.39  ? 198  PHE A C   1 
ATOM   1463 O O   . PHE A 1 198 ? -8.487  7.583   5.143   1.00 10.07 ? 198  PHE A O   1 
ATOM   1464 C CB  . PHE A 1 198 ? -7.778  5.929   2.657   1.00 9.22  ? 198  PHE A CB  1 
ATOM   1465 C CG  . PHE A 1 198 ? -7.596  4.617   1.949   1.00 9.13  ? 198  PHE A CG  1 
ATOM   1466 C CD1 . PHE A 1 198 ? -6.325  4.168   1.621   1.00 10.78 ? 198  PHE A CD1 1 
ATOM   1467 C CD2 . PHE A 1 198 ? -8.684  3.821   1.626   1.00 10.24 ? 198  PHE A CD2 1 
ATOM   1468 C CE1 . PHE A 1 198 ? -6.150  2.947   0.976   1.00 11.38 ? 198  PHE A CE1 1 
ATOM   1469 C CE2 . PHE A 1 198 ? -8.499  2.602   0.968   1.00 10.59 ? 198  PHE A CE2 1 
ATOM   1470 C CZ  . PHE A 1 198 ? -7.248  2.174   0.658   1.00 9.78  ? 198  PHE A CZ  1 
ATOM   1471 N N   . CYS A 1 199 ? -6.407  8.258   4.685   1.00 10.04 ? 199  CYS A N   1 
ATOM   1472 C CA  . CYS A 1 199 ? -6.494  9.553   5.368   1.00 10.53 ? 199  CYS A CA  1 
ATOM   1473 C C   . CYS A 1 199 ? -6.832  9.427   6.861   1.00 10.47 ? 199  CYS A C   1 
ATOM   1474 O O   . CYS A 1 199 ? -7.835  9.993   7.343   1.00 10.94 ? 199  CYS A O   1 
ATOM   1475 C CB  . CYS A 1 199 ? -7.463  10.491  4.666   1.00 10.49 ? 199  CYS A CB  1 
ATOM   1476 S SG  . CYS A 1 199 ? -7.002  10.835  2.954   1.00 11.92 ? 199  CYS A SG  1 
ATOM   1477 N N   . PRO A 1 200 ? -6.013  8.682   7.606   1.00 11.14 ? 200  PRO A N   1 
ATOM   1478 C CA  . PRO A 1 200 ? -6.264  8.492   9.038   1.00 11.92 ? 200  PRO A CA  1 
ATOM   1479 C C   . PRO A 1 200 ? -6.043  9.781   9.830   1.00 13.42 ? 200  PRO A C   1 
ATOM   1480 O O   . PRO A 1 200 ? -5.289  10.651  9.407   1.00 12.18 ? 200  PRO A O   1 
ATOM   1481 C CB  . PRO A 1 200 ? -5.220  7.448   9.434   1.00 11.91 ? 200  PRO A CB  1 
ATOM   1482 C CG  . PRO A 1 200 ? -4.084  7.719   8.505   1.00 10.70 ? 200  PRO A CG  1 
ATOM   1483 C CD  . PRO A 1 200 ? -4.758  8.014   7.191   1.00 10.75 ? 200  PRO A CD  1 
ATOM   1484 O OXT . PRO A 1 200 ? -6.632  9.910   10.911  1.00 17.02 ? 200  PRO A OXT 1 
HETATM 1485 C C1  . EDO B 2 .   ? 11.924  15.904  3.886   1.00 33.09 ? 901  EDO A C1  1 
HETATM 1486 O O1  . EDO B 2 .   ? 10.594  15.980  3.412   1.00 30.18 ? 901  EDO A O1  1 
HETATM 1487 C C2  . EDO B 2 .   ? 12.841  16.711  2.995   1.00 34.55 ? 901  EDO A C2  1 
HETATM 1488 O O2  . EDO B 2 .   ? 12.332  16.785  1.675   1.00 35.71 ? 901  EDO A O2  1 
HETATM 1489 C C1  . EDO C 2 .   ? 8.830   -5.189  0.723   1.00 24.98 ? 902  EDO A C1  1 
HETATM 1490 O O1  . EDO C 2 .   ? 7.639   -5.761  0.241   1.00 23.51 ? 902  EDO A O1  1 
HETATM 1491 C C2  . EDO C 2 .   ? 9.157   -3.976  -0.097  1.00 24.76 ? 902  EDO A C2  1 
HETATM 1492 O O2  . EDO C 2 .   ? 9.401   -4.329  -1.441  1.00 25.72 ? 902  EDO A O2  1 
HETATM 1493 C C1  . EDO D 2 .   ? 6.188   -3.197  -3.323  1.00 23.18 ? 903  EDO A C1  1 
HETATM 1494 O O1  . EDO D 2 .   ? 6.676   -3.376  -2.018  1.00 18.38 ? 903  EDO A O1  1 
HETATM 1495 C C2  . EDO D 2 .   ? 6.967   -4.073  -4.288  1.00 22.86 ? 903  EDO A C2  1 
HETATM 1496 O O2  . EDO D 2 .   ? 6.529   -5.408  -4.131  1.00 28.27 ? 903  EDO A O2  1 
HETATM 1497 O O   . HOH E 3 .   ? 4.439   1.386   -2.599  1.00 9.76  ? 904  HOH A O   1 
HETATM 1498 O O   . HOH E 3 .   ? -2.975  3.382   -1.534  1.00 8.88  ? 905  HOH A O   1 
HETATM 1499 O O   . HOH E 3 .   ? -4.385  -13.111 9.924   1.00 11.38 ? 906  HOH A O   1 
HETATM 1500 O O   . HOH E 3 .   ? 6.005   -1.157  7.533   1.00 9.43  ? 907  HOH A O   1 
HETATM 1501 O O   . HOH E 3 .   ? 3.212   -21.446 8.842   1.00 11.13 ? 908  HOH A O   1 
HETATM 1502 O O   . HOH E 3 .   ? -2.691  4.168   -12.248 1.00 10.61 ? 909  HOH A O   1 
HETATM 1503 O O   . HOH E 3 .   ? 0.147   13.605  0.564   1.00 11.91 ? 910  HOH A O   1 
HETATM 1504 O O   . HOH E 3 .   ? -2.082  12.872  7.756   1.00 13.91 ? 911  HOH A O   1 
HETATM 1505 O O   . HOH E 3 .   ? -6.592  -6.307  -12.035 1.00 12.60 ? 912  HOH A O   1 
HETATM 1506 O O   . HOH E 3 .   ? 6.647   4.262   -7.540  1.00 13.99 ? 913  HOH A O   1 
HETATM 1507 O O   . HOH E 3 .   ? -6.191  1.093   10.859  1.00 12.32 ? 914  HOH A O   1 
HETATM 1508 O O   . HOH E 3 .   ? -0.775  -2.188  -6.070  1.00 11.07 ? 915  HOH A O   1 
HETATM 1509 O O   . HOH E 3 .   ? 4.547   -19.153 2.241   1.00 13.48 ? 916  HOH A O   1 
HETATM 1510 O O   . HOH E 3 .   ? -10.035 10.155  -6.325  1.00 13.21 ? 917  HOH A O   1 
HETATM 1511 O O   . HOH E 3 .   ? 3.218   -5.399  15.102  1.00 11.96 ? 918  HOH A O   1 
HETATM 1512 O O   . HOH E 3 .   ? -7.534  -16.401 9.301   1.00 12.55 ? 919  HOH A O   1 
HETATM 1513 O O   . HOH E 3 .   ? -4.936  -15.648 9.115   1.00 11.61 ? 920  HOH A O   1 
HETATM 1514 O O   . HOH E 3 .   ? -17.879 -0.227  -6.127  1.00 14.98 ? 921  HOH A O   1 
HETATM 1515 O O   . HOH E 3 .   ? -10.462 -6.048  11.299  1.00 10.15 ? 922  HOH A O   1 
HETATM 1516 O O   . HOH E 3 .   ? 2.554   -8.714  -0.357  1.00 15.78 ? 923  HOH A O   1 
HETATM 1517 O O   . HOH E 3 .   ? -7.798  -9.598  -6.185  1.00 14.25 ? 924  HOH A O   1 
HETATM 1518 O O   . HOH E 3 .   ? -15.977 10.955  -1.425  1.00 16.27 ? 925  HOH A O   1 
HETATM 1519 O O   . HOH E 3 .   ? 16.612  1.868   5.978   1.00 18.63 ? 926  HOH A O   1 
HETATM 1520 O O   . HOH E 3 .   ? 2.390   -1.289  -7.438  1.00 13.51 ? 927  HOH A O   1 
HETATM 1521 O O   . HOH E 3 .   ? -4.246  11.426  6.952   1.00 14.42 ? 928  HOH A O   1 
HETATM 1522 O O   . HOH E 3 .   ? -14.381 -5.291  -12.473 1.00 14.69 ? 929  HOH A O   1 
HETATM 1523 O O   . HOH E 3 .   ? 9.607   4.943   4.169   1.00 14.66 ? 930  HOH A O   1 
HETATM 1524 O O   . HOH E 3 .   ? 3.136   -6.775  -2.388  1.00 20.04 ? 931  HOH A O   1 
HETATM 1525 O O   . HOH E 3 .   ? -8.578  -15.292 0.603   1.00 15.39 ? 932  HOH A O   1 
HETATM 1526 O O   . HOH E 3 .   ? -14.436 -9.835  -2.141  1.00 18.65 ? 933  HOH A O   1 
HETATM 1527 O O   . HOH E 3 .   ? -0.636  12.624  3.057   1.00 13.53 ? 934  HOH A O   1 
HETATM 1528 O O   . HOH E 3 .   ? -12.794 -4.629  11.425  1.00 13.90 ? 935  HOH A O   1 
HETATM 1529 O O   . HOH E 3 .   ? 5.916   -5.847  15.243  1.00 20.25 ? 936  HOH A O   1 
HETATM 1530 O O   . HOH E 3 .   ? -18.205 -4.666  3.414   1.00 14.35 ? 937  HOH A O   1 
HETATM 1531 O O   . HOH E 3 .   ? -5.403  -18.478 11.784  1.00 19.56 ? 938  HOH A O   1 
HETATM 1532 O O   . HOH E 3 .   ? -0.057  8.674   -11.769 1.00 22.45 ? 939  HOH A O   1 
HETATM 1533 O O   . HOH E 3 .   ? -16.334 -8.294  -0.903  1.00 19.02 ? 940  HOH A O   1 
HETATM 1534 O O   . HOH E 3 .   ? 2.808   -9.829  18.556  1.00 21.39 ? 941  HOH A O   1 
HETATM 1535 O O   . HOH E 3 .   ? -8.118  -0.165  -11.844 1.00 11.16 ? 942  HOH A O   1 
HETATM 1536 O O   . HOH E 3 .   ? -4.641  13.203  0.973   1.00 19.19 ? 943  HOH A O   1 
HETATM 1537 O O   . HOH E 3 .   ? 3.866   -5.420  18.448  1.00 20.09 ? 944  HOH A O   1 
HETATM 1538 O O   . HOH E 3 .   ? 3.788   3.892   12.470  1.00 16.22 ? 945  HOH A O   1 
HETATM 1539 O O   . HOH E 3 .   ? -8.844  -10.630 19.955  1.00 23.01 ? 946  HOH A O   1 
HETATM 1540 O O   . HOH E 3 .   ? 13.953  16.098  -7.937  1.00 20.62 ? 947  HOH A O   1 
HETATM 1541 O O   . HOH E 3 .   ? -15.050 -11.601 2.074   1.00 19.91 ? 948  HOH A O   1 
HETATM 1542 O O   . HOH E 3 .   ? 5.962   6.056   9.482   1.00 14.47 ? 949  HOH A O   1 
HETATM 1543 O O   . HOH E 3 .   ? 16.451  3.538   -3.179  1.00 17.12 ? 950  HOH A O   1 
HETATM 1544 O O   . HOH E 3 .   ? 17.903  -0.797  5.751   1.00 21.46 ? 951  HOH A O   1 
HETATM 1545 O O   . HOH E 3 .   ? 1.384   -19.696 3.574   1.00 21.81 ? 952  HOH A O   1 
HETATM 1546 O O   . HOH E 3 .   ? 4.527   -7.981  17.562  1.00 19.95 ? 953  HOH A O   1 
HETATM 1547 O O   . HOH E 3 .   ? 15.892  4.783   2.890   1.00 17.02 ? 954  HOH A O   1 
HETATM 1548 O O   . HOH E 3 .   ? -13.656 -10.812 12.831  1.00 21.80 ? 955  HOH A O   1 
HETATM 1549 O O   . HOH E 3 .   ? 14.099  2.219   -4.142  1.00 17.46 ? 956  HOH A O   1 
HETATM 1550 O O   . HOH E 3 .   ? -16.668 5.968   -12.251 1.00 21.69 ? 957  HOH A O   1 
HETATM 1551 O O   . HOH E 3 .   ? 12.104  -4.243  10.528  1.00 28.68 ? 958  HOH A O   1 
HETATM 1552 O O   . HOH E 3 .   ? -16.785 4.027   -9.955  1.00 21.70 ? 959  HOH A O   1 
HETATM 1553 O O   . HOH E 3 .   ? -0.748  17.234  -0.758  1.00 22.51 ? 960  HOH A O   1 
HETATM 1554 O O   . HOH E 3 .   ? -0.234  5.201   -12.394 1.00 23.20 ? 961  HOH A O   1 
HETATM 1555 O O   . HOH E 3 .   ? -19.044 -2.380  4.970   1.00 20.23 ? 962  HOH A O   1 
HETATM 1556 O O   . HOH E 3 .   ? 17.879  1.129   -2.805  1.00 20.30 ? 963  HOH A O   1 
HETATM 1557 O O   . HOH E 3 .   ? -9.368  -11.717 -5.324  1.00 20.47 ? 964  HOH A O   1 
HETATM 1558 O O   . HOH E 3 .   ? -4.552  -10.591 17.093  1.00 17.63 ? 965  HOH A O   1 
HETATM 1559 O O   . HOH E 3 .   ? -2.525  11.690  10.224  1.00 23.42 ? 966  HOH A O   1 
HETATM 1560 O O   . HOH E 3 .   ? -13.643 12.488  -5.309  1.00 21.11 ? 967  HOH A O   1 
HETATM 1561 O O   . HOH E 3 .   ? 20.213  -2.886  2.277   1.00 19.89 ? 968  HOH A O   1 
HETATM 1562 O O   . HOH E 3 .   ? -19.766 1.729   3.787   1.00 20.36 ? 969  HOH A O   1 
HETATM 1563 O O   . HOH E 3 .   ? 4.808   -4.375  -7.698  1.00 30.42 ? 970  HOH A O   1 
HETATM 1564 O O   . HOH E 3 .   ? -21.420 7.826   -5.522  1.00 28.34 ? 971  HOH A O   1 
HETATM 1565 O O   . HOH E 3 .   ? -5.921  -16.155 -0.323  1.00 23.93 ? 972  HOH A O   1 
HETATM 1566 O O   . HOH E 3 .   ? -9.048  -18.587 7.104   1.00 24.05 ? 973  HOH A O   1 
HETATM 1567 O O   . HOH E 3 .   ? 4.213   -12.154 0.894   1.00 16.31 ? 974  HOH A O   1 
HETATM 1568 O O   . HOH E 3 .   ? -5.575  -4.245  18.065  1.00 18.79 ? 975  HOH A O   1 
HETATM 1569 O O   . HOH E 3 .   ? -5.167  10.718  13.483  1.00 24.97 ? 976  HOH A O   1 
HETATM 1570 O O   . HOH E 3 .   ? -15.608 8.421   -11.369 1.00 23.90 ? 977  HOH A O   1 
HETATM 1571 O O   . HOH E 3 .   ? 17.213  6.401   -15.751 1.00 23.53 ? 978  HOH A O   1 
HETATM 1572 O O   . HOH E 3 .   ? -18.638 -0.537  0.682   1.00 35.41 ? 979  HOH A O   1 
HETATM 1573 O O   . HOH E 3 .   ? -19.104 0.700   -3.979  1.00 25.99 ? 980  HOH A O   1 
HETATM 1574 O O   . HOH E 3 .   ? 2.727   9.010   9.742   1.00 20.88 ? 981  HOH A O   1 
HETATM 1575 O O   . HOH E 3 .   ? -11.091 -17.073 6.466   1.00 27.73 ? 982  HOH A O   1 
HETATM 1576 O O   . HOH E 3 .   ? 16.995  -3.817  -10.794 1.00 24.80 ? 983  HOH A O   1 
HETATM 1577 O O   . HOH E 3 .   ? -14.640 -6.925  -5.808  1.00 31.09 ? 984  HOH A O   1 
HETATM 1578 O O   . HOH E 3 .   ? -4.042  10.652  -5.269  1.00 23.16 ? 985  HOH A O   1 
HETATM 1579 O O   . HOH E 3 .   ? 3.719   6.161   -12.506 1.00 25.79 ? 986  HOH A O   1 
HETATM 1580 O O   . HOH E 3 .   ? -4.245  -19.089 14.056  1.00 30.74 ? 987  HOH A O   1 
HETATM 1581 O O   . HOH E 3 .   ? -19.991 -0.831  -19.654 1.00 24.37 ? 988  HOH A O   1 
HETATM 1582 O O   . HOH E 3 .   ? -16.996 -9.802  4.879   1.00 24.35 ? 989  HOH A O   1 
HETATM 1583 O O   . HOH E 3 .   ? -1.211  15.953  -9.134  1.00 39.41 ? 990  HOH A O   1 
HETATM 1584 O O   . HOH E 3 .   ? -9.636  0.446   -19.658 1.00 25.32 ? 991  HOH A O   1 
HETATM 1585 O O   . HOH E 3 .   ? -6.619  -21.082 4.365   1.00 30.23 ? 992  HOH A O   1 
HETATM 1586 O O   . HOH E 3 .   ? 19.159  8.981   -4.812  1.00 24.69 ? 993  HOH A O   1 
HETATM 1587 O O   . HOH E 3 .   ? 9.578   0.245   -7.557  1.00 26.91 ? 994  HOH A O   1 
HETATM 1588 O O   . HOH E 3 .   ? -2.446  -12.561 -2.116  1.00 20.64 ? 995  HOH A O   1 
HETATM 1589 O O   . HOH E 3 .   ? -16.586 -9.191  1.701   1.00 24.80 ? 996  HOH A O   1 
HETATM 1590 O O   . HOH E 3 .   ? 2.251   -3.616  -10.387 1.00 27.77 ? 997  HOH A O   1 
HETATM 1591 O O   . HOH E 3 .   ? 21.502  0.985   -3.775  1.00 25.88 ? 998  HOH A O   1 
HETATM 1592 O O   . HOH E 3 .   ? 11.797  10.890  10.922  1.00 26.52 ? 999  HOH A O   1 
HETATM 1593 O O   . HOH E 3 .   ? 13.361  8.034   9.497   1.00 25.74 ? 1000 HOH A O   1 
HETATM 1594 O O   . HOH E 3 .   ? -18.414 -0.138  -12.484 1.00 24.38 ? 1001 HOH A O   1 
HETATM 1595 O O   . HOH E 3 .   ? -19.587 3.798   -3.511  1.00 26.66 ? 1002 HOH A O   1 
HETATM 1596 O O   . HOH E 3 .   ? -13.230 -16.664 9.152   1.00 34.74 ? 1003 HOH A O   1 
HETATM 1597 O O   . HOH E 3 .   ? -19.124 0.353   -21.830 1.00 25.58 ? 1004 HOH A O   1 
HETATM 1598 O O   . HOH E 3 .   ? 21.934  8.101   -3.606  1.00 29.50 ? 1005 HOH A O   1 
HETATM 1599 O O   . HOH E 3 .   ? -0.661  -20.969 16.892  1.00 31.14 ? 1006 HOH A O   1 
HETATM 1600 O O   . HOH E 3 .   ? -0.776  2.953   14.020  1.00 26.81 ? 1007 HOH A O   1 
HETATM 1601 O O   . HOH E 3 .   ? 2.828   -15.519 -2.771  1.00 28.80 ? 1008 HOH A O   1 
HETATM 1602 O O   . HOH E 3 .   ? -4.086  -19.658 1.841   1.00 39.30 ? 1009 HOH A O   1 
HETATM 1603 O O   . HOH E 3 .   ? -11.994 -13.672 9.834   1.00 26.21 ? 1010 HOH A O   1 
HETATM 1604 O O   . HOH E 3 .   ? 17.869  12.467  0.864   1.00 31.66 ? 1011 HOH A O   1 
HETATM 1605 O O   . HOH E 3 .   ? 22.747  3.138   -2.169  1.00 29.71 ? 1012 HOH A O   1 
HETATM 1606 O O   . HOH E 3 .   ? 6.914   9.327   -12.528 1.00 28.52 ? 1013 HOH A O   1 
HETATM 1607 O O   . HOH E 3 .   ? -12.021 -8.429  -12.563 1.00 22.47 ? 1014 HOH A O   1 
HETATM 1608 O O   . HOH E 3 .   ? -17.483 -2.371  7.054   1.00 26.44 ? 1015 HOH A O   1 
HETATM 1609 O O   . HOH E 3 .   ? -20.377 7.708   2.881   1.00 22.67 ? 1016 HOH A O   1 
HETATM 1610 O O   . HOH E 3 .   ? -20.274 -6.430  1.432   1.00 49.17 ? 1017 HOH A O   1 
HETATM 1611 O O   . HOH E 3 .   ? 22.591  -5.379  -0.312  1.00 32.23 ? 1018 HOH A O   1 
HETATM 1612 O O   . HOH E 3 .   ? 3.514   -11.419 -4.790  1.00 30.34 ? 1019 HOH A O   1 
HETATM 1613 O O   . HOH E 3 .   ? -12.116 16.123  -1.810  1.00 33.78 ? 1020 HOH A O   1 
HETATM 1614 O O   . HOH E 3 .   ? -3.285  -4.300  19.426  1.00 25.09 ? 1021 HOH A O   1 
HETATM 1615 O O   . HOH E 3 .   ? -6.529  -0.591  15.103  1.00 26.31 ? 1022 HOH A O   1 
HETATM 1616 O O   . HOH E 3 .   ? -12.043 -11.165 -6.225  1.00 39.64 ? 1023 HOH A O   1 
HETATM 1617 O O   . HOH E 3 .   ? -7.289  0.530   13.207  1.00 32.81 ? 1024 HOH A O   1 
HETATM 1618 O O   . HOH E 3 .   ? 8.406   11.493  -12.489 1.00 24.27 ? 1025 HOH A O   1 
HETATM 1619 O O   . HOH E 3 .   ? -1.580  -17.170 -1.016  1.00 24.78 ? 1026 HOH A O   1 
HETATM 1620 O O   . HOH E 3 .   ? 4.404   -2.342  -9.329  1.00 33.60 ? 1027 HOH A O   1 
HETATM 1621 O O   . HOH E 3 .   ? 1.533   3.652   14.329  1.00 30.02 ? 1028 HOH A O   1 
HETATM 1622 O O   . HOH E 3 .   ? -22.121 3.030   2.709   1.00 30.58 ? 1029 HOH A O   1 
HETATM 1623 O O   . HOH E 3 .   ? 13.911  -6.413  4.408   1.00 43.72 ? 1030 HOH A O   1 
HETATM 1624 O O   . HOH E 3 .   ? -9.168  -8.784  -14.228 1.00 32.45 ? 1031 HOH A O   1 
HETATM 1625 O O   . HOH E 3 .   ? 21.597  -6.758  1.699   1.00 44.79 ? 1032 HOH A O   1 
HETATM 1626 O O   . HOH E 3 .   ? -18.854 -3.019  -11.894 1.00 34.82 ? 1033 HOH A O   1 
HETATM 1627 O O   . HOH E 3 .   ? -11.534 -9.837  -8.453  1.00 29.76 ? 1034 HOH A O   1 
HETATM 1628 O O   . HOH E 3 .   ? -16.468 -4.579  -7.260  1.00 30.87 ? 1035 HOH A O   1 
HETATM 1629 O O   . HOH E 3 .   ? -8.710  8.392   -16.266 1.00 42.50 ? 1036 HOH A O   1 
HETATM 1630 O O   . HOH E 3 .   ? 17.213  3.351   11.651  1.00 30.76 ? 1037 HOH A O   1 
HETATM 1631 O O   . HOH E 3 .   ? 10.208  16.130  6.577   1.00 27.25 ? 1038 HOH A O   1 
HETATM 1632 O O   . HOH E 3 .   ? -6.524  5.216   11.964  1.00 46.56 ? 1039 HOH A O   1 
HETATM 1633 O O   . HOH E 3 .   ? 0.617   -21.699 10.614  1.00 29.76 ? 1040 HOH A O   1 
HETATM 1634 O O   . HOH E 3 .   ? -8.580  -15.278 12.179  1.00 27.82 ? 1041 HOH A O   1 
HETATM 1635 O O   . HOH E 3 .   ? -18.537 -7.568  4.837   1.00 38.01 ? 1042 HOH A O   1 
HETATM 1636 O O   . HOH E 3 .   ? 18.835  -3.433  12.310  1.00 34.14 ? 1043 HOH A O   1 
HETATM 1637 O O   . HOH E 3 .   ? -5.788  11.046  -8.860  1.00 29.59 ? 1044 HOH A O   1 
HETATM 1638 O O   . HOH E 3 .   ? 5.686   -4.059  19.629  1.00 32.56 ? 1045 HOH A O   1 
HETATM 1639 O O   . HOH E 3 .   ? 8.151   -8.229  15.103  1.00 36.07 ? 1046 HOH A O   1 
HETATM 1640 O O   . HOH E 3 .   ? 23.428  3.932   1.919   1.00 29.41 ? 1047 HOH A O   1 
HETATM 1641 O O   . HOH E 3 .   ? 7.802   -3.253  -7.524  1.00 27.85 ? 1048 HOH A O   1 
HETATM 1642 O O   . HOH E 3 .   ? -8.100  -2.579  18.398  1.00 32.16 ? 1049 HOH A O   1 
HETATM 1643 O O   . HOH E 3 .   ? 16.299  -1.661  -15.051 1.00 37.46 ? 1050 HOH A O   1 
HETATM 1644 O O   . HOH E 3 .   ? 6.617   4.387   15.619  1.00 36.13 ? 1051 HOH A O   1 
HETATM 1645 O O   . HOH E 3 .   ? 11.164  -0.003  -12.728 1.00 31.21 ? 1052 HOH A O   1 
HETATM 1646 O O   . HOH E 3 .   ? 17.814  -6.151  4.204   1.00 27.80 ? 1053 HOH A O   1 
HETATM 1647 O O   . HOH E 3 .   ? -5.690  3.495   13.726  1.00 39.83 ? 1054 HOH A O   1 
HETATM 1648 O O   . HOH E 3 .   ? -18.521 -8.341  -2.522  1.00 37.34 ? 1055 HOH A O   1 
HETATM 1649 O O   . HOH E 3 .   ? -10.521 -13.721 12.291  1.00 30.40 ? 1056 HOH A O   1 
HETATM 1650 O O   . HOH E 3 .   ? 14.388  17.512  -10.352 1.00 22.86 ? 1057 HOH A O   1 
HETATM 1651 O O   . HOH E 3 .   ? 12.592  4.026   12.058  1.00 32.82 ? 1058 HOH A O   1 
HETATM 1652 O O   . HOH E 3 .   ? -16.552 -5.673  -4.059  1.00 32.90 ? 1059 HOH A O   1 
HETATM 1653 O O   . HOH E 3 .   ? -5.676  13.298  5.777   1.00 25.56 ? 1060 HOH A O   1 
HETATM 1654 O O   . HOH E 3 .   ? 17.295  4.423   5.575   1.00 22.17 ? 1061 HOH A O   1 
HETATM 1655 O O   . HOH E 3 .   ? -18.863 1.336   -8.184  1.00 31.33 ? 1062 HOH A O   1 
HETATM 1656 O O   . HOH E 3 .   ? 14.011  5.541   10.175  1.00 26.91 ? 1063 HOH A O   1 
HETATM 1657 O O   . HOH E 3 .   ? -18.232 1.772   -10.642 1.00 27.55 ? 1064 HOH A O   1 
HETATM 1658 O O   . HOH E 3 .   ? -18.552 -2.747  -6.544  1.00 27.22 ? 1065 HOH A O   1 
HETATM 1659 O O   . HOH E 3 .   ? -3.599  6.699   -16.077 1.00 43.95 ? 1066 HOH A O   1 
HETATM 1660 O O   . HOH E 3 .   ? -4.536  -14.577 -2.491  1.00 29.04 ? 1067 HOH A O   1 
HETATM 1661 O O   . HOH E 3 .   ? -5.784  8.207   -16.476 1.00 37.47 ? 1068 HOH A O   1 
HETATM 1662 O O   . HOH E 3 .   ? 6.180   7.186   12.002  1.00 25.98 ? 1069 HOH A O   1 
HETATM 1663 O O   . HOH E 3 .   ? -13.472 -11.753 -0.406  1.00 33.66 ? 1070 HOH A O   1 
HETATM 1664 O O   . HOH E 3 .   ? 7.305   -7.243  -2.010  1.00 30.86 ? 1071 HOH A O   1 
HETATM 1665 O O   . HOH E 3 .   ? -20.014 -2.576  -9.227  1.00 39.09 ? 1072 HOH A O   1 
HETATM 1666 O O   . HOH E 3 .   ? -4.858  14.205  3.489   1.00 32.08 ? 1073 HOH A O   1 
HETATM 1667 O O   . HOH E 3 .   ? 3.602   6.629   12.771  1.00 40.83 ? 1074 HOH A O   1 
HETATM 1668 O O   . HOH E 3 .   ? -10.522 -1.964  -19.559 1.00 37.65 ? 1075 HOH A O   1 
HETATM 1669 O O   . HOH E 3 .   ? -8.522  12.648  -5.892  1.00 32.62 ? 1076 HOH A O   1 
HETATM 1670 O O   . HOH E 3 .   ? 1.573   16.162  -9.937  1.00 34.86 ? 1077 HOH A O   1 
HETATM 1671 O O   . HOH E 3 .   ? -7.934  -17.552 11.695  1.00 38.41 ? 1078 HOH A O   1 
HETATM 1672 O O   . HOH E 3 .   ? -10.676 -12.082 0.217   1.00 38.30 ? 1079 HOH A O   1 
HETATM 1673 O O   . HOH E 3 .   ? -15.543 9.897   7.147   1.00 36.80 ? 1080 HOH A O   1 
HETATM 1674 O O   . HOH E 3 .   ? -12.306 10.384  -10.582 1.00 30.10 ? 1081 HOH A O   1 
HETATM 1675 O O   . HOH E 3 .   ? -8.364  -14.137 -5.121  1.00 30.58 ? 1082 HOH A O   1 
HETATM 1676 O O   . HOH E 3 .   ? -5.921  -19.180 0.170   1.00 37.31 ? 1083 HOH A O   1 
HETATM 1677 O O   . HOH E 3 .   ? 4.061   -13.340 -3.376  1.00 34.61 ? 1084 HOH A O   1 
HETATM 1678 O O   . HOH E 3 .   ? -10.827 -6.603  -18.302 1.00 29.55 ? 1085 HOH A O   1 
HETATM 1679 O O   . HOH E 3 .   ? -16.825 -5.224  -11.257 1.00 33.58 ? 1086 HOH A O   1 
HETATM 1680 O O   . HOH E 3 .   ? 0.222   -20.855 6.468   1.00 31.04 ? 1087 HOH A O   1 
HETATM 1681 O O   . HOH E 3 .   ? -2.360  -21.294 7.089   1.00 36.97 ? 1088 HOH A O   1 
HETATM 1682 O O   . HOH E 3 .   ? -0.687  -23.103 12.314  1.00 36.47 ? 1089 HOH A O   1 
HETATM 1683 O O   . HOH E 3 .   ? 5.513   -10.132 -6.073  1.00 32.03 ? 1090 HOH A O   1 
HETATM 1684 O O   . HOH E 3 .   ? -4.124  11.409  -2.675  1.00 32.75 ? 1091 HOH A O   1 
HETATM 1685 O O   . HOH E 3 .   ? -10.229 14.696  -5.879  1.00 44.51 ? 1092 HOH A O   1 
HETATM 1686 O O   . HOH E 3 .   ? 4.764   10.127  -14.100 1.00 39.08 ? 1093 HOH A O   1 
HETATM 1687 O O   . HOH E 3 .   ? -11.073 11.222  -13.243 1.00 45.31 ? 1094 HOH A O   1 
HETATM 1688 O O   . HOH E 3 .   ? 0.754   -3.352  21.524  1.00 44.73 ? 1095 HOH A O   1 
HETATM 1689 O O   . HOH E 3 .   ? -13.510 -7.035  -16.822 1.00 37.31 ? 1096 HOH A O   1 
HETATM 1690 O O   . HOH E 3 .   ? -8.402  12.069  -12.611 1.00 42.00 ? 1097 HOH A O   1 
HETATM 1691 O O   . HOH E 3 .   ? 7.899   7.025   -14.033 1.00 33.67 ? 1098 HOH A O   1 
HETATM 1692 O O   . HOH E 3 .   ? 0.551   4.192   -15.148 1.00 36.48 ? 1099 HOH A O   1 
HETATM 1693 O O   . HOH E 3 .   ? 7.106   -13.886 4.614   1.00 40.01 ? 1100 HOH A O   1 
HETATM 1694 O O   . HOH E 3 .   ? 8.523   -12.508 5.935   1.00 37.72 ? 1101 HOH A O   1 
HETATM 1695 O O   . HOH E 3 .   ? 10.416  -2.759  -7.082  1.00 40.62 ? 1102 HOH A O   1 
HETATM 1696 O O   . HOH E 3 .   ? 9.358   -7.537  13.121  1.00 37.25 ? 1103 HOH A O   1 
HETATM 1697 O O   . HOH E 3 .   ? -8.023  -4.673  20.299  1.00 35.65 ? 1104 HOH A O   1 
HETATM 1698 O O   . HOH E 3 .   ? 9.639   19.587  1.687   1.00 34.45 ? 1105 HOH A O   1 
HETATM 1699 O O   . HOH E 3 .   ? 11.498  16.977  -0.893  1.00 35.09 ? 1106 HOH A O   1 
HETATM 1700 O O   . HOH E 3 .   ? 8.043   17.674  -11.724 1.00 31.57 ? 1107 HOH A O   1 
HETATM 1701 O O   . HOH E 3 .   ? 16.989  1.948   -17.363 1.00 36.18 ? 1108 HOH A O   1 
HETATM 1702 O O   . HOH E 3 .   ? 16.045  4.277   9.281   1.00 26.88 ? 1109 HOH A O   1 
HETATM 1703 O O   . HOH E 3 .   ? 22.673  3.375   -11.844 1.00 31.00 ? 1110 HOH A O   1 
HETATM 1704 O O   . HOH E 3 .   ? 10.714  4.856   14.106  1.00 40.38 ? 1111 HOH A O   1 
HETATM 1705 O O   . HOH E 3 .   ? 23.427  -0.423  -5.065  1.00 35.54 ? 1112 HOH A O   1 
HETATM 1706 O O   . HOH E 3 .   ? 22.911  -2.530  -7.299  1.00 33.49 ? 1113 HOH A O   1 
HETATM 1707 O O   . HOH E 3 .   ? 18.217  11.351  5.675   1.00 30.06 ? 1114 HOH A O   1 
HETATM 1708 O O   . HOH E 3 .   ? -14.960 3.860   10.317  1.00 40.39 ? 1115 HOH A O   1 
HETATM 1709 O O   . HOH E 3 .   ? 14.469  -2.053  13.190  1.00 33.20 ? 1116 HOH A O   1 
HETATM 1710 O O   . HOH E 3 .   ? -9.163  12.202  7.315   1.00 35.19 ? 1117 HOH A O   1 
HETATM 1711 O O   . HOH E 3 .   ? -13.782 11.624  6.768   1.00 32.18 ? 1118 HOH A O   1 
HETATM 1712 O O   . HOH E 3 .   ? 6.534   -1.590  -10.450 1.00 30.28 ? 1119 HOH A O   1 
HETATM 1713 O O   . HOH E 3 .   ? -3.762  -1.156  16.734  1.00 37.75 ? 1120 HOH A O   1 
HETATM 1714 O O   . HOH E 3 .   ? 2.374   -0.414  -14.025 1.00 47.39 ? 1121 HOH A O   1 
HETATM 1715 O O   . HOH E 3 .   ? 10.756  -4.999  -3.690  1.00 33.92 ? 1122 HOH A O   1 
HETATM 1716 O O   . HOH E 3 .   ? 0.463   17.714  -3.772  1.00 39.31 ? 1123 HOH A O   1 
HETATM 1717 O O   . HOH E 3 .   ? 2.995   15.270  -12.129 1.00 40.10 ? 1124 HOH A O   1 
HETATM 1718 O O   . HOH E 3 .   ? 15.714  4.256   -17.803 1.00 37.93 ? 1125 HOH A O   1 
HETATM 1719 O O   . HOH E 3 .   ? 18.654  -7.214  6.601   1.00 39.81 ? 1126 HOH A O   1 
HETATM 1720 O O   . HOH E 3 .   ? 0.089   8.457   14.386  1.00 43.88 ? 1127 HOH A O   1 
HETATM 1721 O O   . HOH E 3 .   ? -16.090 5.414   8.616   1.00 42.24 ? 1128 HOH A O   1 
HETATM 1722 O O   . HOH E 3 .   ? 9.018   2.546   15.012  1.00 36.20 ? 1129 HOH A O   1 
HETATM 1723 O O   . HOH E 3 .   ? 15.320  -7.680  -3.598  1.00 45.90 ? 1130 HOH A O   1 
HETATM 1724 O O   . HOH E 3 .   ? -15.730 10.942  -7.210  1.00 37.49 ? 1131 HOH A O   1 
HETATM 1725 O O   . HOH E 3 .   ? 15.399  14.617  -0.984  1.00 42.13 ? 1132 HOH A O   1 
HETATM 1726 O O   . HOH E 3 .   ? 16.991  16.985  3.496   1.00 46.17 ? 1133 HOH A O   1 
HETATM 1727 O O   . HOH E 3 .   ? 17.881  5.044   -17.603 1.00 38.25 ? 1134 HOH A O   1 
HETATM 1728 O O   . HOH E 3 .   ? -8.676  -1.117  16.657  1.00 35.58 ? 1135 HOH A O   1 
HETATM 1729 O O   . HOH E 3 .   ? 19.928  11.624  3.481   1.00 39.56 ? 1136 HOH A O   1 
HETATM 1730 O O   . HOH E 3 .   ? 17.630  16.089  5.752   1.00 45.07 ? 1137 HOH A O   1 
HETATM 1731 O O   . HOH E 3 .   ? 22.386  6.728   3.649   1.00 36.04 ? 1138 HOH A O   1 
HETATM 1732 O O   . HOH E 3 .   ? 21.856  8.038   1.416   1.00 38.23 ? 1139 HOH A O   1 
HETATM 1733 O O   . HOH E 3 .   ? -2.822  -0.834  -15.174 1.00 28.14 ? 1140 HOH A O   1 
HETATM 1734 O O   . HOH E 3 .   ? -1.825  -3.217  -13.386 1.00 38.40 ? 1141 HOH A O   1 
HETATM 1735 O O   . HOH E 3 .   ? -8.421  16.063  1.332   1.00 34.18 ? 1142 HOH A O   1 
HETATM 1736 O O   . HOH E 3 .   ? -9.359  14.456  3.146   1.00 27.26 ? 1143 HOH A O   1 
HETATM 1737 O O   . HOH E 3 .   ? 12.775  19.229  -6.004  1.00 35.66 ? 1144 HOH A O   1 
HETATM 1738 O O   . HOH E 3 .   ? -2.961  4.073   -15.857 1.00 41.46 ? 1145 HOH A O   1 
HETATM 1739 O O   . HOH E 3 .   ? 4.517   -9.408  1.534   1.00 32.84 ? 1146 HOH A O   1 
HETATM 1740 O O   . HOH E 3 .   ? 4.870   -9.393  4.259   1.00 32.88 ? 1147 HOH A O   1 
HETATM 1741 O O   . HOH E 3 .   ? -11.795 -4.085  -21.859 1.00 33.86 ? 1148 HOH A O   1 
HETATM 1742 O O   . HOH E 3 .   ? -0.197  0.811   17.164  1.00 34.69 ? 1149 HOH A O   1 
HETATM 1743 O O   . HOH E 3 .   ? 13.562  19.737  3.085   1.00 29.95 ? 1150 HOH A O   1 
# 
